data_4M0V
#
_entry.id   4M0V
#
_cell.length_a   62.162
_cell.length_b   69.229
_cell.length_c   95.187
_cell.angle_alpha   72.24
_cell.angle_beta   84.00
_cell.angle_gamma   83.48
#
_symmetry.space_group_name_H-M   'P 1'
#
loop_
_entity.id
_entity.type
_entity.pdbx_description
1 polymer 'Exonuclease subunit SbcD'
2 non-polymer GLYCEROL
3 non-polymer 'MANGANESE (II) ION'
4 water water
#
_entity_poly.entity_id   1
_entity_poly.type   'polypeptide(L)'
_entity_poly.pdbx_seq_one_letter_code
;MSHHHHHHSMDIEFMRILHTSDWHLGQNFYSKSREAEHQAFLDWLLETAQTHQVDAIIVAGDVFDTGSPPSYARTLYNRF
VVNLQQTGCHLVVLAGNHDSVATLNESRDIMAFLNTTVVASAGHAPQILPRRDGTPGAVLCPIPFLRPRDIITSQAGLNG
IEKQQHLLAAITDYYQQHYADACKLRGDQPLPIIATGHLTTVGASKSDAVRDIYIGTLDAFPAQNFPPADYIALGHIHRA
QIIGGMEHVRYCGSPIPLSFDECGKSKYVHLVTFSNGKLESVENLNVPVTQPMAVLKGDLASITAQLEQWRDVSQEPPVW
LDIEITTDEYLHDIQRKIQALTESLPVEVLLVRR
;
_entity_poly.pdbx_strand_id   A,B,C,D
#
loop_
_chem_comp.id
_chem_comp.type
_chem_comp.name
_chem_comp.formula
GOL non-polymer GLYCEROL 'C3 H8 O3'
MN non-polymer 'MANGANESE (II) ION' 'Mn 2'
#
# COMPACT_ATOMS: atom_id res chain seq x y z
N ILE A 12 -24.88 -3.11 29.66
CA ILE A 12 -23.81 -4.03 30.04
C ILE A 12 -23.23 -4.73 28.80
N GLU A 13 -24.03 -4.82 27.74
CA GLU A 13 -23.53 -5.34 26.47
C GLU A 13 -23.25 -4.20 25.50
N PHE A 14 -22.00 -4.08 25.09
CA PHE A 14 -21.61 -3.03 24.16
C PHE A 14 -21.38 -3.58 22.76
N MET A 15 -21.53 -2.72 21.77
CA MET A 15 -21.12 -3.05 20.42
C MET A 15 -20.47 -1.77 19.92
N ARG A 16 -19.26 -1.89 19.38
CA ARG A 16 -18.53 -0.72 18.92
C ARG A 16 -18.18 -0.90 17.46
N ILE A 17 -18.52 0.10 16.64
CA ILE A 17 -18.11 0.05 15.25
C ILE A 17 -17.36 1.32 14.88
N LEU A 18 -16.50 1.21 13.86
CA LEU A 18 -15.85 2.40 13.28
C LEU A 18 -16.49 2.63 11.92
N HIS A 19 -16.87 3.88 11.68
CA HIS A 19 -17.54 4.29 10.46
C HIS A 19 -16.56 5.18 9.67
N THR A 20 -16.20 4.71 8.48
CA THR A 20 -15.31 5.46 7.59
C THR A 20 -15.90 5.28 6.19
N SER A 21 -15.38 6.04 5.22
CA SER A 21 -15.90 5.97 3.85
C SER A 21 -14.97 6.76 2.93
N ASP A 22 -15.18 6.68 1.63
CA ASP A 22 -14.54 7.60 0.69
C ASP A 22 -13.03 7.61 0.80
N TRP A 23 -12.47 6.41 0.81
CA TRP A 23 -11.03 6.25 0.83
C TRP A 23 -10.44 6.69 -0.50
N HIS A 24 -11.10 6.36 -1.60
CA HIS A 24 -10.59 6.65 -2.94
C HIS A 24 -9.16 6.21 -3.11
N LEU A 25 -8.88 4.99 -2.68
CA LEU A 25 -7.56 4.39 -2.90
C LEU A 25 -7.18 4.46 -4.38
N GLY A 26 -5.96 4.88 -4.66
CA GLY A 26 -5.45 4.91 -6.03
C GLY A 26 -5.75 6.22 -6.75
N GLN A 27 -6.25 7.21 -6.01
CA GLN A 27 -6.61 8.49 -6.60
C GLN A 27 -5.38 9.11 -7.23
N ASN A 28 -5.55 9.60 -8.44
CA ASN A 28 -4.51 10.36 -9.13
C ASN A 28 -4.76 11.82 -8.81
N PHE A 29 -3.90 12.38 -7.98
CA PHE A 29 -4.12 13.73 -7.46
C PHE A 29 -3.11 14.69 -8.06
N TYR A 30 -3.46 15.27 -9.21
CA TYR A 30 -2.57 16.18 -9.93
C TYR A 30 -1.21 15.54 -10.22
N SER A 31 -1.27 14.27 -10.63
CA SER A 31 -0.12 13.41 -10.91
C SER A 31 0.58 12.87 -9.64
N LYS A 32 0.10 13.27 -8.47
CA LYS A 32 0.63 12.74 -7.21
C LYS A 32 -0.11 11.48 -6.77
N SER A 33 0.61 10.57 -6.12
CA SER A 33 0.02 9.40 -5.49
C SER A 33 -0.33 9.68 -4.04
N ARG A 34 -1.46 9.14 -3.57
CA ARG A 34 -1.83 9.27 -2.16
C ARG A 34 -1.40 8.03 -1.38
N GLU A 35 -0.57 7.18 -1.98
CA GLU A 35 -0.23 5.90 -1.33
C GLU A 35 0.32 6.07 0.09
N ALA A 36 1.26 6.99 0.27
CA ALA A 36 1.87 7.22 1.56
C ALA A 36 0.82 7.63 2.61
N GLU A 37 -0.03 8.58 2.23
CA GLU A 37 -1.09 9.02 3.12
C GLU A 37 -2.06 7.89 3.47
N HIS A 38 -2.46 7.13 2.46
CA HIS A 38 -3.40 6.02 2.68
C HIS A 38 -2.75 4.93 3.54
N GLN A 39 -1.47 4.66 3.30
CA GLN A 39 -0.74 3.70 4.14
C GLN A 39 -0.73 4.15 5.61
N ALA A 40 -0.41 5.42 5.85
CA ALA A 40 -0.40 5.97 7.21
C ALA A 40 -1.78 5.90 7.82
N PHE A 41 -2.78 6.26 7.04
CA PHE A 41 -4.17 6.18 7.50
C PHE A 41 -4.59 4.77 7.88
N LEU A 42 -4.29 3.81 7.03
CA LEU A 42 -4.73 2.44 7.26
C LEU A 42 -3.99 1.85 8.46
N ASP A 43 -2.71 2.22 8.62
CA ASP A 43 -1.96 1.86 9.81
C ASP A 43 -2.61 2.42 11.09
N TRP A 44 -3.00 3.69 11.04
CA TRP A 44 -3.64 4.35 12.18
C TRP A 44 -5.00 3.71 12.44
N LEU A 45 -5.69 3.31 11.38
CA LEU A 45 -7.01 2.72 11.51
C LEU A 45 -6.89 1.38 12.21
N LEU A 46 -5.84 0.62 11.87
CA LEU A 46 -5.55 -0.64 12.53
C LEU A 46 -5.32 -0.41 14.04
N GLU A 47 -4.47 0.56 14.36
CA GLU A 47 -4.16 0.85 15.76
C GLU A 47 -5.44 1.28 16.51
N THR A 48 -6.29 2.03 15.81
CA THR A 48 -7.49 2.61 16.42
C THR A 48 -8.47 1.51 16.79
N ALA A 49 -8.60 0.55 15.89
CA ALA A 49 -9.50 -0.57 16.08
C ALA A 49 -9.10 -1.35 17.33
N GLN A 50 -7.79 -1.46 17.57
CA GLN A 50 -7.29 -2.15 18.75
C GLN A 50 -7.44 -1.31 20.02
N THR A 51 -7.14 -0.03 19.91
CA THR A 51 -7.25 0.87 21.07
C THR A 51 -8.66 0.86 21.62
N HIS A 52 -9.63 0.86 20.73
CA HIS A 52 -11.03 0.96 21.16
C HIS A 52 -11.76 -0.37 21.16
N GLN A 53 -11.03 -1.46 20.94
CA GLN A 53 -11.62 -2.81 20.91
C GLN A 53 -12.87 -2.87 20.03
N VAL A 54 -12.75 -2.32 18.84
CA VAL A 54 -13.85 -2.21 17.89
C VAL A 54 -14.24 -3.60 17.37
N ASP A 55 -15.54 -3.84 17.29
CA ASP A 55 -16.11 -5.10 16.80
C ASP A 55 -16.20 -5.17 15.28
N ALA A 56 -16.48 -4.04 14.64
CA ALA A 56 -16.54 -4.01 13.19
C ALA A 56 -16.14 -2.65 12.66
N ILE A 57 -15.51 -2.66 11.50
CA ILE A 57 -15.27 -1.44 10.75
C ILE A 57 -16.17 -1.47 9.52
N ILE A 58 -16.90 -0.40 9.30
CA ILE A 58 -17.75 -0.30 8.13
C ILE A 58 -17.16 0.76 7.21
N VAL A 59 -16.92 0.39 5.95
CA VAL A 59 -16.39 1.35 4.95
C VAL A 59 -17.52 1.63 3.97
N ALA A 60 -18.16 2.79 4.13
CA ALA A 60 -19.44 3.09 3.48
C ALA A 60 -19.27 3.65 2.06
N GLY A 61 -18.50 2.94 1.24
CA GLY A 61 -18.46 3.16 -0.19
C GLY A 61 -17.30 4.02 -0.65
N ASP A 62 -16.98 3.88 -1.94
CA ASP A 62 -15.86 4.56 -2.60
C ASP A 62 -14.54 4.12 -1.98
N VAL A 63 -14.34 2.80 -2.01
CA VAL A 63 -13.11 2.20 -1.53
C VAL A 63 -11.99 2.62 -2.47
N PHE A 64 -12.21 2.43 -3.78
CA PHE A 64 -11.24 2.80 -4.80
C PHE A 64 -11.72 4.01 -5.58
N ASP A 65 -10.77 4.81 -6.05
CA ASP A 65 -11.15 5.98 -6.83
C ASP A 65 -11.74 5.60 -8.18
N THR A 66 -11.32 4.46 -8.73
CA THR A 66 -11.88 4.04 -10.03
C THR A 66 -12.20 2.53 -10.03
N GLY A 67 -12.77 2.03 -11.11
CA GLY A 67 -13.06 0.60 -11.24
C GLY A 67 -11.82 -0.21 -11.58
N SER A 68 -10.71 0.46 -11.89
CA SER A 68 -9.50 -0.27 -12.22
C SER A 68 -8.32 0.24 -11.42
N PRO A 69 -8.31 -0.01 -10.11
CA PRO A 69 -7.27 0.57 -9.26
C PRO A 69 -5.90 -0.01 -9.59
N PRO A 70 -4.86 0.81 -9.46
CA PRO A 70 -3.47 0.37 -9.68
C PRO A 70 -3.10 -0.70 -8.67
N SER A 71 -2.09 -1.51 -9.00
CA SER A 71 -1.64 -2.55 -8.10
C SER A 71 -1.34 -2.06 -6.67
N TYR A 72 -0.69 -0.91 -6.50
CA TYR A 72 -0.36 -0.47 -5.14
C TYR A 72 -1.63 -0.21 -4.32
N ALA A 73 -2.70 0.20 -4.99
CA ALA A 73 -3.94 0.45 -4.28
C ALA A 73 -4.62 -0.87 -3.90
N ARG A 74 -4.61 -1.82 -4.82
CA ARG A 74 -5.17 -3.14 -4.52
C ARG A 74 -4.39 -3.74 -3.36
N THR A 75 -3.06 -3.55 -3.38
CA THR A 75 -2.21 -4.04 -2.31
C THR A 75 -2.52 -3.42 -0.95
N LEU A 76 -2.73 -2.10 -0.92
CA LEU A 76 -3.12 -1.40 0.31
C LEU A 76 -4.37 -2.02 0.90
N TYR A 77 -5.36 -2.23 0.05
CA TYR A 77 -6.65 -2.76 0.48
C TYR A 77 -6.50 -4.18 1.03
N ASN A 78 -5.84 -5.04 0.27
CA ASN A 78 -5.62 -6.43 0.69
C ASN A 78 -4.84 -6.54 1.98
N ARG A 79 -3.76 -5.76 2.09
CA ARG A 79 -2.88 -5.83 3.25
C ARG A 79 -3.61 -5.33 4.50
N PHE A 80 -4.51 -4.37 4.31
CA PHE A 80 -5.31 -3.87 5.43
C PHE A 80 -6.17 -4.98 5.96
N VAL A 81 -6.89 -5.67 5.06
CA VAL A 81 -7.77 -6.75 5.48
C VAL A 81 -6.99 -7.87 6.16
N VAL A 82 -5.78 -8.16 5.68
CA VAL A 82 -4.95 -9.17 6.30
C VAL A 82 -4.51 -8.71 7.70
N ASN A 83 -4.06 -7.48 7.81
CA ASN A 83 -3.53 -6.99 9.08
C ASN A 83 -4.63 -6.86 10.12
N LEU A 84 -5.85 -6.63 9.67
CA LEU A 84 -6.98 -6.49 10.59
C LEU A 84 -7.28 -7.82 11.27
N GLN A 85 -6.77 -8.93 10.70
CA GLN A 85 -6.98 -10.26 11.29
C GLN A 85 -6.31 -10.42 12.65
N GLN A 86 -5.30 -9.61 12.92
CA GLN A 86 -4.63 -9.64 14.21
C GLN A 86 -5.51 -9.07 15.31
N THR A 87 -6.66 -8.53 14.94
CA THR A 87 -7.53 -7.87 15.89
C THR A 87 -8.81 -8.65 16.20
N GLY A 88 -9.29 -9.42 15.24
CA GLY A 88 -10.57 -10.11 15.42
C GLY A 88 -11.74 -9.22 15.06
N CYS A 89 -11.43 -7.99 14.69
CA CYS A 89 -12.44 -7.01 14.28
C CYS A 89 -12.95 -7.37 12.89
N HIS A 90 -14.27 -7.34 12.70
CA HIS A 90 -14.87 -7.65 11.41
C HIS A 90 -14.79 -6.44 10.48
N LEU A 91 -14.78 -6.67 9.19
CA LEU A 91 -14.70 -5.59 8.21
C LEU A 91 -15.85 -5.68 7.22
N VAL A 92 -16.59 -4.59 7.06
CA VAL A 92 -17.63 -4.54 6.04
C VAL A 92 -17.25 -3.52 4.98
N VAL A 93 -17.13 -3.96 3.74
CA VAL A 93 -16.70 -3.09 2.65
C VAL A 93 -17.87 -2.93 1.70
N LEU A 94 -18.33 -1.69 1.54
CA LEU A 94 -19.46 -1.41 0.64
C LEU A 94 -19.00 -0.66 -0.60
N ALA A 95 -19.63 -0.94 -1.74
CA ALA A 95 -19.25 -0.19 -2.96
C ALA A 95 -19.84 1.23 -2.97
N GLY A 96 -19.06 2.18 -3.49
CA GLY A 96 -19.59 3.52 -3.74
C GLY A 96 -19.85 3.68 -5.23
N ASN A 97 -20.23 4.88 -5.66
CA ASN A 97 -20.43 5.10 -7.09
C ASN A 97 -19.10 5.09 -7.88
N HIS A 98 -17.97 5.30 -7.20
CA HIS A 98 -16.66 5.25 -7.90
C HIS A 98 -16.18 3.83 -8.13
N ASP A 99 -16.65 2.93 -7.29
CA ASP A 99 -16.20 1.53 -7.38
C ASP A 99 -16.83 0.82 -8.55
N SER A 100 -16.14 -0.21 -9.03
CA SER A 100 -16.73 -1.14 -9.96
C SER A 100 -17.27 -2.29 -9.11
N VAL A 101 -18.49 -2.71 -9.40
CA VAL A 101 -19.08 -3.85 -8.72
C VAL A 101 -18.28 -5.11 -9.03
N ALA A 102 -17.93 -5.31 -10.30
CA ALA A 102 -17.13 -6.48 -10.67
C ALA A 102 -15.78 -6.45 -9.96
N THR A 103 -15.16 -5.27 -9.86
CA THR A 103 -13.86 -5.18 -9.21
C THR A 103 -13.93 -5.57 -7.73
N LEU A 104 -14.91 -5.05 -7.01
CA LEU A 104 -15.03 -5.42 -5.59
C LEU A 104 -15.45 -6.87 -5.45
N ASN A 105 -16.27 -7.37 -6.38
CA ASN A 105 -16.69 -8.77 -6.29
C ASN A 105 -15.61 -9.79 -6.62
N GLU A 106 -14.51 -9.33 -7.21
CA GLU A 106 -13.37 -10.22 -7.50
C GLU A 106 -12.95 -10.97 -6.27
N SER A 107 -12.96 -10.28 -5.14
N SER A 107 -12.97 -10.30 -5.14
CA SER A 107 -12.41 -10.84 -3.92
CA SER A 107 -12.42 -10.87 -3.93
C SER A 107 -13.46 -11.09 -2.84
C SER A 107 -13.47 -11.04 -2.83
N ARG A 108 -14.74 -10.99 -3.21
CA ARG A 108 -15.81 -11.10 -2.22
C ARG A 108 -15.71 -12.44 -1.47
N ASP A 109 -15.62 -13.53 -2.22
CA ASP A 109 -15.66 -14.83 -1.54
C ASP A 109 -14.34 -15.12 -0.82
N ILE A 110 -13.25 -14.62 -1.36
N ILE A 110 -13.24 -14.60 -1.34
CA ILE A 110 -11.95 -14.78 -0.71
CA ILE A 110 -11.97 -14.82 -0.68
C ILE A 110 -11.95 -14.04 0.63
C ILE A 110 -11.86 -14.00 0.61
N MET A 111 -12.46 -12.81 0.61
CA MET A 111 -12.47 -11.95 1.80
C MET A 111 -13.30 -12.57 2.92
N ALA A 112 -14.27 -13.38 2.54
CA ALA A 112 -15.13 -14.03 3.53
C ALA A 112 -14.35 -14.94 4.47
N PHE A 113 -13.20 -15.45 4.02
CA PHE A 113 -12.33 -16.26 4.88
C PHE A 113 -11.54 -15.41 5.85
N LEU A 114 -11.56 -14.10 5.63
CA LEU A 114 -10.81 -13.16 6.47
C LEU A 114 -11.77 -12.21 7.19
N ASN A 115 -12.92 -12.72 7.62
CA ASN A 115 -13.80 -11.92 8.48
C ASN A 115 -14.19 -10.61 7.85
N THR A 116 -14.35 -10.63 6.53
CA THR A 116 -14.64 -9.43 5.75
C THR A 116 -15.81 -9.69 4.85
N THR A 117 -16.80 -8.81 4.92
CA THR A 117 -18.00 -8.92 4.12
C THR A 117 -17.98 -7.82 3.07
N VAL A 118 -17.86 -8.23 1.81
CA VAL A 118 -17.79 -7.27 0.70
C VAL A 118 -19.17 -7.24 0.07
N VAL A 119 -19.78 -6.06 0.10
CA VAL A 119 -21.11 -5.87 -0.46
C VAL A 119 -21.10 -4.80 -1.55
N ALA A 120 -21.17 -5.23 -2.79
CA ALA A 120 -20.97 -4.32 -3.91
C ALA A 120 -22.27 -4.01 -4.62
N SER A 121 -23.19 -4.96 -4.63
CA SER A 121 -24.44 -4.75 -5.35
C SER A 121 -25.64 -4.72 -4.41
N ALA A 122 -26.74 -4.16 -4.89
CA ALA A 122 -27.96 -4.10 -4.12
C ALA A 122 -28.50 -5.51 -3.86
N GLY A 123 -29.21 -5.69 -2.77
CA GLY A 123 -29.94 -6.93 -2.59
C GLY A 123 -29.40 -7.85 -1.52
N HIS A 124 -28.29 -7.46 -0.90
CA HIS A 124 -27.74 -8.24 0.19
C HIS A 124 -28.70 -8.23 1.39
N ALA A 125 -28.98 -9.42 1.91
CA ALA A 125 -29.84 -9.54 3.08
C ALA A 125 -29.17 -8.93 4.32
N PRO A 126 -29.98 -8.45 5.27
CA PRO A 126 -29.42 -8.02 6.55
C PRO A 126 -28.64 -9.14 7.20
N GLN A 127 -27.64 -8.80 8.00
CA GLN A 127 -26.82 -9.83 8.60
C GLN A 127 -26.41 -9.46 10.01
N ILE A 128 -26.26 -10.49 10.85
CA ILE A 128 -25.80 -10.32 12.21
C ILE A 128 -24.31 -10.01 12.22
N LEU A 129 -23.96 -8.87 12.81
CA LEU A 129 -22.56 -8.53 13.04
C LEU A 129 -22.20 -9.06 14.40
N PRO A 130 -21.17 -9.91 14.47
CA PRO A 130 -20.86 -10.45 15.79
C PRO A 130 -20.01 -9.48 16.59
N ARG A 131 -20.05 -9.62 17.91
CA ARG A 131 -19.04 -9.04 18.76
C ARG A 131 -17.78 -9.86 18.51
N ARG A 132 -16.65 -9.40 19.01
CA ARG A 132 -15.42 -10.16 18.82
C ARG A 132 -15.52 -11.58 19.36
N ASP A 133 -16.28 -11.77 20.43
CA ASP A 133 -16.44 -13.09 21.04
C ASP A 133 -17.43 -14.00 20.31
N GLY A 134 -17.90 -13.54 19.15
CA GLY A 134 -18.74 -14.35 18.29
C GLY A 134 -20.24 -14.17 18.46
N THR A 135 -20.66 -13.62 19.59
CA THR A 135 -22.08 -13.46 19.90
C THR A 135 -22.71 -12.31 19.10
N PRO A 136 -24.04 -12.37 18.89
CA PRO A 136 -24.69 -11.30 18.12
C PRO A 136 -24.51 -9.92 18.74
N GLY A 137 -24.01 -9.00 17.93
CA GLY A 137 -23.77 -7.62 18.39
C GLY A 137 -24.67 -6.58 17.77
N ALA A 138 -24.96 -6.71 16.48
CA ALA A 138 -25.89 -5.78 15.83
C ALA A 138 -26.49 -6.48 14.64
N VAL A 139 -27.57 -5.93 14.10
CA VAL A 139 -28.05 -6.37 12.81
C VAL A 139 -27.70 -5.27 11.81
N LEU A 140 -27.02 -5.66 10.75
CA LEU A 140 -26.57 -4.70 9.76
C LEU A 140 -27.39 -4.87 8.48
N CYS A 141 -27.86 -3.75 7.93
CA CYS A 141 -28.40 -3.71 6.58
C CYS A 141 -27.28 -3.17 5.69
N PRO A 142 -26.58 -4.06 4.97
CA PRO A 142 -25.41 -3.68 4.16
C PRO A 142 -25.89 -3.13 2.83
N ILE A 143 -25.98 -1.81 2.76
CA ILE A 143 -26.52 -1.17 1.59
C ILE A 143 -25.45 -0.28 0.98
N PRO A 144 -24.99 -0.64 -0.22
CA PRO A 144 -23.96 0.14 -0.92
C PRO A 144 -24.64 1.19 -1.76
N PHE A 145 -23.85 1.89 -2.57
CA PHE A 145 -24.40 2.74 -3.59
C PHE A 145 -25.36 1.89 -4.41
N LEU A 146 -26.57 2.39 -4.57
CA LEU A 146 -27.61 1.66 -5.28
C LEU A 146 -27.66 2.11 -6.71
N ARG A 147 -27.23 1.24 -7.63
N ARG A 147 -27.23 1.23 -7.62
CA ARG A 147 -27.36 1.55 -9.05
CA ARG A 147 -27.38 1.51 -9.04
C ARG A 147 -28.84 1.45 -9.42
C ARG A 147 -28.86 1.46 -9.39
N PRO A 148 -29.37 2.50 -10.06
CA PRO A 148 -30.78 2.57 -10.47
C PRO A 148 -31.25 1.31 -11.20
N ARG A 149 -30.45 0.80 -12.13
CA ARG A 149 -30.78 -0.44 -12.84
C ARG A 149 -31.06 -1.61 -11.90
N ASP A 150 -30.44 -1.61 -10.73
CA ASP A 150 -30.54 -2.71 -9.79
C ASP A 150 -31.77 -2.62 -8.90
N ILE A 151 -32.40 -1.45 -8.84
CA ILE A 151 -33.54 -1.27 -7.94
C ILE A 151 -34.83 -0.78 -8.62
N ILE A 152 -34.70 -0.12 -9.77
CA ILE A 152 -35.85 0.41 -10.51
C ILE A 152 -36.73 -0.69 -11.10
N THR A 153 -38.05 -0.53 -10.96
CA THR A 153 -38.99 -1.51 -11.49
C THR A 153 -39.65 -1.06 -12.80
N SER A 154 -39.44 -1.86 -13.84
CA SER A 154 -40.18 -1.76 -15.10
C SER A 154 -40.00 -0.45 -15.89
N GLN A 155 -38.89 0.24 -15.66
CA GLN A 155 -38.56 1.45 -16.41
C GLN A 155 -39.67 2.50 -16.37
N GLU A 162 -42.63 10.87 -14.10
CA GLU A 162 -41.63 11.38 -13.17
C GLU A 162 -40.59 10.32 -12.83
N LYS A 163 -39.49 10.31 -13.59
CA LYS A 163 -38.40 9.38 -13.35
C LYS A 163 -37.71 9.76 -12.05
N GLN A 164 -37.77 11.05 -11.70
CA GLN A 164 -37.21 11.54 -10.45
C GLN A 164 -37.94 10.93 -9.26
N GLN A 165 -39.27 10.93 -9.35
CA GLN A 165 -40.11 10.40 -8.28
C GLN A 165 -39.97 8.89 -8.17
N HIS A 166 -39.76 8.22 -9.30
CA HIS A 166 -39.63 6.77 -9.32
C HIS A 166 -38.39 6.32 -8.52
N LEU A 167 -37.25 6.95 -8.78
CA LEU A 167 -36.01 6.58 -8.12
C LEU A 167 -36.03 6.85 -6.62
N LEU A 168 -36.57 8.00 -6.23
CA LEU A 168 -36.70 8.30 -4.80
C LEU A 168 -37.57 7.25 -4.10
N ALA A 169 -38.69 6.90 -4.72
CA ALA A 169 -39.59 5.90 -4.16
C ALA A 169 -38.91 4.52 -4.12
N ALA A 170 -38.18 4.19 -5.17
CA ALA A 170 -37.45 2.92 -5.24
C ALA A 170 -36.41 2.79 -4.11
N ILE A 171 -35.67 3.86 -3.85
CA ILE A 171 -34.67 3.82 -2.79
C ILE A 171 -35.36 3.74 -1.44
N THR A 172 -36.42 4.53 -1.27
CA THR A 172 -37.15 4.55 -0.01
C THR A 172 -37.71 3.18 0.32
N ASP A 173 -38.35 2.56 -0.67
CA ASP A 173 -38.90 1.21 -0.54
C ASP A 173 -37.81 0.18 -0.27
N TYR A 174 -36.67 0.33 -0.93
CA TYR A 174 -35.55 -0.58 -0.68
C TYR A 174 -35.17 -0.55 0.81
N TYR A 175 -35.03 0.65 1.36
CA TYR A 175 -34.68 0.76 2.77
C TYR A 175 -35.76 0.19 3.68
N GLN A 176 -37.02 0.38 3.30
CA GLN A 176 -38.12 -0.13 4.09
C GLN A 176 -38.14 -1.66 4.11
N GLN A 177 -37.92 -2.26 2.94
CA GLN A 177 -37.92 -3.73 2.85
C GLN A 177 -36.78 -4.31 3.68
N HIS A 178 -35.62 -3.69 3.58
CA HIS A 178 -34.46 -4.22 4.27
C HIS A 178 -34.50 -3.94 5.76
N TYR A 179 -35.08 -2.81 6.14
CA TYR A 179 -35.30 -2.55 7.56
C TYR A 179 -36.29 -3.58 8.14
N ALA A 180 -37.33 -3.90 7.37
CA ALA A 180 -38.30 -4.88 7.83
C ALA A 180 -37.64 -6.25 8.02
N ASP A 181 -36.80 -6.64 7.06
CA ASP A 181 -36.06 -7.90 7.17
C ASP A 181 -35.12 -7.88 8.37
N ALA A 182 -34.52 -6.72 8.64
CA ALA A 182 -33.59 -6.60 9.75
C ALA A 182 -34.32 -6.79 11.06
N CYS A 183 -35.51 -6.21 11.17
CA CYS A 183 -36.31 -6.36 12.37
C CYS A 183 -36.72 -7.81 12.60
N LYS A 184 -37.05 -8.50 11.52
CA LYS A 184 -37.43 -9.91 11.59
C LYS A 184 -36.24 -10.76 12.02
N LEU A 185 -35.09 -10.54 11.38
CA LEU A 185 -33.85 -11.24 11.70
C LEU A 185 -33.49 -11.03 13.18
N ARG A 186 -33.63 -9.80 13.67
CA ARG A 186 -33.35 -9.52 15.06
C ARG A 186 -34.27 -10.27 16.02
N GLY A 187 -35.53 -10.43 15.64
CA GLY A 187 -36.50 -11.08 16.49
C GLY A 187 -36.63 -10.34 17.81
N ASP A 188 -36.45 -11.07 18.91
CA ASP A 188 -36.63 -10.52 20.25
C ASP A 188 -35.34 -9.93 20.83
N GLN A 189 -34.23 -10.19 20.15
CA GLN A 189 -32.91 -9.81 20.67
C GLN A 189 -32.75 -8.31 20.83
N PRO A 190 -32.12 -7.89 21.94
CA PRO A 190 -31.87 -6.47 22.20
C PRO A 190 -30.67 -5.96 21.39
N LEU A 191 -30.76 -6.04 20.07
CA LEU A 191 -29.66 -5.64 19.19
C LEU A 191 -29.95 -4.33 18.47
N PRO A 192 -28.93 -3.47 18.34
CA PRO A 192 -29.17 -2.30 17.48
C PRO A 192 -29.23 -2.68 16.01
N ILE A 193 -30.02 -1.94 15.24
CA ILE A 193 -30.01 -2.08 13.79
C ILE A 193 -29.20 -0.95 13.17
N ILE A 194 -28.25 -1.31 12.33
CA ILE A 194 -27.40 -0.33 11.66
C ILE A 194 -27.67 -0.44 10.17
N ALA A 195 -27.94 0.68 9.50
CA ALA A 195 -28.07 0.66 8.06
C ALA A 195 -26.93 1.50 7.49
N THR A 196 -26.55 1.26 6.25
CA THR A 196 -25.53 2.09 5.61
C THR A 196 -26.12 2.72 4.37
N GLY A 197 -25.31 3.49 3.66
CA GLY A 197 -25.79 4.06 2.42
C GLY A 197 -24.65 4.83 1.78
N HIS A 198 -24.83 5.12 0.51
CA HIS A 198 -23.83 5.90 -0.22
C HIS A 198 -24.58 6.76 -1.22
N LEU A 199 -24.87 7.99 -0.81
CA LEU A 199 -25.61 8.89 -1.66
C LEU A 199 -25.51 10.30 -1.10
N THR A 200 -26.20 11.22 -1.74
CA THR A 200 -26.23 12.60 -1.28
C THR A 200 -27.60 12.90 -0.67
N THR A 201 -27.61 13.36 0.58
CA THR A 201 -28.86 13.69 1.25
C THR A 201 -29.21 15.16 1.05
N VAL A 202 -30.49 15.49 1.12
CA VAL A 202 -30.93 16.88 1.07
C VAL A 202 -30.26 17.67 2.18
N GLY A 203 -29.67 18.80 1.83
CA GLY A 203 -29.06 19.67 2.83
C GLY A 203 -27.59 19.40 3.04
N ALA A 204 -27.09 18.30 2.47
CA ALA A 204 -25.68 17.94 2.61
C ALA A 204 -24.78 19.05 2.08
N SER A 205 -23.66 19.27 2.76
CA SER A 205 -22.68 20.24 2.28
C SER A 205 -21.60 19.47 1.53
N LYS A 206 -21.39 19.83 0.27
CA LYS A 206 -20.50 19.05 -0.60
C LYS A 206 -19.17 19.75 -0.91
N SER A 207 -18.23 18.97 -1.43
CA SER A 207 -16.91 19.46 -1.82
C SER A 207 -16.71 19.29 -3.32
N ASP A 208 -15.60 19.80 -3.82
CA ASP A 208 -15.29 19.72 -5.26
C ASP A 208 -15.17 18.26 -5.71
N ALA A 209 -14.56 17.43 -4.86
CA ALA A 209 -14.30 16.04 -5.24
C ALA A 209 -15.53 15.15 -5.12
N VAL A 210 -16.66 15.72 -4.69
CA VAL A 210 -17.89 14.94 -4.62
C VAL A 210 -18.65 15.00 -5.96
N ARG A 211 -18.54 13.93 -6.72
CA ARG A 211 -19.16 13.80 -8.05
C ARG A 211 -20.69 13.65 -7.96
N ASP A 212 -21.39 14.33 -8.86
CA ASP A 212 -22.84 14.20 -8.93
C ASP A 212 -23.23 12.76 -9.24
N ILE A 213 -24.27 12.27 -8.57
CA ILE A 213 -24.81 10.94 -8.83
C ILE A 213 -26.29 11.07 -9.12
N TYR A 214 -26.85 10.05 -9.78
CA TYR A 214 -28.26 10.04 -10.16
C TYR A 214 -28.54 11.28 -10.99
N ILE A 215 -27.58 11.63 -11.84
CA ILE A 215 -27.68 12.85 -12.65
C ILE A 215 -28.96 12.86 -13.47
N GLY A 216 -29.88 13.73 -13.07
CA GLY A 216 -31.14 13.89 -13.77
C GLY A 216 -32.28 13.06 -13.20
N THR A 217 -31.97 12.23 -12.21
CA THR A 217 -32.97 11.30 -11.66
C THR A 217 -33.25 11.49 -10.16
N LEU A 218 -32.28 12.02 -9.43
CA LEU A 218 -32.48 12.33 -8.01
C LEU A 218 -31.49 13.39 -7.54
N ASP A 219 -31.97 14.61 -7.35
CA ASP A 219 -31.11 15.70 -6.91
C ASP A 219 -30.47 15.34 -5.57
N ALA A 220 -31.29 14.88 -4.62
CA ALA A 220 -30.81 14.46 -3.32
C ALA A 220 -31.88 13.67 -2.57
N PHE A 221 -31.44 12.86 -1.62
CA PHE A 221 -32.34 11.98 -0.87
C PHE A 221 -32.75 12.62 0.45
N PRO A 222 -34.06 12.73 0.72
CA PRO A 222 -34.46 13.32 1.99
C PRO A 222 -34.22 12.34 3.12
N ALA A 223 -33.43 12.73 4.10
CA ALA A 223 -33.05 11.83 5.19
C ALA A 223 -34.24 11.40 6.06
N GLN A 224 -35.33 12.16 6.02
CA GLN A 224 -36.55 11.76 6.73
C GLN A 224 -37.13 10.45 6.19
N ASN A 225 -36.71 10.07 4.97
CA ASN A 225 -37.17 8.83 4.32
C ASN A 225 -36.40 7.58 4.75
N PHE A 226 -35.31 7.76 5.49
CA PHE A 226 -34.57 6.63 6.02
C PHE A 226 -35.41 5.97 7.10
N PRO A 227 -35.35 4.64 7.19
CA PRO A 227 -36.04 3.91 8.25
C PRO A 227 -35.37 4.17 9.61
N PRO A 228 -36.06 3.84 10.71
CA PRO A 228 -35.53 4.27 12.01
C PRO A 228 -34.48 3.29 12.59
N ALA A 229 -33.41 3.08 11.84
CA ALA A 229 -32.27 2.35 12.33
C ALA A 229 -31.67 3.13 13.51
N ASP A 230 -30.95 2.43 14.37
CA ASP A 230 -30.25 3.07 15.49
C ASP A 230 -29.03 3.88 15.03
N TYR A 231 -28.52 3.53 13.85
CA TYR A 231 -27.46 4.32 13.24
C TYR A 231 -27.51 4.14 11.74
N ILE A 232 -27.27 5.24 11.04
CA ILE A 232 -27.19 5.20 9.59
C ILE A 232 -25.83 5.72 9.16
N ALA A 233 -25.01 4.81 8.65
CA ALA A 233 -23.65 5.13 8.30
C ALA A 233 -23.56 5.41 6.80
N LEU A 234 -23.42 6.67 6.43
CA LEU A 234 -23.40 7.06 5.03
C LEU A 234 -22.00 7.38 4.56
N GLY A 235 -21.81 7.25 3.25
CA GLY A 235 -20.61 7.73 2.57
C GLY A 235 -21.08 8.51 1.36
N HIS A 236 -20.10 9.13 0.68
CA HIS A 236 -20.18 9.87 -0.61
C HIS A 236 -19.77 11.32 -0.42
N ILE A 237 -20.23 11.90 0.68
CA ILE A 237 -19.90 13.28 1.01
C ILE A 237 -18.61 13.27 1.82
N HIS A 238 -17.67 14.16 1.50
CA HIS A 238 -16.33 14.07 2.07
C HIS A 238 -16.13 14.81 3.38
N ARG A 239 -17.10 15.65 3.75
CA ARG A 239 -17.04 16.43 4.97
C ARG A 239 -17.96 15.78 6.00
N ALA A 240 -17.41 15.38 7.14
CA ALA A 240 -18.21 14.76 8.20
C ALA A 240 -19.29 15.73 8.64
N GLN A 241 -20.51 15.23 8.78
CA GLN A 241 -21.61 16.08 9.23
C GLN A 241 -22.78 15.24 9.66
N ILE A 242 -23.58 15.83 10.54
CA ILE A 242 -24.83 15.24 11.01
C ILE A 242 -25.89 15.62 9.99
N ILE A 243 -26.80 14.70 9.72
CA ILE A 243 -27.78 14.88 8.66
C ILE A 243 -29.19 15.08 9.19
N GLY A 244 -29.86 16.11 8.70
CA GLY A 244 -31.23 16.39 9.08
C GLY A 244 -31.42 16.59 10.57
N GLY A 245 -30.37 17.06 11.23
CA GLY A 245 -30.39 17.28 12.67
C GLY A 245 -30.51 16.01 13.50
N MET A 246 -30.25 14.86 12.88
CA MET A 246 -30.29 13.57 13.57
C MET A 246 -28.89 13.05 13.86
N GLU A 247 -28.53 12.97 15.13
CA GLU A 247 -27.18 12.55 15.49
C GLU A 247 -26.85 11.12 15.07
N HIS A 248 -27.87 10.34 14.76
CA HIS A 248 -27.66 8.94 14.40
C HIS A 248 -27.55 8.74 12.89
N VAL A 249 -27.67 9.83 12.14
CA VAL A 249 -27.52 9.76 10.69
C VAL A 249 -26.35 10.65 10.30
N ARG A 250 -25.25 10.03 9.86
CA ARG A 250 -24.00 10.76 9.66
C ARG A 250 -23.21 10.40 8.42
N TYR A 251 -22.55 11.41 7.83
CA TYR A 251 -21.40 11.15 6.97
C TYR A 251 -20.16 11.24 7.86
N CYS A 252 -19.24 10.28 7.72
CA CYS A 252 -17.97 10.37 8.43
C CYS A 252 -16.98 11.24 7.67
N GLY A 253 -17.22 11.43 6.38
CA GLY A 253 -16.33 12.20 5.53
C GLY A 253 -15.13 11.35 5.11
N SER A 254 -14.32 11.83 4.17
CA SER A 254 -13.15 11.05 3.74
C SER A 254 -12.05 11.11 4.80
N PRO A 255 -11.20 10.09 4.86
CA PRO A 255 -10.16 10.07 5.89
C PRO A 255 -8.93 10.93 5.59
N ILE A 256 -8.68 11.21 4.32
CA ILE A 256 -7.62 12.13 3.93
C ILE A 256 -8.26 13.16 3.00
N PRO A 257 -7.63 14.33 2.86
CA PRO A 257 -8.24 15.33 1.97
C PRO A 257 -8.15 14.90 0.52
N LEU A 258 -9.30 14.89 -0.18
CA LEU A 258 -9.34 14.43 -1.57
C LEU A 258 -9.37 15.58 -2.56
N SER A 259 -9.53 16.79 -2.04
CA SER A 259 -9.40 17.99 -2.87
C SER A 259 -8.89 19.15 -2.03
N PHE A 260 -8.30 20.14 -2.69
CA PHE A 260 -7.71 21.27 -1.98
C PHE A 260 -8.70 22.03 -1.11
N ASP A 261 -9.97 21.97 -1.46
CA ASP A 261 -10.99 22.72 -0.72
C ASP A 261 -11.32 22.09 0.63
N GLU A 262 -10.80 20.89 0.88
CA GLU A 262 -10.97 20.23 2.18
C GLU A 262 -9.71 20.31 3.04
N CYS A 263 -8.60 20.79 2.48
CA CYS A 263 -7.38 20.88 3.27
C CYS A 263 -7.56 21.96 4.34
N GLY A 264 -6.88 21.80 5.46
CA GLY A 264 -7.08 22.67 6.60
C GLY A 264 -8.27 22.29 7.45
N LYS A 265 -9.15 21.45 6.91
CA LYS A 265 -10.34 21.02 7.63
C LYS A 265 -10.14 19.63 8.23
N SER A 266 -10.77 19.38 9.37
CA SER A 266 -10.52 18.14 10.10
C SER A 266 -11.01 16.89 9.39
N LYS A 267 -10.28 15.80 9.54
N LYS A 267 -10.28 15.79 9.56
CA LYS A 267 -10.66 14.51 8.95
CA LYS A 267 -10.63 14.51 8.97
C LYS A 267 -10.96 13.53 10.07
C LYS A 267 -10.97 13.54 10.09
N TYR A 268 -12.04 12.76 9.89
CA TYR A 268 -12.54 11.89 10.96
C TYR A 268 -12.85 10.50 10.50
N VAL A 269 -12.84 9.57 11.46
CA VAL A 269 -13.65 8.36 11.38
C VAL A 269 -14.49 8.38 12.64
N HIS A 270 -15.68 7.79 12.60
CA HIS A 270 -16.56 7.84 13.77
C HIS A 270 -16.42 6.56 14.58
N LEU A 271 -16.24 6.70 15.89
CA LEU A 271 -16.38 5.59 16.81
C LEU A 271 -17.82 5.58 17.35
N VAL A 272 -18.57 4.55 16.98
CA VAL A 272 -19.99 4.48 17.31
C VAL A 272 -20.22 3.34 18.29
N THR A 273 -20.73 3.69 19.47
CA THR A 273 -20.94 2.72 20.54
C THR A 273 -22.43 2.53 20.80
N PHE A 274 -22.83 1.27 20.88
CA PHE A 274 -24.21 0.91 21.23
C PHE A 274 -24.19 0.24 22.58
N SER A 275 -25.22 0.51 23.39
CA SER A 275 -25.35 -0.08 24.72
C SER A 275 -26.79 -0.57 24.86
N ASN A 276 -26.96 -1.82 25.30
CA ASN A 276 -28.28 -2.43 25.47
C ASN A 276 -29.23 -2.24 24.28
N GLY A 277 -28.68 -2.36 23.07
CA GLY A 277 -29.47 -2.36 21.87
C GLY A 277 -29.78 -0.99 21.30
N LYS A 278 -29.18 0.04 21.88
CA LYS A 278 -29.44 1.38 21.37
C LYS A 278 -28.16 2.19 21.25
N LEU A 279 -28.21 3.22 20.43
CA LEU A 279 -27.08 4.11 20.23
C LEU A 279 -26.70 4.81 21.51
N GLU A 280 -25.43 4.70 21.92
CA GLU A 280 -25.00 5.36 23.14
C GLU A 280 -24.21 6.63 22.87
N SER A 281 -23.29 6.55 21.91
CA SER A 281 -22.42 7.68 21.60
C SER A 281 -21.79 7.58 20.22
N VAL A 282 -21.55 8.75 19.64
CA VAL A 282 -20.78 8.86 18.42
C VAL A 282 -19.61 9.78 18.72
N GLU A 283 -18.40 9.25 18.64
N GLU A 283 -18.40 9.25 18.65
CA GLU A 283 -17.20 10.03 18.90
CA GLU A 283 -17.20 10.03 18.90
C GLU A 283 -16.48 10.31 17.58
C GLU A 283 -16.48 10.30 17.58
N ASN A 284 -15.92 11.50 17.44
CA ASN A 284 -15.18 11.84 16.23
C ASN A 284 -13.69 11.67 16.46
N LEU A 285 -13.11 10.65 15.85
CA LEU A 285 -11.68 10.39 15.96
C LEU A 285 -10.91 11.12 14.87
N ASN A 286 -10.03 12.03 15.27
CA ASN A 286 -9.23 12.78 14.31
C ASN A 286 -8.19 11.90 13.62
N VAL A 287 -8.26 11.86 12.30
CA VAL A 287 -7.26 11.13 11.53
C VAL A 287 -6.05 12.05 11.33
N PRO A 288 -4.86 11.58 11.76
CA PRO A 288 -3.66 12.42 11.66
C PRO A 288 -3.44 12.81 10.21
N VAL A 289 -3.08 14.07 9.97
CA VAL A 289 -2.84 14.50 8.59
C VAL A 289 -1.35 14.44 8.32
N THR A 290 -0.96 13.67 7.30
CA THR A 290 0.46 13.40 7.10
C THR A 290 1.10 14.07 5.89
N GLN A 291 0.29 14.67 5.04
CA GLN A 291 0.81 15.37 3.87
C GLN A 291 0.33 16.81 3.87
N PRO A 292 1.23 17.75 4.17
CA PRO A 292 0.84 19.16 4.25
C PRO A 292 0.34 19.68 2.90
N MET A 293 -0.78 20.38 2.92
CA MET A 293 -1.35 20.98 1.73
C MET A 293 -1.70 22.44 2.02
N ALA A 294 -1.78 23.26 0.98
CA ALA A 294 -2.15 24.66 1.17
C ALA A 294 -2.69 25.31 -0.12
N VAL A 295 -3.66 26.20 0.07
CA VAL A 295 -4.23 26.96 -1.03
C VAL A 295 -3.82 28.42 -0.87
N LEU A 296 -3.28 29.00 -1.93
CA LEU A 296 -2.90 30.41 -1.88
C LEU A 296 -3.85 31.26 -2.70
N LYS A 297 -4.12 32.47 -2.21
CA LYS A 297 -5.02 33.39 -2.90
C LYS A 297 -4.52 34.84 -2.81
N GLY A 298 -4.35 35.49 -3.96
CA GLY A 298 -3.91 36.87 -3.97
C GLY A 298 -3.26 37.36 -5.26
N ASP A 299 -2.12 38.04 -5.12
CA ASP A 299 -1.36 38.55 -6.24
C ASP A 299 0.06 37.99 -6.21
N LEU A 300 0.88 38.36 -7.19
CA LEU A 300 2.26 37.88 -7.25
C LEU A 300 3.01 38.20 -5.96
N ALA A 301 2.79 39.39 -5.43
CA ALA A 301 3.44 39.81 -4.19
C ALA A 301 2.78 39.17 -2.99
N SER A 302 1.45 39.08 -3.01
CA SER A 302 0.72 38.38 -1.96
C SER A 302 1.21 36.95 -1.85
N ILE A 303 1.25 36.26 -2.99
CA ILE A 303 1.76 34.89 -3.05
C ILE A 303 3.23 34.82 -2.63
N THR A 304 4.05 35.77 -3.08
CA THR A 304 5.47 35.81 -2.74
C THR A 304 5.65 35.99 -1.23
N ALA A 305 4.80 36.79 -0.62
CA ALA A 305 4.82 36.96 0.83
C ALA A 305 4.35 35.68 1.48
N GLN A 306 3.29 35.10 0.93
CA GLN A 306 2.69 33.88 1.46
C GLN A 306 3.65 32.69 1.37
N LEU A 307 4.51 32.69 0.34
CA LEU A 307 5.40 31.57 0.08
C LEU A 307 6.57 31.44 1.06
N GLU A 308 6.49 32.16 2.18
CA GLU A 308 7.54 32.09 3.20
C GLU A 308 7.69 30.69 3.79
N GLN A 309 8.65 30.51 4.68
CA GLN A 309 8.90 29.21 5.29
C GLN A 309 8.01 28.99 6.50
N GLN A 315 10.01 20.93 7.85
CA GLN A 315 8.95 20.08 7.34
C GLN A 315 9.48 19.09 6.32
N GLU A 316 9.55 17.82 6.70
CA GLU A 316 10.10 16.79 5.82
C GLU A 316 9.21 16.49 4.61
N PRO A 317 7.92 16.12 4.84
CA PRO A 317 7.08 16.01 3.64
C PRO A 317 6.71 17.40 3.15
N PRO A 318 7.15 17.76 1.93
CA PRO A 318 6.96 19.10 1.37
C PRO A 318 5.49 19.41 1.08
N VAL A 319 5.04 20.61 1.42
CA VAL A 319 3.63 20.98 1.26
C VAL A 319 3.21 21.10 -0.22
N TRP A 320 2.03 20.58 -0.51
CA TRP A 320 1.45 20.64 -1.84
C TRP A 320 0.61 21.90 -1.99
N LEU A 321 0.83 22.65 -3.06
CA LEU A 321 0.20 23.96 -3.21
C LEU A 321 -0.81 24.09 -4.35
N ASP A 322 -1.88 24.83 -4.07
CA ASP A 322 -2.87 25.23 -5.06
C ASP A 322 -2.90 26.76 -5.11
N ILE A 323 -2.48 27.34 -6.24
CA ILE A 323 -2.38 28.79 -6.37
C ILE A 323 -3.60 29.36 -7.10
N GLU A 324 -4.48 30.01 -6.36
CA GLU A 324 -5.77 30.45 -6.88
C GLU A 324 -5.89 31.96 -6.70
N ILE A 325 -6.59 32.64 -7.61
CA ILE A 325 -6.86 34.07 -7.46
C ILE A 325 -7.81 34.63 -8.51
N THR A 326 -7.89 35.95 -8.55
CA THR A 326 -8.37 36.72 -9.68
C THR A 326 -7.24 36.77 -10.70
N THR A 327 -7.58 36.92 -11.97
CA THR A 327 -6.60 36.83 -13.05
C THR A 327 -5.62 38.01 -13.06
N ASP A 328 -4.41 37.74 -13.55
CA ASP A 328 -3.39 38.76 -13.70
C ASP A 328 -3.31 39.18 -15.17
N GLU A 329 -3.15 38.19 -16.03
CA GLU A 329 -3.18 38.40 -17.48
C GLU A 329 -3.27 36.96 -17.98
N TYR A 330 -2.96 36.75 -19.25
CA TYR A 330 -3.27 35.51 -19.95
C TYR A 330 -3.00 34.31 -19.03
N LEU A 331 -3.97 33.41 -18.96
CA LEU A 331 -3.90 32.25 -18.09
C LEU A 331 -2.63 31.42 -18.31
N HIS A 332 -2.12 31.44 -19.55
CA HIS A 332 -0.89 30.76 -19.88
C HIS A 332 0.32 31.55 -19.39
N ASP A 333 0.22 32.88 -19.41
CA ASP A 333 1.30 33.75 -18.96
C ASP A 333 1.48 33.69 -17.44
N ILE A 334 0.37 33.63 -16.72
CA ILE A 334 0.39 33.47 -15.27
C ILE A 334 1.15 32.20 -14.88
N GLN A 335 0.99 31.15 -15.68
CA GLN A 335 1.68 29.88 -15.47
C GLN A 335 3.18 30.08 -15.36
N ARG A 336 3.78 30.61 -16.43
CA ARG A 336 5.22 30.83 -16.47
C ARG A 336 5.66 31.85 -15.41
N LYS A 337 4.79 32.80 -15.11
CA LYS A 337 5.08 33.78 -14.07
C LYS A 337 5.25 33.08 -12.71
N ILE A 338 4.25 32.28 -12.32
CA ILE A 338 4.30 31.59 -11.05
C ILE A 338 5.35 30.49 -11.05
N GLN A 339 5.52 29.84 -12.21
CA GLN A 339 6.50 28.78 -12.37
C GLN A 339 7.93 29.33 -12.19
N ALA A 340 8.06 30.64 -12.33
CA ALA A 340 9.33 31.31 -12.07
C ALA A 340 9.41 31.72 -10.59
N LEU A 341 8.30 32.20 -10.04
CA LEU A 341 8.25 32.62 -8.65
C LEU A 341 8.46 31.41 -7.73
N THR A 342 8.08 30.24 -8.21
CA THR A 342 8.35 29.00 -7.50
C THR A 342 9.52 28.28 -8.17
N GLU A 343 10.62 28.16 -7.45
CA GLU A 343 11.82 27.48 -7.93
C GLU A 343 12.85 27.38 -6.81
N SER A 344 13.38 26.19 -6.60
CA SER A 344 14.38 25.97 -5.56
C SER A 344 13.76 26.00 -4.18
N LEU A 345 12.44 26.19 -4.14
CA LEU A 345 11.71 26.24 -2.87
C LEU A 345 11.46 24.84 -2.32
N PRO A 346 11.30 24.74 -1.01
CA PRO A 346 11.06 23.46 -0.35
C PRO A 346 9.58 23.08 -0.39
N VAL A 347 9.03 22.95 -1.58
CA VAL A 347 7.62 22.60 -1.75
C VAL A 347 7.26 22.42 -3.22
N GLU A 348 6.06 21.92 -3.48
CA GLU A 348 5.60 21.70 -4.86
C GLU A 348 4.39 22.51 -5.22
N VAL A 349 3.96 22.49 -6.48
CA VAL A 349 2.86 23.31 -6.97
C VAL A 349 1.96 22.55 -7.94
N LEU A 350 0.77 22.17 -7.49
CA LEU A 350 -0.08 21.25 -8.27
C LEU A 350 -1.18 21.92 -9.12
N LEU A 351 -1.81 22.97 -8.59
CA LEU A 351 -2.94 23.60 -9.29
C LEU A 351 -2.78 25.12 -9.36
N VAL A 352 -3.17 25.71 -10.50
CA VAL A 352 -3.00 27.14 -10.73
C VAL A 352 -4.15 27.70 -11.57
N ARG A 353 -5.21 28.17 -10.92
CA ARG A 353 -6.41 28.58 -11.64
C ARG A 353 -6.68 30.09 -11.55
N ARG A 354 -7.86 30.50 -11.99
CA ARG A 354 -8.25 31.90 -11.96
C ARG A 354 -9.78 32.04 -11.91
N GLU B 13 -8.17 -19.17 29.21
CA GLU B 13 -8.36 -18.56 30.53
C GLU B 13 -7.50 -17.30 30.75
N PHE B 14 -8.15 -16.13 30.74
CA PHE B 14 -7.41 -14.87 30.79
C PHE B 14 -7.58 -14.13 32.11
N MET B 15 -6.58 -13.32 32.43
CA MET B 15 -6.67 -12.36 33.51
C MET B 15 -6.05 -11.07 32.98
N ARG B 16 -6.76 -9.95 33.05
CA ARG B 16 -6.21 -8.69 32.58
C ARG B 16 -6.23 -7.68 33.68
N ILE B 17 -5.13 -6.97 33.86
CA ILE B 17 -5.09 -5.91 34.85
C ILE B 17 -4.58 -4.63 34.22
N LEU B 18 -4.96 -3.48 34.78
CA LEU B 18 -4.36 -2.21 34.38
C LEU B 18 -3.38 -1.81 35.50
N HIS B 19 -2.20 -1.37 35.10
CA HIS B 19 -1.12 -1.01 36.02
C HIS B 19 -0.89 0.48 35.89
N THR B 20 -1.20 1.22 36.96
CA THR B 20 -0.95 2.66 36.98
C THR B 20 -0.28 2.98 38.31
N SER B 21 0.19 4.21 38.48
CA SER B 21 0.86 4.61 39.72
C SER B 21 1.07 6.12 39.72
N ASP B 22 1.52 6.66 40.84
CA ASP B 22 2.01 8.04 40.88
C ASP B 22 1.00 9.03 40.31
N TRP B 23 -0.23 8.93 40.79
CA TRP B 23 -1.25 9.91 40.45
C TRP B 23 -0.93 11.27 41.06
N HIS B 24 -0.44 11.27 42.30
CA HIS B 24 -0.21 12.52 43.05
C HIS B 24 -1.40 13.45 43.00
N LEU B 25 -2.57 12.90 43.29
CA LEU B 25 -3.79 13.72 43.39
C LEU B 25 -3.58 14.86 44.37
N GLY B 26 -4.01 16.04 43.95
CA GLY B 26 -3.90 17.23 44.79
C GLY B 26 -2.54 17.90 44.70
N GLN B 27 -1.70 17.49 43.76
CA GLN B 27 -0.40 18.15 43.59
C GLN B 27 -0.56 19.67 43.38
N ASN B 28 0.26 20.47 44.06
CA ASN B 28 0.32 21.90 43.77
C ASN B 28 1.44 22.13 42.77
N PHE B 29 1.05 22.43 41.53
CA PHE B 29 2.01 22.52 40.43
C PHE B 29 2.20 23.99 40.07
N TYR B 30 3.12 24.64 40.77
CA TYR B 30 3.40 26.07 40.58
C TYR B 30 2.15 26.95 40.71
N SER B 31 1.38 26.68 41.76
CA SER B 31 0.10 27.32 42.08
C SER B 31 -1.08 26.77 41.29
N LYS B 32 -0.81 25.94 40.30
CA LYS B 32 -1.90 25.38 39.48
C LYS B 32 -2.42 24.10 40.09
N SER B 33 -3.73 23.89 39.98
CA SER B 33 -4.32 22.60 40.38
C SER B 33 -4.26 21.66 39.19
N ARG B 34 -4.15 20.37 39.45
CA ARG B 34 -4.18 19.37 38.40
C ARG B 34 -5.57 18.71 38.32
N GLU B 35 -6.54 19.24 39.05
CA GLU B 35 -7.86 18.59 39.14
C GLU B 35 -8.48 18.26 37.77
N ALA B 36 -8.48 19.21 36.85
CA ALA B 36 -9.12 19.01 35.56
C ALA B 36 -8.48 17.84 34.80
N GLU B 37 -7.15 17.77 34.85
CA GLU B 37 -6.40 16.71 34.17
C GLU B 37 -6.62 15.37 34.85
N HIS B 38 -6.65 15.37 36.18
CA HIS B 38 -6.88 14.14 36.89
C HIS B 38 -8.30 13.64 36.69
N GLN B 39 -9.25 14.57 36.66
CA GLN B 39 -10.63 14.22 36.36
C GLN B 39 -10.71 13.54 35.00
N ALA B 40 -10.09 14.14 33.98
CA ALA B 40 -10.15 13.57 32.64
C ALA B 40 -9.47 12.21 32.61
N PHE B 41 -8.34 12.10 33.29
CA PHE B 41 -7.61 10.85 33.36
C PHE B 41 -8.44 9.76 34.02
N LEU B 42 -9.02 10.06 35.18
CA LEU B 42 -9.79 9.03 35.88
C LEU B 42 -11.03 8.59 35.07
N ASP B 43 -11.68 9.52 34.39
CA ASP B 43 -12.76 9.16 33.47
C ASP B 43 -12.27 8.27 32.33
N TRP B 44 -11.11 8.62 31.77
CA TRP B 44 -10.51 7.81 30.71
C TRP B 44 -10.15 6.42 31.23
N LEU B 45 -9.65 6.36 32.46
CA LEU B 45 -9.21 5.09 33.04
C LEU B 45 -10.40 4.16 33.19
N LEU B 46 -11.53 4.70 33.66
CA LEU B 46 -12.78 3.95 33.78
C LEU B 46 -13.25 3.43 32.43
N GLU B 47 -13.24 4.30 31.42
CA GLU B 47 -13.67 3.92 30.08
C GLU B 47 -12.79 2.79 29.55
N THR B 48 -11.49 2.93 29.81
CA THR B 48 -10.49 1.97 29.34
C THR B 48 -10.67 0.60 30.00
N ALA B 49 -10.92 0.61 31.30
CA ALA B 49 -11.20 -0.61 32.05
C ALA B 49 -12.41 -1.31 31.44
N GLN B 50 -13.42 -0.53 31.07
CA GLN B 50 -14.61 -1.08 30.43
C GLN B 50 -14.29 -1.64 29.05
N THR B 51 -13.65 -0.82 28.24
CA THR B 51 -13.33 -1.17 26.86
C THR B 51 -12.54 -2.48 26.77
N HIS B 52 -11.58 -2.67 27.66
CA HIS B 52 -10.72 -3.85 27.61
C HIS B 52 -11.19 -4.97 28.53
N GLN B 53 -12.37 -4.78 29.12
CA GLN B 53 -12.97 -5.79 30.00
C GLN B 53 -11.96 -6.27 31.04
N VAL B 54 -11.33 -5.30 31.66
CA VAL B 54 -10.25 -5.51 32.61
C VAL B 54 -10.80 -6.07 33.92
N ASP B 55 -10.04 -6.98 34.53
CA ASP B 55 -10.43 -7.60 35.80
C ASP B 55 -10.06 -6.79 37.04
N ALA B 56 -8.93 -6.08 36.97
CA ALA B 56 -8.51 -5.27 38.11
C ALA B 56 -7.63 -4.13 37.70
N ILE B 57 -7.67 -3.06 38.50
CA ILE B 57 -6.77 -1.94 38.32
C ILE B 57 -5.87 -1.93 39.55
N ILE B 58 -4.57 -1.81 39.33
CA ILE B 58 -3.63 -1.74 40.43
C ILE B 58 -2.97 -0.38 40.40
N VAL B 59 -3.08 0.34 41.51
CA VAL B 59 -2.45 1.65 41.64
C VAL B 59 -1.22 1.51 42.54
N ALA B 60 -0.02 1.48 41.94
CA ALA B 60 1.19 1.10 42.67
C ALA B 60 1.83 2.27 43.41
N GLY B 61 1.01 3.00 44.16
CA GLY B 61 1.55 3.94 45.13
C GLY B 61 1.55 5.39 44.66
N ASP B 62 1.59 6.28 45.64
CA ASP B 62 1.51 7.75 45.47
C ASP B 62 0.19 8.14 44.88
N VAL B 63 -0.89 7.75 45.56
CA VAL B 63 -2.24 8.11 45.18
C VAL B 63 -2.39 9.63 45.32
N PHE B 64 -2.03 10.12 46.51
CA PHE B 64 -2.09 11.54 46.84
C PHE B 64 -0.69 12.16 46.84
N ASP B 65 -0.60 13.45 46.52
CA ASP B 65 0.70 14.10 46.55
C ASP B 65 1.22 14.32 47.98
N THR B 66 0.32 14.40 48.97
CA THR B 66 0.74 14.51 50.37
C THR B 66 -0.15 13.67 51.30
N GLY B 67 0.20 13.68 52.58
CA GLY B 67 -0.56 12.98 53.60
C GLY B 67 -1.87 13.67 53.95
N SER B 68 -2.01 14.94 53.56
CA SER B 68 -3.26 15.66 53.85
C SER B 68 -3.83 16.26 52.58
N PRO B 69 -4.43 15.43 51.72
CA PRO B 69 -4.91 15.94 50.43
C PRO B 69 -6.11 16.88 50.60
N PRO B 70 -6.24 17.85 49.68
CA PRO B 70 -7.38 18.76 49.73
C PRO B 70 -8.65 18.00 49.44
N SER B 71 -9.79 18.56 49.84
N SER B 71 -9.76 18.56 49.87
CA SER B 71 -11.09 17.94 49.63
CA SER B 71 -11.07 17.99 49.65
C SER B 71 -11.39 17.62 48.17
C SER B 71 -11.29 17.59 48.19
N TYR B 72 -10.98 18.49 47.25
CA TYR B 72 -11.20 18.18 45.84
C TYR B 72 -10.45 16.90 45.41
N ALA B 73 -9.28 16.63 45.99
CA ALA B 73 -8.52 15.44 45.63
C ALA B 73 -9.13 14.17 46.26
N ARG B 74 -9.54 14.29 47.53
CA ARG B 74 -10.23 13.20 48.22
C ARG B 74 -11.49 12.85 47.44
N THR B 75 -12.19 13.87 46.95
CA THR B 75 -13.40 13.66 46.17
C THR B 75 -13.12 12.94 44.84
N LEU B 76 -12.07 13.35 44.12
CA LEU B 76 -11.65 12.67 42.91
C LEU B 76 -11.47 11.16 43.16
N TYR B 77 -10.73 10.86 44.22
CA TYR B 77 -10.44 9.48 44.59
C TYR B 77 -11.74 8.72 44.92
N ASN B 78 -12.56 9.30 45.79
CA ASN B 78 -13.80 8.65 46.22
C ASN B 78 -14.74 8.38 45.06
N ARG B 79 -14.89 9.36 44.15
CA ARG B 79 -15.84 9.20 43.07
C ARG B 79 -15.35 8.21 42.00
N PHE B 80 -14.04 8.10 41.87
CA PHE B 80 -13.47 7.12 40.96
C PHE B 80 -13.89 5.74 41.43
N VAL B 81 -13.70 5.48 42.72
CA VAL B 81 -14.06 4.20 43.32
C VAL B 81 -15.55 3.86 43.16
N VAL B 82 -16.41 4.85 43.34
CA VAL B 82 -17.83 4.71 43.15
C VAL B 82 -18.12 4.42 41.69
N ASN B 83 -17.48 5.19 40.81
CA ASN B 83 -17.78 5.09 39.38
C ASN B 83 -17.28 3.77 38.82
N LEU B 84 -16.23 3.24 39.43
CA LEU B 84 -15.65 1.97 38.97
C LEU B 84 -16.62 0.82 39.23
N GLN B 85 -17.59 1.01 40.13
CA GLN B 85 -18.56 -0.05 40.47
C GLN B 85 -19.33 -0.53 39.24
N GLN B 86 -19.68 0.41 38.37
CA GLN B 86 -20.46 0.11 37.17
C GLN B 86 -19.74 -0.85 36.22
N THR B 87 -18.43 -1.00 36.41
CA THR B 87 -17.61 -1.80 35.50
C THR B 87 -17.40 -3.25 35.94
N GLY B 88 -17.56 -3.53 37.24
CA GLY B 88 -17.27 -4.85 37.76
C GLY B 88 -15.77 -5.12 37.97
N CYS B 89 -14.97 -4.10 37.74
CA CYS B 89 -13.51 -4.21 37.87
C CYS B 89 -13.09 -4.08 39.34
N HIS B 90 -12.11 -4.88 39.77
CA HIS B 90 -11.58 -4.76 41.14
C HIS B 90 -10.51 -3.66 41.21
N LEU B 91 -10.40 -2.97 42.33
CA LEU B 91 -9.41 -1.91 42.43
C LEU B 91 -8.47 -2.23 43.60
N VAL B 92 -7.17 -2.15 43.35
CA VAL B 92 -6.19 -2.34 44.42
C VAL B 92 -5.42 -1.05 44.55
N VAL B 93 -5.49 -0.44 45.74
CA VAL B 93 -4.83 0.84 45.95
C VAL B 93 -3.69 0.68 46.95
N LEU B 94 -2.47 1.00 46.53
CA LEU B 94 -1.30 0.85 47.42
C LEU B 94 -0.78 2.21 47.81
N ALA B 95 -0.28 2.35 49.03
CA ALA B 95 0.35 3.62 49.44
C ALA B 95 1.76 3.76 48.83
N GLY B 96 2.14 4.99 48.48
CA GLY B 96 3.52 5.27 48.09
C GLY B 96 4.20 6.02 49.22
N ASN B 97 5.39 6.57 48.99
CA ASN B 97 6.04 7.36 50.04
C ASN B 97 5.39 8.74 50.26
N HIS B 98 4.68 9.25 49.27
CA HIS B 98 3.99 10.55 49.43
C HIS B 98 2.72 10.43 50.26
N ASP B 99 2.14 9.24 50.27
CA ASP B 99 0.86 9.02 50.97
C ASP B 99 1.10 8.91 52.46
N SER B 100 0.07 9.24 53.23
CA SER B 100 0.05 8.91 54.65
C SER B 100 -0.68 7.57 54.79
N VAL B 101 -0.09 6.66 55.55
CA VAL B 101 -0.74 5.39 55.87
C VAL B 101 -2.10 5.62 56.55
N ALA B 102 -2.10 6.46 57.58
CA ALA B 102 -3.32 6.80 58.29
C ALA B 102 -4.36 7.36 57.32
N THR B 103 -3.93 8.22 56.41
CA THR B 103 -4.91 8.84 55.50
C THR B 103 -5.55 7.81 54.57
N LEU B 104 -4.76 6.94 53.97
CA LEU B 104 -5.34 5.91 53.10
C LEU B 104 -6.17 4.91 53.90
N ASN B 105 -5.77 4.64 55.13
CA ASN B 105 -6.52 3.69 55.94
C ASN B 105 -7.86 4.23 56.43
N GLU B 106 -8.06 5.53 56.33
CA GLU B 106 -9.32 6.13 56.78
C GLU B 106 -10.52 5.44 56.12
N SER B 107 -10.34 5.08 54.87
CA SER B 107 -11.46 4.51 54.10
C SER B 107 -11.22 3.07 53.65
N ARG B 108 -10.21 2.41 54.21
CA ARG B 108 -9.88 1.03 53.85
C ARG B 108 -11.13 0.15 54.00
N ASP B 109 -11.78 0.23 55.15
CA ASP B 109 -12.92 -0.67 55.40
C ASP B 109 -14.17 -0.29 54.61
N ILE B 110 -14.37 1.01 54.42
CA ILE B 110 -15.44 1.47 53.55
C ILE B 110 -15.20 1.01 52.11
N MET B 111 -13.96 1.10 51.64
CA MET B 111 -13.66 0.75 50.25
C MET B 111 -13.87 -0.73 49.98
N ALA B 112 -13.72 -1.56 51.01
CA ALA B 112 -13.96 -2.99 50.88
C ALA B 112 -15.38 -3.33 50.41
N PHE B 113 -16.34 -2.46 50.70
CA PHE B 113 -17.72 -2.67 50.25
C PHE B 113 -17.87 -2.34 48.77
N LEU B 114 -16.94 -1.57 48.26
CA LEU B 114 -16.92 -1.13 46.87
C LEU B 114 -15.83 -1.83 46.02
N ASN B 115 -15.61 -3.11 46.28
CA ASN B 115 -14.72 -3.91 45.43
C ASN B 115 -13.33 -3.29 45.32
N THR B 116 -12.85 -2.71 46.41
CA THR B 116 -11.59 -2.00 46.44
C THR B 116 -10.76 -2.43 47.64
N THR B 117 -9.54 -2.88 47.36
CA THR B 117 -8.61 -3.27 48.40
C THR B 117 -7.57 -2.19 48.61
N VAL B 118 -7.57 -1.57 49.79
CA VAL B 118 -6.63 -0.52 50.13
C VAL B 118 -5.54 -1.11 51.00
N VAL B 119 -4.31 -1.04 50.49
CA VAL B 119 -3.17 -1.59 51.21
C VAL B 119 -2.14 -0.49 51.45
N ALA B 120 -2.07 -0.01 52.68
CA ALA B 120 -1.25 1.14 52.99
C ALA B 120 0.03 0.76 53.71
N SER B 121 -0.01 -0.29 54.51
CA SER B 121 1.21 -0.70 55.21
C SER B 121 1.72 -2.05 54.81
N ALA B 122 2.95 -2.33 55.22
CA ALA B 122 3.56 -3.63 55.02
C ALA B 122 2.80 -4.66 55.83
N GLY B 123 2.85 -5.90 55.37
CA GLY B 123 2.35 -7.01 56.15
C GLY B 123 1.10 -7.66 55.60
N HIS B 124 0.56 -7.10 54.53
CA HIS B 124 -0.65 -7.68 53.95
C HIS B 124 -0.32 -9.01 53.28
N ALA B 125 -1.05 -10.05 53.66
CA ALA B 125 -0.84 -11.36 53.08
C ALA B 125 -1.26 -11.37 51.62
N PRO B 126 -0.70 -12.31 50.85
CA PRO B 126 -1.16 -12.47 49.47
C PRO B 126 -2.65 -12.74 49.41
N GLN B 127 -3.28 -12.30 48.33
CA GLN B 127 -4.71 -12.46 48.21
C GLN B 127 -5.09 -12.85 46.79
N ILE B 128 -6.13 -13.65 46.66
CA ILE B 128 -6.64 -14.00 45.34
C ILE B 128 -7.36 -12.79 44.74
N LEU B 129 -6.93 -12.40 43.54
CA LEU B 129 -7.63 -11.36 42.80
C LEU B 129 -8.65 -12.07 41.93
N PRO B 130 -9.91 -11.67 42.01
CA PRO B 130 -10.91 -12.39 41.21
C PRO B 130 -10.96 -11.84 39.79
N ARG B 131 -11.41 -12.68 38.88
CA ARG B 131 -11.83 -12.20 37.58
C ARG B 131 -13.19 -11.54 37.75
N ARG B 132 -13.70 -10.93 36.67
CA ARG B 132 -14.97 -10.24 36.70
C ARG B 132 -16.11 -11.17 37.14
N ASP B 133 -15.99 -12.44 36.81
CA ASP B 133 -17.05 -13.41 37.15
C ASP B 133 -16.89 -13.99 38.56
N GLY B 134 -15.88 -13.51 39.29
CA GLY B 134 -15.69 -13.89 40.68
C GLY B 134 -14.71 -15.02 40.94
N THR B 135 -14.38 -15.76 39.89
CA THR B 135 -13.44 -16.89 40.01
C THR B 135 -12.01 -16.38 40.13
N PRO B 136 -11.11 -17.17 40.77
CA PRO B 136 -9.73 -16.75 40.94
C PRO B 136 -9.06 -16.40 39.61
N GLY B 137 -8.41 -15.24 39.57
CA GLY B 137 -7.70 -14.81 38.38
C GLY B 137 -6.20 -14.68 38.59
N ALA B 138 -5.79 -14.24 39.76
CA ALA B 138 -4.38 -14.11 40.05
C ALA B 138 -4.15 -14.17 41.54
N VAL B 139 -2.92 -14.45 41.94
CA VAL B 139 -2.52 -14.26 43.33
C VAL B 139 -1.72 -12.96 43.39
N LEU B 140 -2.19 -12.01 44.19
CA LEU B 140 -1.51 -10.73 44.35
C LEU B 140 -0.70 -10.67 45.64
N CYS B 141 0.55 -10.23 45.55
CA CYS B 141 1.30 -9.78 46.72
C CYS B 141 1.16 -8.27 46.78
N PRO B 142 0.26 -7.77 47.65
CA PRO B 142 0.02 -6.33 47.77
C PRO B 142 1.10 -5.68 48.62
N ILE B 143 2.05 -5.04 47.95
CA ILE B 143 3.23 -4.51 48.60
C ILE B 143 3.32 -3.02 48.26
N PRO B 144 3.04 -2.18 49.26
CA PRO B 144 3.07 -0.73 49.10
C PRO B 144 4.51 -0.27 49.27
N PHE B 145 4.72 1.04 49.28
CA PHE B 145 5.98 1.59 49.77
C PHE B 145 6.24 1.04 51.16
N LEU B 146 7.43 0.49 51.37
CA LEU B 146 7.75 -0.15 52.64
C LEU B 146 8.49 0.82 53.52
N ARG B 147 7.82 1.28 54.57
CA ARG B 147 8.48 2.13 55.56
C ARG B 147 9.48 1.27 56.33
N PRO B 148 10.75 1.72 56.43
CA PRO B 148 11.75 0.90 57.11
C PRO B 148 11.32 0.41 58.50
N ARG B 149 10.74 1.29 59.30
CA ARG B 149 10.34 0.91 60.65
C ARG B 149 9.30 -0.21 60.68
N ASP B 150 8.60 -0.43 59.56
CA ASP B 150 7.58 -1.48 59.52
C ASP B 150 8.16 -2.86 59.19
N ILE B 151 9.37 -2.88 58.69
CA ILE B 151 9.97 -4.13 58.21
C ILE B 151 11.35 -4.42 58.81
N ILE B 152 11.87 -3.48 59.58
CA ILE B 152 13.12 -3.66 60.30
C ILE B 152 12.87 -3.47 61.79
N THR B 153 13.38 -4.37 62.62
CA THR B 153 13.37 -4.11 64.05
C THR B 153 14.73 -3.56 64.47
N SER B 154 14.71 -2.41 65.15
CA SER B 154 15.94 -1.69 65.45
C SER B 154 16.80 -2.46 66.43
N GLN B 155 18.11 -2.18 66.38
CA GLN B 155 19.12 -2.91 67.15
C GLN B 155 18.74 -3.05 68.62
N ALA B 156 18.12 -2.00 69.15
CA ALA B 156 17.70 -1.97 70.56
C ALA B 156 16.70 -3.08 70.91
N GLY B 157 15.72 -3.31 70.06
CA GLY B 157 14.70 -4.31 70.33
C GLY B 157 15.08 -5.74 69.98
N LEU B 158 16.37 -6.00 69.77
CA LEU B 158 16.82 -7.32 69.38
C LEU B 158 17.37 -8.14 70.55
N ASN B 159 17.65 -9.42 70.31
CA ASN B 159 18.07 -10.35 71.34
C ASN B 159 19.47 -10.94 71.11
N GLY B 160 20.29 -10.95 72.16
CA GLY B 160 21.59 -11.61 72.11
C GLY B 160 22.54 -11.08 71.05
N ILE B 161 22.98 -11.96 70.16
CA ILE B 161 23.91 -11.57 69.10
C ILE B 161 23.19 -11.11 67.84
N GLU B 162 21.86 -11.03 67.91
CA GLU B 162 21.08 -10.62 66.75
C GLU B 162 21.43 -9.21 66.28
N LYS B 163 21.42 -9.02 64.97
CA LYS B 163 21.78 -7.74 64.37
C LYS B 163 20.63 -7.17 63.56
N GLN B 164 20.44 -5.86 63.65
CA GLN B 164 19.46 -5.16 62.85
C GLN B 164 19.74 -5.39 61.37
N GLN B 165 18.70 -5.74 60.62
CA GLN B 165 18.84 -5.99 59.19
C GLN B 165 19.06 -4.68 58.44
N HIS B 166 19.99 -4.69 57.49
CA HIS B 166 20.13 -3.58 56.58
C HIS B 166 18.85 -3.52 55.74
N LEU B 167 18.48 -2.33 55.29
CA LEU B 167 17.23 -2.15 54.54
C LEU B 167 17.17 -3.02 53.28
N LEU B 168 18.29 -3.15 52.58
CA LEU B 168 18.30 -3.97 51.38
C LEU B 168 17.85 -5.41 51.69
N ALA B 169 18.44 -6.00 52.73
CA ALA B 169 18.08 -7.35 53.17
C ALA B 169 16.64 -7.43 53.64
N ALA B 170 16.19 -6.42 54.39
CA ALA B 170 14.81 -6.41 54.88
C ALA B 170 13.79 -6.42 53.75
N ILE B 171 14.00 -5.60 52.74
CA ILE B 171 13.10 -5.55 51.60
C ILE B 171 13.17 -6.86 50.83
N THR B 172 14.38 -7.33 50.56
CA THR B 172 14.57 -8.56 49.81
C THR B 172 13.87 -9.73 50.49
N ASP B 173 14.06 -9.86 51.81
CA ASP B 173 13.45 -10.95 52.55
C ASP B 173 11.94 -10.83 52.60
N TYR B 174 11.45 -9.59 52.66
CA TYR B 174 10.02 -9.34 52.68
C TYR B 174 9.39 -9.88 51.40
N TYR B 175 10.00 -9.52 50.28
CA TYR B 175 9.53 -9.99 48.98
C TYR B 175 9.62 -11.49 48.87
N GLN B 176 10.72 -12.07 49.35
CA GLN B 176 10.91 -13.50 49.22
C GLN B 176 9.85 -14.25 50.04
N GLN B 177 9.59 -13.79 51.25
CA GLN B 177 8.62 -14.41 52.15
C GLN B 177 7.20 -14.34 51.59
N HIS B 178 6.83 -13.17 51.09
CA HIS B 178 5.50 -12.98 50.53
C HIS B 178 5.30 -13.76 49.25
N TYR B 179 6.36 -13.85 48.45
CA TYR B 179 6.29 -14.69 47.27
C TYR B 179 6.09 -16.14 47.66
N ALA B 180 6.82 -16.61 48.67
CA ALA B 180 6.68 -17.97 49.16
C ALA B 180 5.24 -18.21 49.60
N ASP B 181 4.69 -17.25 50.33
CA ASP B 181 3.31 -17.34 50.81
C ASP B 181 2.32 -17.35 49.64
N ALA B 182 2.62 -16.58 48.60
CA ALA B 182 1.78 -16.55 47.40
C ALA B 182 1.79 -17.89 46.68
N CYS B 183 2.93 -18.55 46.64
CA CYS B 183 3.01 -19.87 46.00
C CYS B 183 2.17 -20.90 46.73
N LYS B 184 2.18 -20.82 48.06
CA LYS B 184 1.39 -21.73 48.87
C LYS B 184 -0.10 -21.47 48.67
N LEU B 185 -0.48 -20.21 48.55
CA LEU B 185 -1.88 -19.86 48.31
C LEU B 185 -2.30 -20.28 46.92
N ARG B 186 -1.43 -20.07 45.95
CA ARG B 186 -1.68 -20.49 44.58
C ARG B 186 -1.91 -22.01 44.54
N GLY B 187 -1.08 -22.75 45.26
CA GLY B 187 -1.18 -24.19 45.28
C GLY B 187 -0.92 -24.75 43.90
N ASP B 188 -1.83 -25.60 43.42
CA ASP B 188 -1.68 -26.20 42.10
C ASP B 188 -2.44 -25.45 41.01
N GLN B 189 -3.17 -24.41 41.40
CA GLN B 189 -3.93 -23.58 40.47
C GLN B 189 -3.01 -22.88 39.45
N PRO B 190 -3.37 -22.93 38.17
CA PRO B 190 -2.62 -22.20 37.13
C PRO B 190 -2.90 -20.71 37.17
N LEU B 191 -2.52 -20.04 38.27
CA LEU B 191 -2.76 -18.62 38.45
C LEU B 191 -1.45 -17.85 38.36
N PRO B 192 -1.45 -16.68 37.72
CA PRO B 192 -0.22 -15.90 37.76
C PRO B 192 -0.01 -15.28 39.14
N ILE B 193 1.23 -15.08 39.55
CA ILE B 193 1.51 -14.33 40.77
C ILE B 193 2.00 -12.94 40.40
N ILE B 194 1.32 -11.93 40.92
CA ILE B 194 1.66 -10.55 40.61
C ILE B 194 2.16 -9.91 41.89
N ALA B 195 3.31 -9.27 41.85
CA ALA B 195 3.75 -8.56 43.03
C ALA B 195 3.84 -7.08 42.68
N THR B 196 3.68 -6.22 43.67
CA THR B 196 3.78 -4.78 43.40
C THR B 196 4.95 -4.23 44.17
N GLY B 197 5.19 -2.93 44.04
CA GLY B 197 6.24 -2.34 44.83
C GLY B 197 6.26 -0.86 44.56
N HIS B 198 6.98 -0.14 45.40
CA HIS B 198 7.05 1.30 45.23
C HIS B 198 8.42 1.72 45.75
N LEU B 199 9.36 1.87 44.82
CA LEU B 199 10.72 2.20 45.20
C LEU B 199 11.51 2.53 43.96
N THR B 200 12.81 2.78 44.14
CA THR B 200 13.66 3.14 43.02
C THR B 200 14.63 2.01 42.78
N THR B 201 14.61 1.47 41.56
CA THR B 201 15.53 0.37 41.23
C THR B 201 16.87 0.89 40.72
N VAL B 202 17.90 0.03 40.79
CA VAL B 202 19.20 0.37 40.26
C VAL B 202 19.09 0.63 38.76
N GLY B 203 19.64 1.75 38.34
CA GLY B 203 19.64 2.13 36.94
C GLY B 203 18.39 2.81 36.41
N ALA B 204 17.34 2.92 37.24
CA ALA B 204 16.10 3.58 36.81
C ALA B 204 16.35 5.01 36.29
N SER B 205 15.68 5.39 35.21
CA SER B 205 15.74 6.77 34.77
C SER B 205 14.73 7.61 35.55
N LYS B 206 15.23 8.60 36.29
CA LYS B 206 14.39 9.40 37.19
C LYS B 206 13.87 10.66 36.53
N SER B 207 12.97 11.38 37.21
CA SER B 207 12.50 12.68 36.73
C SER B 207 12.60 13.68 37.88
N ASP B 208 12.46 14.96 37.56
CA ASP B 208 12.56 16.01 38.56
C ASP B 208 11.58 15.87 39.71
N ALA B 209 10.39 15.34 39.44
CA ALA B 209 9.36 15.20 40.48
C ALA B 209 9.51 13.94 41.33
N VAL B 210 10.49 13.11 41.01
CA VAL B 210 10.73 11.91 41.81
C VAL B 210 11.65 12.24 42.98
N ARG B 211 11.08 12.16 44.17
CA ARG B 211 11.78 12.51 45.41
C ARG B 211 12.66 11.33 45.81
N ASP B 212 13.87 11.63 46.31
CA ASP B 212 14.75 10.62 46.88
C ASP B 212 14.02 9.95 48.03
N ILE B 213 14.19 8.63 48.14
CA ILE B 213 13.64 7.88 49.28
C ILE B 213 14.75 7.07 49.92
N TYR B 214 14.50 6.56 51.14
CA TYR B 214 15.49 5.77 51.84
C TYR B 214 16.82 6.49 51.89
N ILE B 215 16.75 7.79 52.16
CA ILE B 215 17.94 8.62 52.13
C ILE B 215 18.94 8.19 53.18
N GLY B 216 20.13 7.79 52.73
CA GLY B 216 21.18 7.33 53.61
C GLY B 216 21.03 5.89 54.06
N THR B 217 20.00 5.20 53.55
N THR B 217 20.00 5.20 53.56
CA THR B 217 19.74 3.83 53.98
CA THR B 217 19.74 3.82 53.98
C THR B 217 19.75 2.84 52.81
C THR B 217 19.71 2.82 52.82
N LEU B 218 19.22 3.25 51.67
CA LEU B 218 19.25 2.41 50.47
C LEU B 218 19.26 3.29 49.23
N ASP B 219 20.40 3.30 48.55
CA ASP B 219 20.58 4.13 47.35
C ASP B 219 19.62 3.73 46.23
N ALA B 220 19.50 2.42 46.00
CA ALA B 220 18.58 1.91 44.98
C ALA B 220 18.43 0.41 45.18
N PHE B 221 17.31 -0.14 44.74
CA PHE B 221 17.02 -1.55 44.94
C PHE B 221 17.47 -2.34 43.71
N PRO B 222 18.38 -3.30 43.90
CA PRO B 222 18.83 -4.14 42.78
C PRO B 222 17.72 -5.08 42.34
N ALA B 223 17.31 -4.99 41.07
CA ALA B 223 16.11 -5.70 40.62
C ALA B 223 16.26 -7.21 40.62
N GLN B 224 17.49 -7.69 40.72
CA GLN B 224 17.71 -9.13 40.82
C GLN B 224 17.23 -9.63 42.18
N ASN B 225 16.93 -8.71 43.10
CA ASN B 225 16.44 -9.10 44.42
C ASN B 225 14.92 -9.28 44.45
N PHE B 226 14.25 -9.04 43.33
CA PHE B 226 12.82 -9.31 43.24
C PHE B 226 12.61 -10.81 43.11
N PRO B 227 11.46 -11.30 43.63
CA PRO B 227 11.16 -12.73 43.49
C PRO B 227 10.69 -12.99 42.07
N PRO B 228 10.64 -14.27 41.65
CA PRO B 228 10.24 -14.55 40.27
C PRO B 228 8.72 -14.52 40.06
N ALA B 229 8.07 -13.42 40.41
CA ALA B 229 6.67 -13.23 40.09
C ALA B 229 6.45 -13.17 38.58
N ASP B 230 5.24 -13.48 38.13
CA ASP B 230 4.94 -13.40 36.71
C ASP B 230 4.89 -11.97 36.21
N TYR B 231 4.63 -11.04 37.13
CA TYR B 231 4.67 -9.61 36.83
C TYR B 231 4.95 -8.84 38.10
N ILE B 232 5.80 -7.81 37.97
CA ILE B 232 6.10 -6.92 39.07
C ILE B 232 5.68 -5.51 38.69
N ALA B 233 4.66 -5.02 39.36
CA ALA B 233 4.07 -3.73 39.01
C ALA B 233 4.58 -2.67 39.96
N LEU B 234 5.49 -1.82 39.48
CA LEU B 234 6.12 -0.85 40.35
C LEU B 234 5.55 0.55 40.15
N GLY B 235 5.73 1.36 41.18
CA GLY B 235 5.49 2.81 41.09
C GLY B 235 6.66 3.53 41.75
N HIS B 236 6.61 4.86 41.68
CA HIS B 236 7.52 5.84 42.29
C HIS B 236 8.25 6.62 41.19
N ILE B 237 8.62 5.92 40.13
CA ILE B 237 9.35 6.57 39.03
C ILE B 237 8.29 7.01 38.00
N HIS B 238 8.43 8.20 37.43
CA HIS B 238 7.36 8.79 36.64
C HIS B 238 7.44 8.47 35.17
N ARG B 239 8.61 8.00 34.73
CA ARG B 239 8.82 7.63 33.34
C ARG B 239 8.63 6.13 33.18
N ALA B 240 7.67 5.73 32.35
CA ALA B 240 7.45 4.31 32.13
C ALA B 240 8.71 3.70 31.52
N GLN B 241 9.11 2.56 32.06
CA GLN B 241 10.30 1.88 31.56
C GLN B 241 10.34 0.46 32.04
N ILE B 242 11.08 -0.35 31.29
CA ILE B 242 11.38 -1.71 31.64
C ILE B 242 12.61 -1.71 32.54
N ILE B 243 12.57 -2.54 33.58
N ILE B 243 12.58 -2.58 33.54
CA ILE B 243 13.68 -2.60 34.52
CA ILE B 243 13.66 -2.65 34.52
C ILE B 243 14.62 -3.74 34.15
C ILE B 243 14.63 -3.77 34.17
N GLY B 244 15.88 -3.40 33.86
CA GLY B 244 16.91 -4.38 33.56
C GLY B 244 16.59 -5.26 32.37
N GLY B 245 15.91 -4.70 31.38
CA GLY B 245 15.50 -5.44 30.20
C GLY B 245 14.42 -6.49 30.45
N MET B 246 13.97 -6.62 31.68
CA MET B 246 13.02 -7.67 32.06
C MET B 246 11.58 -7.28 31.74
N GLU B 247 10.98 -7.99 30.78
CA GLU B 247 9.66 -7.67 30.27
C GLU B 247 8.61 -7.66 31.38
N HIS B 248 8.85 -8.44 32.44
CA HIS B 248 7.83 -8.62 33.50
C HIS B 248 8.01 -7.69 34.70
N VAL B 249 8.97 -6.79 34.63
CA VAL B 249 9.23 -5.88 35.73
C VAL B 249 9.21 -4.47 35.17
N ARG B 250 8.19 -3.69 35.54
CA ARG B 250 7.93 -2.41 34.87
C ARG B 250 7.55 -1.29 35.84
N TYR B 251 7.99 -0.07 35.54
CA TYR B 251 7.32 1.12 36.05
C TYR B 251 6.33 1.54 34.97
N CYS B 252 5.08 1.81 35.34
CA CYS B 252 4.13 2.34 34.37
C CYS B 252 4.30 3.84 34.13
N GLY B 253 4.99 4.50 35.05
CA GLY B 253 5.09 5.95 35.00
C GLY B 253 3.81 6.63 35.46
N SER B 254 3.87 7.94 35.64
CA SER B 254 2.70 8.70 36.07
C SER B 254 1.77 8.90 34.89
N PRO B 255 0.47 9.02 35.15
CA PRO B 255 -0.50 9.17 34.07
C PRO B 255 -0.56 10.59 33.48
N ILE B 256 -0.20 11.59 34.26
CA ILE B 256 -0.07 12.95 33.74
C ILE B 256 1.34 13.46 34.09
N PRO B 257 1.85 14.46 33.33
CA PRO B 257 3.21 14.96 33.59
C PRO B 257 3.26 15.69 34.93
N LEU B 258 4.15 15.23 35.81
CA LEU B 258 4.24 15.80 37.16
C LEU B 258 5.37 16.82 37.27
N SER B 259 6.12 16.96 36.20
CA SER B 259 7.14 17.99 36.14
C SER B 259 7.33 18.38 34.68
N PHE B 260 7.91 19.55 34.45
CA PHE B 260 8.12 20.04 33.09
C PHE B 260 9.09 19.17 32.29
N ASP B 261 10.00 18.50 32.98
CA ASP B 261 10.97 17.67 32.29
C ASP B 261 10.32 16.44 31.67
N GLU B 262 9.07 16.18 32.04
CA GLU B 262 8.33 15.05 31.48
C GLU B 262 7.32 15.43 30.41
N CYS B 263 7.13 16.73 30.18
CA CYS B 263 6.12 17.11 29.21
C CYS B 263 6.66 16.82 27.80
N GLY B 264 5.78 16.34 26.93
CA GLY B 264 6.19 15.93 25.60
C GLY B 264 6.61 14.48 25.56
N LYS B 265 6.72 13.86 26.73
CA LYS B 265 7.02 12.44 26.81
C LYS B 265 5.70 11.69 26.91
N SER B 266 5.67 10.45 26.42
CA SER B 266 4.43 9.70 26.45
C SER B 266 4.03 9.32 27.87
N LYS B 267 2.72 9.31 28.11
N LYS B 267 2.72 9.28 28.11
CA LYS B 267 2.19 8.87 29.39
CA LYS B 267 2.16 8.89 29.40
C LYS B 267 1.42 7.58 29.11
C LYS B 267 1.28 7.67 29.21
N TYR B 268 1.48 6.66 30.07
CA TYR B 268 0.86 5.36 29.87
C TYR B 268 0.23 4.80 31.11
N VAL B 269 -0.74 3.92 30.90
N VAL B 269 -0.70 3.87 30.88
CA VAL B 269 -1.00 2.88 31.87
CA VAL B 269 -1.11 2.87 31.86
C VAL B 269 -0.70 1.59 31.12
C VAL B 269 -0.95 1.50 31.17
N HIS B 270 -0.33 0.54 31.84
CA HIS B 270 -0.06 -0.74 31.21
C HIS B 270 -1.27 -1.65 31.28
N LEU B 271 -1.65 -2.23 30.15
CA LEU B 271 -2.62 -3.32 30.12
C LEU B 271 -1.82 -4.63 30.10
N VAL B 272 -1.93 -5.39 31.17
CA VAL B 272 -1.11 -6.57 31.37
C VAL B 272 -2.02 -7.78 31.28
N THR B 273 -1.72 -8.69 30.35
CA THR B 273 -2.57 -9.85 30.13
C THR B 273 -1.84 -11.13 30.52
N PHE B 274 -2.55 -11.98 31.26
CA PHE B 274 -2.03 -13.29 31.62
C PHE B 274 -2.88 -14.38 30.95
N SER B 275 -2.21 -15.44 30.54
CA SER B 275 -2.88 -16.54 29.86
C SER B 275 -2.38 -17.83 30.48
N ASN B 276 -3.31 -18.65 30.96
CA ASN B 276 -2.97 -19.91 31.61
C ASN B 276 -1.90 -19.80 32.68
N GLY B 277 -2.03 -18.80 33.54
CA GLY B 277 -1.12 -18.60 34.66
C GLY B 277 0.17 -17.89 34.33
N LYS B 278 0.35 -17.47 33.09
CA LYS B 278 1.63 -16.89 32.66
C LYS B 278 1.46 -15.52 32.03
N LEU B 279 2.48 -14.67 32.15
CA LEU B 279 2.46 -13.38 31.47
C LEU B 279 2.42 -13.59 29.96
N GLU B 280 1.45 -12.97 29.30
CA GLU B 280 1.32 -13.09 27.85
C GLU B 280 1.74 -11.80 27.14
N SER B 281 1.33 -10.66 27.69
CA SER B 281 1.69 -9.40 27.07
C SER B 281 1.54 -8.21 28.00
N VAL B 282 2.33 -7.20 27.73
CA VAL B 282 2.23 -5.90 28.38
C VAL B 282 2.08 -4.89 27.27
N GLU B 283 0.97 -4.16 27.28
CA GLU B 283 0.72 -3.15 26.27
C GLU B 283 0.73 -1.79 26.94
N ASN B 284 1.10 -0.79 26.18
CA ASN B 284 1.13 0.58 26.67
C ASN B 284 -0.06 1.34 26.14
N LEU B 285 -0.96 1.74 27.02
CA LEU B 285 -2.11 2.53 26.62
C LEU B 285 -1.78 4.00 26.85
N ASN B 286 -1.82 4.80 25.79
CA ASN B 286 -1.53 6.22 25.91
C ASN B 286 -2.63 7.02 26.58
N VAL B 287 -2.28 7.66 27.69
CA VAL B 287 -3.19 8.54 28.38
C VAL B 287 -3.23 9.87 27.64
N PRO B 288 -4.41 10.29 27.17
CA PRO B 288 -4.52 11.54 26.42
C PRO B 288 -4.06 12.72 27.26
N VAL B 289 -3.29 13.64 26.68
CA VAL B 289 -2.77 14.78 27.42
C VAL B 289 -3.77 15.92 27.27
N THR B 290 -4.35 16.37 28.38
CA THR B 290 -5.40 17.39 28.30
C THR B 290 -4.97 18.82 28.59
N GLN B 291 -3.77 18.98 29.13
CA GLN B 291 -3.26 20.31 29.45
C GLN B 291 -1.94 20.54 28.76
N PRO B 292 -1.93 21.41 27.74
CA PRO B 292 -0.70 21.70 27.00
C PRO B 292 0.37 22.30 27.91
N MET B 293 1.59 21.76 27.80
CA MET B 293 2.76 22.30 28.47
C MET B 293 3.89 22.44 27.48
N ALA B 294 4.83 23.34 27.77
CA ALA B 294 6.05 23.47 26.97
C ALA B 294 7.16 24.08 27.80
N VAL B 295 8.40 23.70 27.48
CA VAL B 295 9.57 24.28 28.11
C VAL B 295 10.33 25.06 27.04
N LEU B 296 10.70 26.29 27.36
CA LEU B 296 11.48 27.10 26.42
C LEU B 296 12.84 27.42 27.01
N LYS B 297 13.88 27.05 26.27
CA LYS B 297 15.25 27.30 26.69
C LYS B 297 15.97 28.16 25.67
N GLY B 298 17.06 28.81 26.09
CA GLY B 298 17.85 29.65 25.22
C GLY B 298 18.05 31.04 25.78
N ASP B 299 18.73 31.90 25.01
CA ASP B 299 18.93 33.29 25.41
C ASP B 299 17.65 34.09 25.17
N LEU B 300 17.63 35.33 25.64
CA LEU B 300 16.45 36.18 25.56
C LEU B 300 15.86 36.24 24.15
N ALA B 301 16.72 36.41 23.16
CA ALA B 301 16.27 36.45 21.77
C ALA B 301 15.63 35.13 21.36
N SER B 302 16.29 34.03 21.70
CA SER B 302 15.79 32.69 21.39
C SER B 302 14.40 32.48 21.95
N ILE B 303 14.22 32.77 23.23
CA ILE B 303 12.94 32.60 23.91
C ILE B 303 11.86 33.51 23.32
N THR B 304 12.25 34.73 22.95
CA THR B 304 11.35 35.65 22.27
C THR B 304 10.89 35.05 20.94
N ALA B 305 11.83 34.49 20.19
CA ALA B 305 11.51 33.89 18.91
C ALA B 305 10.52 32.73 19.06
N GLN B 306 10.81 31.82 19.99
CA GLN B 306 9.98 30.64 20.23
C GLN B 306 8.58 31.00 20.69
N LEU B 307 8.48 32.11 21.41
CA LEU B 307 7.24 32.54 22.06
C LEU B 307 6.17 32.91 21.03
N GLU B 308 6.61 33.24 19.82
CA GLU B 308 5.69 33.63 18.75
C GLU B 308 4.92 32.43 18.17
N GLN B 309 5.24 31.25 18.67
CA GLN B 309 4.60 30.01 18.26
C GLN B 309 3.08 30.03 18.46
N TRP B 310 2.62 30.82 19.42
CA TRP B 310 1.21 30.81 19.80
C TRP B 310 0.46 32.09 19.46
N ARG B 311 1.13 32.98 18.74
CA ARG B 311 0.51 34.25 18.36
C ARG B 311 -0.70 34.02 17.46
N ASP B 312 -1.86 34.45 17.94
CA ASP B 312 -3.12 34.28 17.21
C ASP B 312 -3.36 32.82 16.81
N VAL B 313 -3.12 31.91 17.76
CA VAL B 313 -3.29 30.48 17.51
C VAL B 313 -4.59 29.97 18.13
N SER B 314 -5.01 30.62 19.21
CA SER B 314 -6.28 30.29 19.89
C SER B 314 -6.43 28.85 20.36
N GLN B 315 -5.75 28.52 21.46
CA GLN B 315 -5.80 27.18 22.03
C GLN B 315 -6.37 27.23 23.43
N GLU B 316 -7.25 26.28 23.74
CA GLU B 316 -7.81 26.17 25.09
C GLU B 316 -7.83 24.70 25.51
N PRO B 317 -7.27 24.39 26.69
CA PRO B 317 -6.70 25.31 27.69
C PRO B 317 -5.39 25.97 27.23
N PRO B 318 -5.06 27.14 27.80
CA PRO B 318 -3.82 27.84 27.46
C PRO B 318 -2.59 27.02 27.84
N VAL B 319 -1.49 27.23 27.14
CA VAL B 319 -0.30 26.42 27.37
C VAL B 319 0.41 26.85 28.65
N TRP B 320 0.77 25.86 29.48
CA TRP B 320 1.59 26.13 30.66
C TRP B 320 3.06 26.17 30.26
N LEU B 321 3.74 27.27 30.59
CA LEU B 321 5.11 27.47 30.11
C LEU B 321 6.16 27.47 31.21
N ASP B 322 7.29 26.83 30.89
CA ASP B 322 8.49 26.85 31.71
C ASP B 322 9.58 27.56 30.89
N ILE B 323 10.11 28.67 31.41
CA ILE B 323 11.15 29.42 30.70
C ILE B 323 12.50 29.26 31.37
N GLU B 324 13.42 28.57 30.69
CA GLU B 324 14.78 28.45 31.16
C GLU B 324 15.62 29.47 30.40
N ILE B 325 15.91 30.58 31.05
CA ILE B 325 16.59 31.70 30.39
C ILE B 325 18.06 31.78 30.77
N THR B 326 18.90 32.06 29.77
CA THR B 326 20.33 32.24 29.98
C THR B 326 20.72 33.69 29.75
N THR B 327 21.22 34.34 30.80
CA THR B 327 21.60 35.74 30.74
C THR B 327 22.42 36.16 31.95
N ASP B 328 23.19 37.23 31.80
CA ASP B 328 23.98 37.76 32.91
C ASP B 328 23.07 38.47 33.90
N GLU B 329 21.82 38.68 33.50
CA GLU B 329 20.85 39.38 34.32
C GLU B 329 20.09 38.43 35.25
N TYR B 330 19.87 38.88 36.49
CA TYR B 330 19.12 38.10 37.45
C TYR B 330 17.68 37.93 36.98
N LEU B 331 17.04 36.85 37.41
CA LEU B 331 15.69 36.51 36.99
C LEU B 331 14.65 37.61 37.30
N HIS B 332 14.84 38.30 38.43
CA HIS B 332 13.89 39.32 38.87
C HIS B 332 13.66 40.40 37.81
N ASP B 333 14.67 40.63 36.98
CA ASP B 333 14.52 41.51 35.83
C ASP B 333 14.20 40.71 34.57
N ILE B 334 14.69 39.48 34.50
CA ILE B 334 14.37 38.60 33.39
C ILE B 334 12.87 38.28 33.41
N GLN B 335 12.34 38.03 34.60
CA GLN B 335 10.91 37.78 34.77
C GLN B 335 10.11 39.05 34.47
N ARG B 336 10.72 40.20 34.70
CA ARG B 336 10.09 41.47 34.38
C ARG B 336 9.90 41.60 32.86
N LYS B 337 10.91 41.18 32.10
CA LYS B 337 10.86 41.24 30.65
C LYS B 337 9.93 40.18 30.07
N ILE B 338 10.03 38.96 30.60
CA ILE B 338 9.21 37.85 30.14
C ILE B 338 7.73 38.13 30.38
N GLN B 339 7.41 38.66 31.55
CA GLN B 339 6.03 38.95 31.92
C GLN B 339 5.38 39.92 30.94
N ALA B 340 6.17 40.87 30.45
CA ALA B 340 5.66 41.86 29.50
C ALA B 340 5.53 41.28 28.11
N LEU B 341 6.44 40.35 27.76
CA LEU B 341 6.50 39.83 26.41
C LEU B 341 5.36 38.87 26.09
N THR B 342 4.66 38.41 27.12
CA THR B 342 3.73 37.30 26.96
C THR B 342 2.23 37.65 26.98
N GLU B 343 1.90 38.87 27.38
CA GLU B 343 0.50 39.29 27.42
C GLU B 343 -0.14 39.23 26.03
N SER B 344 -1.41 38.82 25.99
CA SER B 344 -2.18 38.66 24.76
C SER B 344 -1.75 37.46 23.92
N LEU B 345 -1.21 36.45 24.60
CA LEU B 345 -0.88 35.18 23.96
C LEU B 345 -1.51 34.06 24.79
N PRO B 346 -2.05 33.02 24.12
CA PRO B 346 -2.72 31.92 24.82
C PRO B 346 -1.77 31.04 25.63
N VAL B 347 -0.92 31.65 26.45
CA VAL B 347 0.02 30.92 27.28
C VAL B 347 -0.02 31.42 28.72
N GLU B 348 0.57 30.65 29.62
CA GLU B 348 0.61 31.01 31.03
C GLU B 348 1.93 30.56 31.63
N VAL B 349 2.76 31.52 32.02
CA VAL B 349 4.10 31.20 32.46
C VAL B 349 4.11 30.86 33.94
N LEU B 350 4.53 29.64 34.25
CA LEU B 350 4.52 29.13 35.61
C LEU B 350 5.89 29.23 36.25
N LEU B 351 6.92 29.12 35.42
CA LEU B 351 8.29 29.05 35.93
C LEU B 351 9.22 29.86 35.05
N VAL B 352 10.06 30.67 35.68
CA VAL B 352 11.18 31.32 35.00
C VAL B 352 12.44 31.05 35.79
N ARG B 353 13.38 30.32 35.19
CA ARG B 353 14.61 29.95 35.88
C ARG B 353 15.85 30.38 35.10
N ARG B 354 16.98 29.70 35.36
CA ARG B 354 18.22 29.97 34.65
C ARG B 354 18.98 28.68 34.37
N MET C 10 6.30 -53.36 2.78
CA MET C 10 6.47 -52.33 3.79
C MET C 10 5.51 -51.16 3.57
N ASP C 11 5.41 -50.28 4.56
CA ASP C 11 4.52 -49.13 4.45
C ASP C 11 5.05 -48.15 3.43
N ILE C 12 4.14 -47.43 2.79
CA ILE C 12 4.48 -46.54 1.71
C ILE C 12 4.04 -45.12 2.01
N GLU C 13 5.00 -44.22 2.16
CA GLU C 13 4.68 -42.82 2.33
C GLU C 13 4.50 -42.14 0.97
N PHE C 14 3.27 -41.71 0.67
CA PHE C 14 2.97 -41.08 -0.62
C PHE C 14 2.97 -39.56 -0.51
N MET C 15 3.31 -38.92 -1.63
CA MET C 15 3.10 -37.49 -1.84
C MET C 15 2.65 -37.41 -3.28
N ARG C 16 1.52 -36.75 -3.54
CA ARG C 16 0.99 -36.69 -4.89
C ARG C 16 0.73 -35.24 -5.25
N ILE C 17 1.27 -34.80 -6.38
CA ILE C 17 1.05 -33.41 -6.76
C ILE C 17 0.55 -33.35 -8.18
N LEU C 18 -0.17 -32.28 -8.49
CA LEU C 18 -0.53 -32.02 -9.86
C LEU C 18 0.37 -30.88 -10.37
N HIS C 19 0.88 -31.05 -11.58
CA HIS C 19 1.81 -30.06 -12.17
C HIS C 19 1.10 -29.48 -13.38
N THR C 20 0.82 -28.17 -13.32
CA THR C 20 0.19 -27.48 -14.44
C THR C 20 0.97 -26.16 -14.61
N SER C 21 0.67 -25.41 -15.65
CA SER C 21 1.39 -24.15 -15.93
C SER C 21 0.68 -23.47 -17.09
N ASP C 22 1.09 -22.23 -17.40
CA ASP C 22 0.63 -21.58 -18.62
C ASP C 22 -0.89 -21.59 -18.83
N TRP C 23 -1.60 -21.16 -17.80
CA TRP C 23 -3.03 -20.95 -17.88
C TRP C 23 -3.33 -19.81 -18.83
N HIS C 24 -2.52 -18.76 -18.72
CA HIS C 24 -2.76 -17.54 -19.49
C HIS C 24 -4.20 -17.04 -19.34
N LEU C 25 -4.66 -17.01 -18.08
CA LEU C 25 -5.98 -16.47 -17.76
C LEU C 25 -6.08 -15.05 -18.31
N GLY C 26 -7.21 -14.73 -18.95
CA GLY C 26 -7.41 -13.41 -19.50
C GLY C 26 -6.84 -13.23 -20.89
N GLN C 27 -6.39 -14.32 -21.52
CA GLN C 27 -5.89 -14.24 -22.89
C GLN C 27 -6.96 -13.67 -23.81
N ASN C 28 -6.60 -12.67 -24.60
CA ASN C 28 -7.49 -12.22 -25.67
C ASN C 28 -7.09 -12.95 -26.95
N PHE C 29 -7.92 -13.89 -27.38
CA PHE C 29 -7.59 -14.80 -28.46
C PHE C 29 -8.32 -14.34 -29.70
N TYR C 30 -7.69 -13.45 -30.46
CA TYR C 30 -8.30 -12.90 -31.67
C TYR C 30 -9.70 -12.33 -31.37
N SER C 31 -9.78 -11.58 -30.27
CA SER C 31 -11.00 -10.93 -29.77
C SER C 31 -11.93 -11.87 -28.96
N LYS C 32 -11.61 -13.17 -28.92
CA LYS C 32 -12.45 -14.10 -28.12
C LYS C 32 -11.91 -14.26 -26.70
N SER C 33 -12.82 -14.35 -25.74
CA SER C 33 -12.45 -14.69 -24.36
C SER C 33 -12.30 -16.21 -24.23
N ARG C 34 -11.36 -16.63 -23.40
CA ARG C 34 -11.19 -18.06 -23.07
C ARG C 34 -11.85 -18.36 -21.74
N GLU C 35 -12.63 -17.41 -21.21
CA GLU C 35 -13.17 -17.56 -19.87
C GLU C 35 -13.95 -18.86 -19.70
N ALA C 36 -14.83 -19.18 -20.64
CA ALA C 36 -15.65 -20.39 -20.49
C ALA C 36 -14.77 -21.65 -20.43
N GLU C 37 -13.72 -21.66 -21.25
CA GLU C 37 -12.84 -22.81 -21.31
C GLU C 37 -12.01 -22.90 -20.06
N HIS C 38 -11.56 -21.75 -19.56
CA HIS C 38 -10.81 -21.74 -18.31
C HIS C 38 -11.65 -22.17 -17.12
N GLN C 39 -12.91 -21.73 -17.08
CA GLN C 39 -13.76 -22.12 -15.97
C GLN C 39 -13.98 -23.62 -15.98
N ALA C 40 -14.22 -24.18 -17.17
CA ALA C 40 -14.41 -25.63 -17.30
C ALA C 40 -13.15 -26.39 -16.89
N PHE C 41 -11.98 -25.91 -17.30
CA PHE C 41 -10.72 -26.53 -16.91
C PHE C 41 -10.51 -26.45 -15.40
N LEU C 42 -10.81 -25.29 -14.80
CA LEU C 42 -10.53 -25.13 -13.37
C LEU C 42 -11.47 -26.01 -12.56
N ASP C 43 -12.70 -26.17 -13.02
CA ASP C 43 -13.62 -27.08 -12.35
C ASP C 43 -13.11 -28.52 -12.51
N TRP C 44 -12.62 -28.84 -13.70
CA TRP C 44 -12.05 -30.17 -13.93
C TRP C 44 -10.81 -30.43 -13.06
N LEU C 45 -10.00 -29.39 -12.87
N LEU C 45 -9.99 -29.39 -12.86
CA LEU C 45 -8.77 -29.48 -12.09
CA LEU C 45 -8.76 -29.54 -12.08
C LEU C 45 -9.10 -29.86 -10.65
C LEU C 45 -9.07 -29.85 -10.61
N LEU C 46 -10.12 -29.24 -10.08
CA LEU C 46 -10.53 -29.50 -8.71
C LEU C 46 -11.04 -30.92 -8.59
N GLU C 47 -11.92 -31.31 -9.49
CA GLU C 47 -12.48 -32.66 -9.48
C GLU C 47 -11.32 -33.67 -9.56
N THR C 48 -10.36 -33.36 -10.42
CA THR C 48 -9.21 -34.25 -10.65
C THR C 48 -8.31 -34.37 -9.42
N ALA C 49 -8.12 -33.26 -8.73
CA ALA C 49 -7.35 -33.26 -7.48
C ALA C 49 -8.02 -34.13 -6.42
N GLN C 50 -9.34 -34.06 -6.34
CA GLN C 50 -10.08 -34.90 -5.40
C GLN C 50 -9.99 -36.38 -5.79
N THR C 51 -10.26 -36.63 -7.06
CA THR C 51 -10.28 -37.99 -7.59
C THR C 51 -8.97 -38.71 -7.26
N HIS C 52 -7.85 -38.01 -7.45
CA HIS C 52 -6.55 -38.63 -7.28
C HIS C 52 -5.91 -38.42 -5.91
N GLN C 53 -6.69 -37.87 -4.96
CA GLN C 53 -6.25 -37.72 -3.58
C GLN C 53 -4.98 -36.87 -3.50
N VAL C 54 -4.93 -35.85 -4.35
CA VAL C 54 -3.75 -35.01 -4.49
C VAL C 54 -3.45 -34.16 -3.24
N ASP C 55 -2.17 -33.98 -2.90
CA ASP C 55 -1.78 -33.17 -1.75
C ASP C 55 -1.57 -31.71 -2.14
N ALA C 56 -1.05 -31.49 -3.34
CA ALA C 56 -0.72 -30.13 -3.74
C ALA C 56 -0.83 -29.96 -5.25
N ILE C 57 -1.13 -28.75 -5.66
CA ILE C 57 -1.20 -28.39 -7.07
C ILE C 57 -0.12 -27.32 -7.22
N ILE C 58 0.73 -27.50 -8.23
CA ILE C 58 1.81 -26.54 -8.51
C ILE C 58 1.54 -25.91 -9.87
N VAL C 59 1.48 -24.58 -9.92
CA VAL C 59 1.22 -23.89 -11.18
C VAL C 59 2.54 -23.18 -11.52
N ALA C 60 3.26 -23.74 -12.47
CA ALA C 60 4.65 -23.35 -12.74
C ALA C 60 4.72 -22.13 -13.67
N GLY C 61 3.99 -21.07 -13.33
CA GLY C 61 4.16 -19.81 -14.04
C GLY C 61 3.20 -19.56 -15.17
N ASP C 62 3.01 -18.27 -15.49
CA ASP C 62 2.03 -17.79 -16.48
C ASP C 62 0.59 -18.14 -16.10
N VAL C 63 0.23 -17.75 -14.87
CA VAL C 63 -1.14 -17.86 -14.39
C VAL C 63 -2.00 -16.96 -15.26
N PHE C 64 -1.54 -15.71 -15.46
CA PHE C 64 -2.21 -14.74 -16.32
C PHE C 64 -1.53 -14.58 -17.65
N ASP C 65 -2.28 -14.09 -18.63
CA ASP C 65 -1.76 -13.87 -19.97
C ASP C 65 -0.90 -12.58 -20.03
N THR C 66 -1.20 -11.65 -19.12
CA THR C 66 -0.41 -10.41 -18.97
C THR C 66 -0.25 -9.98 -17.52
N GLY C 67 0.60 -8.98 -17.32
CA GLY C 67 0.81 -8.42 -16.00
C GLY C 67 -0.40 -7.62 -15.50
N SER C 68 -1.40 -7.43 -16.36
CA SER C 68 -2.54 -6.60 -15.98
C SER C 68 -3.83 -7.24 -16.43
N PRO C 69 -4.21 -8.31 -15.74
CA PRO C 69 -5.33 -9.13 -16.22
C PRO C 69 -6.67 -8.43 -16.04
N PRO C 70 -7.63 -8.76 -16.91
CA PRO C 70 -8.99 -8.21 -16.81
C PRO C 70 -9.69 -8.73 -15.55
N SER C 71 -10.74 -8.03 -15.11
CA SER C 71 -11.48 -8.41 -13.92
C SER C 71 -11.94 -9.87 -13.96
N TYR C 72 -12.44 -10.31 -15.09
CA TYR C 72 -12.99 -11.67 -15.12
C TYR C 72 -11.89 -12.70 -14.87
N ALA C 73 -10.66 -12.41 -15.28
CA ALA C 73 -9.55 -13.35 -15.08
C ALA C 73 -9.11 -13.33 -13.61
N ARG C 74 -9.14 -12.14 -13.01
CA ARG C 74 -8.82 -12.05 -11.60
C ARG C 74 -9.85 -12.86 -10.81
N THR C 75 -11.08 -12.81 -11.29
CA THR C 75 -12.17 -13.53 -10.62
C THR C 75 -12.01 -15.05 -10.77
N LEU C 76 -11.63 -15.51 -11.96
CA LEU C 76 -11.35 -16.94 -12.20
C LEU C 76 -10.31 -17.45 -11.21
N TYR C 77 -9.26 -16.65 -11.03
CA TYR C 77 -8.17 -17.04 -10.13
C TYR C 77 -8.60 -17.08 -8.66
N ASN C 78 -9.27 -16.01 -8.21
CA ASN C 78 -9.73 -15.95 -6.85
C ASN C 78 -10.74 -17.07 -6.56
N ARG C 79 -11.63 -17.29 -7.51
CA ARG C 79 -12.68 -18.29 -7.35
C ARG C 79 -12.09 -19.69 -7.25
N PHE C 80 -11.02 -19.92 -8.01
CA PHE C 80 -10.36 -21.22 -7.96
C PHE C 80 -9.78 -21.43 -6.56
N VAL C 81 -9.12 -20.40 -6.04
CA VAL C 81 -8.53 -20.51 -4.71
C VAL C 81 -9.61 -20.72 -3.65
N VAL C 82 -10.72 -20.04 -3.81
CA VAL C 82 -11.85 -20.28 -2.90
C VAL C 82 -12.33 -21.74 -2.96
N ASN C 83 -12.58 -22.21 -4.18
CA ASN C 83 -13.10 -23.57 -4.36
C ASN C 83 -12.10 -24.63 -3.84
N LEU C 84 -10.81 -24.33 -3.99
CA LEU C 84 -9.78 -25.23 -3.51
C LEU C 84 -9.86 -25.47 -2.01
N GLN C 85 -10.45 -24.53 -1.26
CA GLN C 85 -10.58 -24.70 0.18
C GLN C 85 -11.45 -25.90 0.54
N GLN C 86 -12.32 -26.32 -0.38
CA GLN C 86 -13.17 -27.50 -0.15
C GLN C 86 -12.38 -28.81 -0.30
N THR C 87 -11.17 -28.72 -0.83
CA THR C 87 -10.36 -29.93 -1.03
C THR C 87 -9.38 -30.20 0.11
N GLY C 88 -8.87 -29.15 0.75
CA GLY C 88 -7.76 -29.34 1.68
C GLY C 88 -6.39 -29.50 1.02
N CYS C 89 -6.32 -29.35 -0.29
N CYS C 89 -6.31 -29.30 -0.28
CA CYS C 89 -5.06 -29.35 -1.00
CA CYS C 89 -5.06 -29.46 -1.02
C CYS C 89 -4.30 -28.07 -0.69
C CYS C 89 -4.30 -28.12 -1.17
N HIS C 90 -2.99 -28.12 -0.89
CA HIS C 90 -2.18 -26.90 -0.89
C HIS C 90 -1.96 -26.43 -2.32
N LEU C 91 -1.91 -25.12 -2.53
CA LEU C 91 -1.70 -24.59 -3.88
C LEU C 91 -0.41 -23.77 -3.91
N VAL C 92 0.44 -24.01 -4.90
CA VAL C 92 1.65 -23.20 -5.08
C VAL C 92 1.50 -22.50 -6.40
N VAL C 93 1.60 -21.17 -6.38
CA VAL C 93 1.39 -20.36 -7.57
C VAL C 93 2.70 -19.65 -7.77
N LEU C 94 3.35 -19.89 -8.91
CA LEU C 94 4.62 -19.24 -9.25
C LEU C 94 4.39 -18.27 -10.40
N ALA C 95 5.12 -17.16 -10.41
CA ALA C 95 5.00 -16.21 -11.51
C ALA C 95 5.76 -16.72 -12.75
N GLY C 96 5.16 -16.53 -13.93
CA GLY C 96 5.87 -16.75 -15.18
C GLY C 96 6.35 -15.39 -15.70
N ASN C 97 6.86 -15.34 -16.92
CA ASN C 97 7.26 -14.04 -17.51
C ASN C 97 6.03 -13.17 -17.81
N HIS C 98 4.87 -13.79 -17.99
CA HIS C 98 3.68 -13.00 -18.28
C HIS C 98 2.99 -12.47 -17.03
N ASP C 99 3.38 -12.99 -15.87
CA ASP C 99 2.80 -12.51 -14.63
C ASP C 99 3.57 -11.32 -14.14
N SER C 100 2.85 -10.37 -13.56
CA SER C 100 3.51 -9.22 -12.95
C SER C 100 3.82 -9.62 -11.53
N VAL C 101 5.03 -9.34 -11.08
CA VAL C 101 5.37 -9.59 -9.69
C VAL C 101 4.43 -8.81 -8.77
N ALA C 102 4.21 -7.54 -9.08
CA ALA C 102 3.33 -6.70 -8.27
C ALA C 102 1.92 -7.28 -8.24
N THR C 103 1.44 -7.72 -9.40
CA THR C 103 0.07 -8.25 -9.48
C THR C 103 -0.13 -9.50 -8.64
N LEU C 104 0.77 -10.46 -8.76
CA LEU C 104 0.62 -11.68 -7.98
C LEU C 104 0.86 -11.41 -6.50
N ASN C 105 1.76 -10.47 -6.20
CA ASN C 105 1.99 -10.14 -4.80
C ASN C 105 0.84 -9.38 -4.12
N GLU C 106 -0.06 -8.81 -4.91
CA GLU C 106 -1.21 -8.07 -4.33
C GLU C 106 -1.95 -8.91 -3.32
N SER C 107 -2.04 -10.20 -3.61
CA SER C 107 -2.84 -11.08 -2.77
C SER C 107 -2.04 -12.20 -2.12
N ARG C 108 -0.71 -12.09 -2.16
CA ARG C 108 0.14 -13.14 -1.56
C ARG C 108 -0.23 -13.42 -0.09
N ASP C 109 -0.38 -12.36 0.69
CA ASP C 109 -0.64 -12.56 2.12
C ASP C 109 -2.07 -13.04 2.37
N ILE C 110 -3.00 -12.66 1.49
CA ILE C 110 -4.36 -13.18 1.59
C ILE C 110 -4.37 -14.67 1.29
N MET C 111 -3.69 -15.04 0.21
CA MET C 111 -3.62 -16.44 -0.22
C MET C 111 -3.03 -17.33 0.85
N ALA C 112 -2.11 -16.78 1.64
CA ALA C 112 -1.48 -17.53 2.72
C ALA C 112 -2.50 -18.03 3.76
N PHE C 113 -3.62 -17.32 3.87
CA PHE C 113 -4.71 -17.75 4.76
C PHE C 113 -5.54 -18.87 4.13
N LEU C 114 -5.37 -19.05 2.84
CA LEU C 114 -6.18 -20.01 2.07
C LEU C 114 -5.32 -21.15 1.52
N ASN C 115 -4.36 -21.61 2.31
CA ASN C 115 -3.55 -22.76 1.93
C ASN C 115 -2.85 -22.59 0.58
N THR C 116 -2.39 -21.38 0.30
CA THR C 116 -1.82 -21.10 -1.00
C THR C 116 -0.54 -20.31 -0.82
N THR C 117 0.52 -20.79 -1.46
CA THR C 117 1.83 -20.13 -1.43
C THR C 117 2.03 -19.46 -2.77
N VAL C 118 2.12 -18.13 -2.76
CA VAL C 118 2.35 -17.37 -3.97
C VAL C 118 3.81 -16.93 -3.98
N VAL C 119 4.52 -17.31 -5.03
CA VAL C 119 5.94 -17.00 -5.14
C VAL C 119 6.17 -16.28 -6.47
N ALA C 120 6.33 -14.96 -6.41
CA ALA C 120 6.41 -14.19 -7.65
C ALA C 120 7.84 -13.75 -7.97
N SER C 121 8.63 -13.54 -6.94
CA SER C 121 9.95 -13.00 -7.15
C SER C 121 11.00 -14.02 -6.73
N ALA C 122 12.17 -13.87 -7.30
CA ALA C 122 13.33 -14.68 -6.96
C ALA C 122 13.65 -14.58 -5.48
N GLY C 123 14.26 -15.64 -4.95
CA GLY C 123 14.87 -15.58 -3.63
C GLY C 123 14.09 -16.22 -2.50
N HIS C 124 12.94 -16.79 -2.82
CA HIS C 124 12.15 -17.51 -1.81
C HIS C 124 12.91 -18.75 -1.33
N ALA C 125 13.00 -18.93 -0.02
CA ALA C 125 13.69 -20.09 0.55
C ALA C 125 12.90 -21.39 0.29
N PRO C 126 13.57 -22.55 0.32
CA PRO C 126 12.82 -23.80 0.18
C PRO C 126 11.80 -23.94 1.31
N GLN C 127 10.75 -24.70 1.07
CA GLN C 127 9.75 -24.87 2.10
C GLN C 127 9.21 -26.29 2.12
N ILE C 128 8.68 -26.68 3.28
CA ILE C 128 8.04 -27.98 3.39
C ILE C 128 6.65 -27.88 2.79
N LEU C 129 6.36 -28.72 1.79
CA LEU C 129 4.99 -28.83 1.27
C LEU C 129 4.27 -29.88 2.10
N PRO C 130 3.14 -29.53 2.71
CA PRO C 130 2.41 -30.50 3.53
C PRO C 130 1.55 -31.45 2.71
N ARG C 131 1.30 -32.63 3.27
CA ARG C 131 0.30 -33.54 2.73
C ARG C 131 -1.05 -33.14 3.30
N ARG C 132 -2.12 -33.77 2.83
CA ARG C 132 -3.46 -33.45 3.30
C ARG C 132 -3.60 -33.51 4.82
N ASP C 133 -2.86 -34.42 5.46
CA ASP C 133 -2.99 -34.60 6.91
C ASP C 133 -2.08 -33.67 7.69
N GLY C 134 -1.41 -32.77 6.98
CA GLY C 134 -0.54 -31.78 7.60
C GLY C 134 0.92 -32.19 7.73
N THR C 135 1.21 -33.47 7.54
CA THR C 135 2.58 -33.95 7.74
C THR C 135 3.44 -33.57 6.54
N PRO C 136 4.76 -33.48 6.74
CA PRO C 136 5.60 -33.06 5.62
C PRO C 136 5.52 -34.04 4.45
N GLY C 137 5.40 -33.51 3.24
CA GLY C 137 5.29 -34.35 2.05
C GLY C 137 6.45 -34.22 1.09
N ALA C 138 6.98 -33.00 0.97
CA ALA C 138 8.08 -32.73 0.06
C ALA C 138 8.78 -31.47 0.51
N VAL C 139 10.02 -31.30 0.06
CA VAL C 139 10.68 -30.02 0.24
C VAL C 139 10.59 -29.37 -1.11
N LEU C 140 9.99 -28.19 -1.16
CA LEU C 140 9.80 -27.49 -2.43
C LEU C 140 10.80 -26.37 -2.58
N CYS C 141 11.45 -26.30 -3.74
CA CYS C 141 12.20 -25.10 -4.15
C CYS C 141 11.30 -24.30 -5.07
N PRO C 142 10.68 -23.27 -4.53
CA PRO C 142 9.71 -22.50 -5.32
C PRO C 142 10.43 -21.47 -6.18
N ILE C 143 10.62 -21.80 -7.46
CA ILE C 143 11.39 -20.95 -8.35
C ILE C 143 10.52 -20.48 -9.50
N PRO C 144 10.20 -19.18 -9.53
CA PRO C 144 9.33 -18.66 -10.59
C PRO C 144 10.21 -18.27 -11.78
N PHE C 145 9.62 -17.64 -12.78
CA PHE C 145 10.45 -17.00 -13.82
C PHE C 145 11.46 -16.07 -13.15
N LEU C 146 12.74 -16.24 -13.47
CA LEU C 146 13.78 -15.41 -12.87
C LEU C 146 14.13 -14.22 -13.78
N ARG C 147 13.72 -13.03 -13.35
CA ARG C 147 14.07 -11.80 -14.05
C ARG C 147 15.58 -11.56 -13.87
N PRO C 148 16.30 -11.25 -14.96
CA PRO C 148 17.76 -11.10 -14.88
C PRO C 148 18.22 -10.14 -13.78
N ARG C 149 17.63 -8.95 -13.70
CA ARG C 149 17.95 -7.97 -12.66
C ARG C 149 17.83 -8.49 -11.22
N ASP C 150 17.01 -9.52 -11.03
CA ASP C 150 16.80 -10.11 -9.70
C ASP C 150 17.88 -11.11 -9.30
N ILE C 151 18.65 -11.63 -10.27
CA ILE C 151 19.66 -12.64 -9.95
C ILE C 151 21.08 -12.32 -10.40
N ILE C 152 21.25 -11.41 -11.35
CA ILE C 152 22.61 -11.07 -11.81
C ILE C 152 23.27 -10.00 -10.97
N THR C 153 24.60 -9.98 -11.04
CA THR C 153 25.43 -8.99 -10.37
C THR C 153 26.80 -9.18 -10.90
N SER C 154 27.35 -8.19 -11.58
CA SER C 154 26.79 -6.86 -11.63
C SER C 154 26.66 -6.39 -13.04
N GLN C 155 25.47 -5.96 -13.38
CA GLN C 155 25.27 -5.33 -14.67
C GLN C 155 25.84 -6.16 -15.79
N ALA C 156 26.72 -5.53 -16.55
CA ALA C 156 27.32 -6.10 -17.73
C ALA C 156 28.62 -6.70 -17.33
N GLY C 157 28.72 -8.02 -17.48
CA GLY C 157 29.96 -8.74 -17.60
C GLY C 157 30.51 -8.95 -18.98
N LEU C 158 31.46 -8.13 -19.37
CA LEU C 158 31.91 -7.93 -20.74
C LEU C 158 30.89 -7.70 -21.84
N ASN C 159 31.15 -8.41 -22.92
CA ASN C 159 30.43 -8.33 -24.19
C ASN C 159 29.22 -9.25 -24.26
N GLY C 160 28.70 -9.43 -25.47
CA GLY C 160 27.49 -10.20 -25.69
C GLY C 160 27.58 -11.66 -25.32
N ILE C 161 28.71 -12.29 -25.65
CA ILE C 161 28.93 -13.69 -25.31
C ILE C 161 29.07 -13.85 -23.81
N GLU C 162 29.78 -12.91 -23.19
CA GLU C 162 29.95 -12.93 -21.74
C GLU C 162 28.63 -12.66 -21.02
N LYS C 163 27.80 -11.82 -21.63
CA LYS C 163 26.47 -11.55 -21.09
C LYS C 163 25.63 -12.84 -21.06
N GLN C 164 25.72 -13.63 -22.13
CA GLN C 164 25.00 -14.90 -22.20
C GLN C 164 25.55 -15.82 -21.12
N GLN C 165 26.87 -15.91 -21.05
CA GLN C 165 27.54 -16.74 -20.05
C GLN C 165 27.16 -16.30 -18.64
N HIS C 166 27.10 -14.99 -18.43
CA HIS C 166 26.80 -14.43 -17.11
C HIS C 166 25.38 -14.80 -16.65
N LEU C 167 24.41 -14.67 -17.55
CA LEU C 167 23.04 -15.01 -17.18
C LEU C 167 22.89 -16.52 -16.99
N LEU C 168 23.51 -17.29 -17.88
CA LEU C 168 23.45 -18.76 -17.76
C LEU C 168 24.01 -19.21 -16.41
N ALA C 169 25.15 -18.65 -16.03
CA ALA C 169 25.77 -18.95 -14.73
C ALA C 169 24.89 -18.51 -13.56
N ALA C 170 24.26 -17.34 -13.69
CA ALA C 170 23.38 -16.86 -12.62
C ALA C 170 22.21 -17.82 -12.39
N ILE C 171 21.58 -18.27 -13.47
CA ILE C 171 20.44 -19.18 -13.32
C ILE C 171 20.93 -20.52 -12.77
N THR C 172 22.05 -20.99 -13.30
CA THR C 172 22.61 -22.27 -12.84
C THR C 172 22.97 -22.23 -11.37
N ASP C 173 23.66 -21.17 -10.95
CA ASP C 173 24.06 -21.02 -9.55
C ASP C 173 22.85 -20.85 -8.61
N TYR C 174 21.81 -20.15 -9.07
CA TYR C 174 20.61 -19.95 -8.28
C TYR C 174 19.97 -21.30 -7.96
N TYR C 175 19.76 -22.11 -8.99
CA TYR C 175 19.22 -23.45 -8.83
C TYR C 175 20.10 -24.29 -7.91
N GLN C 176 21.40 -24.21 -8.13
CA GLN C 176 22.32 -25.01 -7.34
C GLN C 176 22.25 -24.64 -5.86
N GLN C 177 22.25 -23.33 -5.58
CA GLN C 177 22.26 -22.88 -4.19
C GLN C 177 20.95 -23.21 -3.50
N HIS C 178 19.85 -23.09 -4.22
CA HIS C 178 18.54 -23.39 -3.65
C HIS C 178 18.31 -24.87 -3.46
N TYR C 179 18.86 -25.68 -4.36
CA TYR C 179 18.81 -27.13 -4.16
C TYR C 179 19.63 -27.51 -2.93
N ALA C 180 20.78 -26.85 -2.74
CA ALA C 180 21.63 -27.13 -1.58
C ALA C 180 20.90 -26.77 -0.28
N ASP C 181 20.18 -25.65 -0.30
CA ASP C 181 19.40 -25.20 0.86
C ASP C 181 18.25 -26.18 1.12
N ALA C 182 17.68 -26.73 0.06
CA ALA C 182 16.59 -27.70 0.19
C ALA C 182 17.09 -28.97 0.86
N CYS C 183 18.30 -29.40 0.52
CA CYS C 183 18.87 -30.59 1.14
C CYS C 183 19.11 -30.35 2.63
N LYS C 184 19.53 -29.15 2.97
CA LYS C 184 19.76 -28.81 4.37
C LYS C 184 18.45 -28.84 5.15
N LEU C 185 17.40 -28.26 4.56
CA LEU C 185 16.08 -28.23 5.20
C LEU C 185 15.56 -29.64 5.42
N ARG C 186 15.70 -30.46 4.39
CA ARG C 186 15.27 -31.85 4.46
C ARG C 186 15.97 -32.63 5.56
N GLY C 187 17.28 -32.43 5.69
CA GLY C 187 18.07 -33.16 6.67
C GLY C 187 17.98 -34.64 6.38
N ASP C 188 17.70 -35.43 7.41
CA ASP C 188 17.60 -36.88 7.26
C ASP C 188 16.18 -37.37 6.98
N GLN C 189 15.27 -36.44 6.69
CA GLN C 189 13.89 -36.80 6.36
C GLN C 189 13.82 -37.44 4.98
N PRO C 190 13.08 -38.55 4.83
CA PRO C 190 12.95 -39.18 3.52
C PRO C 190 11.92 -38.48 2.66
N LEU C 191 12.17 -37.21 2.34
CA LEU C 191 11.26 -36.40 1.55
C LEU C 191 11.82 -36.17 0.17
N PRO C 192 10.96 -36.11 -0.85
CA PRO C 192 11.47 -35.75 -2.17
C PRO C 192 11.74 -34.26 -2.22
N ILE C 193 12.68 -33.86 -3.06
CA ILE C 193 12.89 -32.45 -3.33
C ILE C 193 12.30 -32.12 -4.70
N ILE C 194 11.35 -31.18 -4.71
CA ILE C 194 10.71 -30.75 -5.94
C ILE C 194 11.18 -29.35 -6.26
N ALA C 195 11.72 -29.15 -7.45
CA ALA C 195 12.08 -27.81 -7.91
C ALA C 195 11.08 -27.40 -8.97
N THR C 196 10.89 -26.10 -9.13
CA THR C 196 10.06 -25.60 -10.20
C THR C 196 10.92 -24.71 -11.08
N GLY C 197 10.34 -24.20 -12.15
CA GLY C 197 11.04 -23.22 -12.97
C GLY C 197 10.17 -22.76 -14.11
N HIS C 198 10.63 -21.75 -14.81
CA HIS C 198 9.83 -21.20 -15.87
C HIS C 198 10.79 -20.56 -16.85
N LEU C 199 11.10 -21.28 -17.92
CA LEU C 199 12.01 -20.79 -18.95
C LEU C 199 11.95 -21.75 -20.11
N THR C 200 12.84 -21.56 -21.08
CA THR C 200 12.91 -22.42 -22.26
C THR C 200 14.22 -23.19 -22.21
N THR C 201 14.11 -24.52 -22.25
CA THR C 201 15.29 -25.36 -22.25
C THR C 201 15.76 -25.67 -23.65
N VAL C 202 17.05 -26.01 -23.75
CA VAL C 202 17.61 -26.48 -25.00
C VAL C 202 16.80 -27.66 -25.53
N GLY C 203 16.42 -27.60 -26.80
CA GLY C 203 15.67 -28.70 -27.41
C GLY C 203 14.16 -28.65 -27.26
N ALA C 204 13.65 -27.69 -26.50
CA ALA C 204 12.19 -27.59 -26.28
C ALA C 204 11.43 -27.30 -27.57
N SER C 205 10.31 -27.99 -27.80
CA SER C 205 9.51 -27.69 -28.99
C SER C 205 8.57 -26.54 -28.62
N LYS C 206 8.63 -25.46 -29.38
CA LYS C 206 7.83 -24.28 -29.04
C LYS C 206 6.57 -24.25 -29.89
N SER C 207 5.61 -23.43 -29.49
CA SER C 207 4.43 -23.19 -30.30
C SER C 207 4.27 -21.68 -30.41
N ASP C 208 3.37 -21.25 -31.28
CA ASP C 208 3.22 -19.84 -31.63
C ASP C 208 2.96 -18.89 -30.46
N ALA C 209 2.23 -19.35 -29.46
CA ALA C 209 1.93 -18.51 -28.30
C ALA C 209 3.06 -18.43 -27.27
N VAL C 210 4.15 -19.17 -27.49
CA VAL C 210 5.27 -19.13 -26.55
C VAL C 210 6.17 -17.95 -26.90
N ARG C 211 6.23 -16.97 -26.02
CA ARG C 211 6.94 -15.72 -26.35
C ARG C 211 8.41 -15.87 -26.00
N ASP C 212 9.29 -15.31 -26.84
CA ASP C 212 10.70 -15.34 -26.52
C ASP C 212 10.97 -14.59 -25.22
N ILE C 213 11.87 -15.12 -24.41
CA ILE C 213 12.27 -14.49 -23.15
C ILE C 213 13.80 -14.43 -23.11
N TYR C 214 14.35 -13.65 -22.18
CA TYR C 214 15.79 -13.38 -22.14
C TYR C 214 16.31 -12.96 -23.52
N ILE C 215 15.53 -12.12 -24.19
CA ILE C 215 15.82 -11.74 -25.57
C ILE C 215 17.20 -11.11 -25.72
N GLY C 216 17.99 -11.63 -26.64
CA GLY C 216 19.31 -11.11 -26.94
C GLY C 216 20.34 -11.51 -25.90
N THR C 217 19.94 -12.36 -24.94
CA THR C 217 20.81 -12.75 -23.85
C THR C 217 21.01 -14.26 -23.75
N LEU C 218 19.91 -14.99 -23.63
CA LEU C 218 19.96 -16.43 -23.48
C LEU C 218 18.84 -17.08 -24.28
N ASP C 219 19.21 -17.84 -25.30
CA ASP C 219 18.22 -18.43 -26.19
C ASP C 219 17.59 -19.66 -25.55
N ALA C 220 18.41 -20.44 -24.84
CA ALA C 220 17.84 -21.60 -24.16
C ALA C 220 18.72 -22.05 -22.99
N PHE C 221 18.10 -22.73 -22.03
CA PHE C 221 18.79 -23.19 -20.83
C PHE C 221 19.10 -24.67 -20.96
N PRO C 222 20.39 -25.06 -20.87
CA PRO C 222 20.71 -26.49 -20.97
C PRO C 222 20.26 -27.26 -19.74
N ALA C 223 19.40 -28.24 -19.96
CA ALA C 223 18.83 -29.02 -18.85
C ALA C 223 19.87 -29.73 -17.98
N GLN C 224 21.06 -30.00 -18.51
CA GLN C 224 22.08 -30.62 -17.67
C GLN C 224 22.53 -29.66 -16.56
N ASN C 225 22.15 -28.39 -16.67
CA ASN C 225 22.50 -27.40 -15.64
C ASN C 225 21.52 -27.37 -14.46
N PHE C 226 20.49 -28.19 -14.51
CA PHE C 226 19.57 -28.31 -13.38
C PHE C 226 20.21 -29.16 -12.27
N PRO C 227 19.83 -28.90 -11.02
CA PRO C 227 20.30 -29.73 -9.90
C PRO C 227 19.52 -31.05 -9.85
N PRO C 228 20.02 -32.04 -9.09
CA PRO C 228 19.39 -33.37 -9.07
C PRO C 228 18.18 -33.50 -8.17
N ALA C 229 17.21 -32.59 -8.33
CA ALA C 229 15.96 -32.69 -7.60
C ALA C 229 15.23 -33.95 -8.06
N ASP C 230 14.36 -34.46 -7.21
CA ASP C 230 13.55 -35.62 -7.58
C ASP C 230 12.53 -35.33 -8.68
N TYR C 231 12.10 -34.08 -8.77
CA TYR C 231 11.24 -33.67 -9.86
C TYR C 231 11.45 -32.19 -10.12
N ILE C 232 11.43 -31.81 -11.39
CA ILE C 232 11.53 -30.41 -11.74
C ILE C 232 10.33 -30.04 -12.61
N ALA C 233 9.45 -29.22 -12.04
CA ALA C 233 8.17 -28.91 -12.68
C ALA C 233 8.34 -27.59 -13.40
N LEU C 234 8.44 -27.63 -14.72
CA LEU C 234 8.65 -26.40 -15.47
C LEU C 234 7.36 -25.89 -16.13
N GLY C 235 7.40 -24.60 -16.49
CA GLY C 235 6.38 -23.99 -17.33
C GLY C 235 7.06 -23.06 -18.32
N HIS C 236 6.24 -22.46 -19.19
CA HIS C 236 6.56 -21.49 -20.27
C HIS C 236 6.29 -22.08 -21.64
N ILE C 237 6.68 -23.35 -21.82
N ILE C 237 6.70 -23.34 -21.83
CA ILE C 237 6.43 -24.09 -23.06
CA ILE C 237 6.44 -24.09 -23.05
C ILE C 237 5.04 -24.74 -22.98
C ILE C 237 5.04 -24.70 -22.97
N HIS C 238 4.30 -24.68 -24.07
CA HIS C 238 2.90 -25.08 -24.08
C HIS C 238 2.62 -26.53 -24.45
N ARG C 239 3.65 -27.21 -24.99
CA ARG C 239 3.53 -28.61 -25.39
C ARG C 239 4.20 -29.46 -24.31
N ALA C 240 3.44 -30.35 -23.68
CA ALA C 240 3.99 -31.24 -22.67
C ALA C 240 5.14 -32.04 -23.26
N GLN C 241 6.25 -32.12 -22.53
CA GLN C 241 7.36 -32.93 -23.02
C GLN C 241 8.35 -33.18 -21.92
N ILE C 242 9.17 -34.21 -22.17
CA ILE C 242 10.26 -34.58 -21.30
C ILE C 242 11.45 -33.78 -21.78
N ILE C 243 12.26 -33.31 -20.84
N ILE C 243 12.24 -33.26 -20.85
CA ILE C 243 13.37 -32.44 -21.17
CA ILE C 243 13.37 -32.42 -21.23
C ILE C 243 14.72 -33.16 -21.05
C ILE C 243 14.70 -33.15 -21.08
N GLY C 244 15.51 -33.09 -22.12
CA GLY C 244 16.83 -33.70 -22.12
C GLY C 244 16.82 -35.17 -21.83
N GLY C 245 15.74 -35.85 -22.20
CA GLY C 245 15.59 -37.28 -21.97
C GLY C 245 15.43 -37.65 -20.50
N MET C 246 15.20 -36.67 -19.65
CA MET C 246 15.10 -36.92 -18.22
C MET C 246 13.64 -37.00 -17.79
N GLU C 247 13.21 -38.18 -17.35
CA GLU C 247 11.82 -38.38 -16.97
C GLU C 247 11.36 -37.49 -15.81
N HIS C 248 12.31 -37.02 -14.99
CA HIS C 248 11.97 -36.19 -13.84
C HIS C 248 11.99 -34.69 -14.12
N VAL C 249 12.28 -34.32 -15.37
CA VAL C 249 12.32 -32.91 -15.75
C VAL C 249 11.32 -32.66 -16.87
N ARG C 250 10.24 -31.93 -16.56
CA ARG C 250 9.10 -31.93 -17.44
C ARG C 250 8.45 -30.56 -17.66
N TYR C 251 8.01 -30.33 -18.90
CA TYR C 251 6.96 -29.32 -19.12
C TYR C 251 5.64 -30.06 -19.11
N CYS C 252 4.65 -29.49 -18.43
CA CYS C 252 3.30 -30.05 -18.44
C CYS C 252 2.51 -29.54 -19.63
N GLY C 253 3.00 -28.44 -20.23
CA GLY C 253 2.25 -27.76 -21.28
C GLY C 253 1.07 -26.97 -20.72
N SER C 254 0.40 -26.24 -21.61
CA SER C 254 -0.79 -25.46 -21.23
C SER C 254 -2.03 -26.37 -21.16
N PRO C 255 -3.00 -26.04 -20.29
CA PRO C 255 -4.17 -26.91 -20.12
C PRO C 255 -5.23 -26.73 -21.21
N ILE C 256 -5.26 -25.56 -21.85
CA ILE C 256 -6.13 -25.31 -22.99
C ILE C 256 -5.23 -24.85 -24.16
N PRO C 257 -5.69 -24.99 -25.40
CA PRO C 257 -4.83 -24.64 -26.53
C PRO C 257 -4.74 -23.12 -26.64
N LEU C 258 -3.53 -22.60 -26.62
CA LEU C 258 -3.34 -21.14 -26.57
C LEU C 258 -3.04 -20.55 -27.93
N SER C 259 -2.90 -21.40 -28.92
CA SER C 259 -2.67 -20.95 -30.29
C SER C 259 -3.19 -21.99 -31.25
N PHE C 260 -3.47 -21.58 -32.48
CA PHE C 260 -4.06 -22.48 -33.44
C PHE C 260 -3.16 -23.65 -33.82
N ASP C 261 -1.84 -23.47 -33.73
CA ASP C 261 -0.93 -24.57 -34.06
C ASP C 261 -1.00 -25.72 -33.04
N GLU C 262 -1.69 -25.48 -31.94
CA GLU C 262 -1.81 -26.48 -30.87
C GLU C 262 -3.16 -27.17 -30.86
N CYS C 263 -4.06 -26.81 -31.76
CA CYS C 263 -5.36 -27.45 -31.70
C CYS C 263 -5.27 -28.86 -32.31
N GLY C 264 -6.02 -29.79 -31.74
CA GLY C 264 -5.89 -31.18 -32.11
C GLY C 264 -4.74 -31.86 -31.40
N LYS C 265 -3.92 -31.10 -30.67
CA LYS C 265 -2.85 -31.69 -29.87
C LYS C 265 -3.35 -31.99 -28.46
N SER C 266 -2.71 -32.95 -27.80
CA SER C 266 -3.14 -33.32 -26.47
C SER C 266 -2.82 -32.24 -25.46
N LYS C 267 -3.68 -32.14 -24.45
N LYS C 267 -3.70 -32.08 -24.48
CA LYS C 267 -3.54 -31.16 -23.39
CA LYS C 267 -3.50 -31.12 -23.40
C LYS C 267 -3.48 -31.91 -22.06
C LYS C 267 -3.45 -31.92 -22.09
N TYR C 268 -2.46 -31.62 -21.26
CA TYR C 268 -2.27 -32.35 -20.01
C TYR C 268 -2.07 -31.52 -18.78
N VAL C 269 -2.37 -32.14 -17.64
N VAL C 269 -2.36 -32.15 -17.64
CA VAL C 269 -1.73 -31.79 -16.39
CA VAL C 269 -1.79 -31.80 -16.36
C VAL C 269 -1.04 -33.08 -15.96
C VAL C 269 -1.10 -33.08 -15.87
N HIS C 270 0.07 -32.97 -15.26
CA HIS C 270 0.78 -34.17 -14.83
C HIS C 270 0.40 -34.52 -13.40
N LEU C 271 0.10 -35.79 -13.18
CA LEU C 271 -0.04 -36.28 -11.82
C LEU C 271 1.28 -36.94 -11.44
N VAL C 272 1.93 -36.37 -10.43
CA VAL C 272 3.28 -36.79 -10.07
C VAL C 272 3.25 -37.41 -8.70
N THR C 273 3.68 -38.67 -8.62
CA THR C 273 3.61 -39.41 -7.37
C THR C 273 4.97 -39.77 -6.83
N PHE C 274 5.18 -39.49 -5.55
CA PHE C 274 6.42 -39.87 -4.89
C PHE C 274 6.12 -40.94 -3.87
N SER C 275 7.02 -41.92 -3.76
CA SER C 275 6.84 -43.04 -2.84
C SER C 275 8.09 -43.18 -2.00
N ASN C 276 7.92 -43.05 -0.68
CA ASN C 276 9.04 -43.08 0.27
C ASN C 276 10.19 -42.15 -0.16
N GLY C 277 9.82 -40.97 -0.60
CA GLY C 277 10.78 -39.91 -0.84
C GLY C 277 11.42 -39.90 -2.22
N LYS C 278 11.02 -40.83 -3.08
CA LYS C 278 11.57 -40.87 -4.44
C LYS C 278 10.44 -40.76 -5.47
N LEU C 279 10.75 -40.24 -6.65
CA LEU C 279 9.76 -40.15 -7.72
C LEU C 279 9.36 -41.56 -8.13
N GLU C 280 8.05 -41.84 -8.13
CA GLU C 280 7.55 -43.13 -8.53
C GLU C 280 6.99 -43.08 -9.94
N SER C 281 6.16 -42.08 -10.22
CA SER C 281 5.53 -41.96 -11.53
C SER C 281 5.10 -40.56 -11.92
N VAL C 282 5.07 -40.34 -13.22
CA VAL C 282 4.46 -39.16 -13.80
C VAL C 282 3.41 -39.63 -14.79
N GLU C 283 2.16 -39.26 -14.55
CA GLU C 283 1.06 -39.68 -15.40
C GLU C 283 0.49 -38.46 -16.10
N ASN C 284 0.13 -38.63 -17.37
CA ASN C 284 -0.47 -37.55 -18.16
C ASN C 284 -1.97 -37.61 -18.04
N LEU C 285 -2.59 -36.58 -17.45
CA LEU C 285 -4.03 -36.59 -17.31
C LEU C 285 -4.57 -35.67 -18.39
N ASN C 286 -5.45 -36.21 -19.24
CA ASN C 286 -5.92 -35.48 -20.40
C ASN C 286 -6.95 -34.44 -20.00
N VAL C 287 -6.72 -33.19 -20.36
CA VAL C 287 -7.69 -32.13 -20.09
C VAL C 287 -8.70 -32.08 -21.24
N PRO C 288 -10.00 -32.19 -20.93
CA PRO C 288 -11.01 -32.11 -21.99
C PRO C 288 -10.93 -30.78 -22.76
N VAL C 289 -11.07 -30.85 -24.08
CA VAL C 289 -11.01 -29.64 -24.90
C VAL C 289 -12.45 -29.22 -25.14
N THR C 290 -12.80 -28.01 -24.71
CA THR C 290 -14.23 -27.63 -24.71
C THR C 290 -14.63 -26.63 -25.80
N GLN C 291 -13.66 -26.00 -26.45
CA GLN C 291 -13.97 -25.07 -27.57
C GLN C 291 -13.40 -25.62 -28.86
N PRO C 292 -14.28 -26.04 -29.79
CA PRO C 292 -13.84 -26.56 -31.09
C PRO C 292 -13.06 -25.51 -31.88
N MET C 293 -11.91 -25.90 -32.42
N MET C 293 -11.91 -25.90 -32.42
CA MET C 293 -11.16 -25.03 -33.30
CA MET C 293 -11.10 -25.03 -33.26
C MET C 293 -10.79 -25.83 -34.53
C MET C 293 -10.56 -25.81 -34.44
N ALA C 294 -10.37 -25.13 -35.58
CA ALA C 294 -9.86 -25.80 -36.76
C ALA C 294 -9.02 -24.85 -37.60
N VAL C 295 -8.02 -25.42 -38.27
CA VAL C 295 -7.19 -24.70 -39.18
C VAL C 295 -7.47 -25.22 -40.59
N LEU C 296 -7.79 -24.30 -41.51
CA LEU C 296 -8.04 -24.68 -42.89
C LEU C 296 -6.94 -24.08 -43.75
N LYS C 297 -6.24 -24.93 -44.50
CA LYS C 297 -5.16 -24.48 -45.37
C LYS C 297 -5.45 -24.84 -46.81
N GLY C 298 -4.90 -24.05 -47.74
CA GLY C 298 -5.05 -24.32 -49.15
C GLY C 298 -5.49 -23.09 -49.92
N ASP C 299 -5.88 -23.30 -51.17
CA ASP C 299 -6.38 -22.21 -52.01
C ASP C 299 -7.85 -21.96 -51.71
N LEU C 300 -8.41 -20.93 -52.35
CA LEU C 300 -9.80 -20.53 -52.15
C LEU C 300 -10.77 -21.68 -52.40
N ALA C 301 -10.51 -22.46 -53.44
CA ALA C 301 -11.37 -23.60 -53.77
C ALA C 301 -11.33 -24.64 -52.67
N SER C 302 -10.12 -25.01 -52.25
CA SER C 302 -9.92 -26.00 -51.20
C SER C 302 -10.58 -25.57 -49.89
N ILE C 303 -10.36 -24.32 -49.51
CA ILE C 303 -10.94 -23.77 -48.29
C ILE C 303 -12.47 -23.73 -48.38
N THR C 304 -12.98 -23.46 -49.57
CA THR C 304 -14.42 -23.51 -49.80
C THR C 304 -14.98 -24.90 -49.58
N ALA C 305 -14.25 -25.92 -50.03
CA ALA C 305 -14.68 -27.30 -49.90
C ALA C 305 -14.65 -27.78 -48.46
N GLN C 306 -13.55 -27.48 -47.77
CA GLN C 306 -13.40 -27.83 -46.35
C GLN C 306 -14.48 -27.19 -45.50
N LEU C 307 -14.85 -25.97 -45.87
CA LEU C 307 -15.85 -25.19 -45.15
C LEU C 307 -17.21 -25.89 -45.14
N GLU C 308 -17.45 -26.72 -46.14
CA GLU C 308 -18.71 -27.47 -46.25
C GLU C 308 -18.83 -28.57 -45.19
N GLN C 309 -17.74 -28.85 -44.48
CA GLN C 309 -17.76 -29.83 -43.41
C GLN C 309 -18.81 -29.48 -42.37
N TRP C 310 -18.97 -28.20 -42.11
CA TRP C 310 -19.89 -27.73 -41.09
C TRP C 310 -21.24 -27.30 -41.67
N ARG C 311 -21.54 -27.76 -42.87
CA ARG C 311 -22.87 -27.56 -43.43
C ARG C 311 -23.84 -28.52 -42.74
N ASP C 312 -25.10 -28.10 -42.65
CA ASP C 312 -26.15 -28.76 -41.87
C ASP C 312 -26.03 -28.48 -40.36
N VAL C 313 -25.00 -27.73 -39.99
CA VAL C 313 -24.82 -27.20 -38.64
C VAL C 313 -24.88 -28.24 -37.51
N SER C 314 -25.77 -28.00 -36.55
CA SER C 314 -25.82 -28.75 -35.30
C SER C 314 -24.45 -28.70 -34.63
N GLN C 315 -23.87 -27.51 -34.56
CA GLN C 315 -22.52 -27.34 -34.03
C GLN C 315 -22.48 -26.25 -32.93
N GLU C 316 -22.49 -26.70 -31.69
CA GLU C 316 -22.41 -25.80 -30.53
C GLU C 316 -21.34 -26.29 -29.56
N PRO C 317 -20.37 -25.43 -29.21
CA PRO C 317 -20.22 -24.03 -29.68
C PRO C 317 -19.72 -24.01 -31.11
N PRO C 318 -20.00 -22.93 -31.86
CA PRO C 318 -19.51 -22.84 -33.23
C PRO C 318 -17.97 -22.91 -33.27
N VAL C 319 -17.43 -23.47 -34.34
CA VAL C 319 -15.98 -23.70 -34.45
C VAL C 319 -15.23 -22.41 -34.72
N TRP C 320 -14.12 -22.21 -34.01
CA TRP C 320 -13.21 -21.09 -34.29
C TRP C 320 -12.22 -21.50 -35.38
N LEU C 321 -12.14 -20.70 -36.44
CA LEU C 321 -11.34 -21.03 -37.63
C LEU C 321 -10.13 -20.15 -37.82
N ASP C 322 -9.00 -20.79 -38.17
CA ASP C 322 -7.81 -20.12 -38.68
C ASP C 322 -7.67 -20.52 -40.14
N ILE C 323 -7.68 -19.54 -41.04
N ILE C 323 -7.71 -19.53 -41.02
CA ILE C 323 -7.65 -19.82 -42.46
CA ILE C 323 -7.63 -19.77 -42.46
C ILE C 323 -6.35 -19.36 -43.12
C ILE C 323 -6.26 -19.37 -42.98
N GLU C 324 -5.54 -20.33 -43.55
CA GLU C 324 -4.25 -20.03 -44.16
C GLU C 324 -4.33 -20.26 -45.65
N ILE C 325 -4.49 -19.19 -46.42
CA ILE C 325 -4.66 -19.32 -47.87
C ILE C 325 -3.40 -19.02 -48.66
N THR C 326 -3.28 -19.68 -49.80
CA THR C 326 -2.35 -19.27 -50.84
C THR C 326 -3.15 -18.58 -51.92
N THR C 327 -2.79 -17.33 -52.21
CA THR C 327 -3.52 -16.54 -53.18
C THR C 327 -2.68 -15.34 -53.59
N ASP C 328 -2.87 -14.90 -54.84
CA ASP C 328 -2.23 -13.68 -55.32
C ASP C 328 -3.08 -12.51 -54.91
N GLU C 329 -4.34 -12.79 -54.56
CA GLU C 329 -5.27 -11.75 -54.19
C GLU C 329 -4.88 -11.10 -52.87
N TYR C 330 -5.08 -9.79 -52.79
CA TYR C 330 -4.81 -9.04 -51.57
C TYR C 330 -5.62 -9.63 -50.44
N LEU C 331 -5.08 -9.55 -49.22
CA LEU C 331 -5.70 -10.20 -48.08
C LEU C 331 -7.10 -9.67 -47.79
N HIS C 332 -7.28 -8.36 -47.94
CA HIS C 332 -8.58 -7.73 -47.73
C HIS C 332 -9.64 -8.34 -48.65
N ASP C 333 -9.30 -8.48 -49.93
CA ASP C 333 -10.22 -9.04 -50.91
C ASP C 333 -10.56 -10.50 -50.59
N ILE C 334 -9.59 -11.25 -50.08
CA ILE C 334 -9.80 -12.66 -49.78
C ILE C 334 -10.71 -12.86 -48.57
N GLN C 335 -10.54 -12.02 -47.54
CA GLN C 335 -11.37 -12.11 -46.35
C GLN C 335 -12.81 -11.83 -46.69
N ARG C 336 -13.03 -10.82 -47.54
CA ARG C 336 -14.36 -10.45 -47.98
C ARG C 336 -15.05 -11.65 -48.62
N LYS C 337 -14.33 -12.35 -49.48
CA LYS C 337 -14.87 -13.54 -50.14
C LYS C 337 -15.16 -14.63 -49.12
N ILE C 338 -14.35 -14.68 -48.06
CA ILE C 338 -14.50 -15.69 -47.02
C ILE C 338 -15.66 -15.35 -46.08
N GLN C 339 -15.86 -14.07 -45.84
CA GLN C 339 -17.03 -13.59 -45.09
C GLN C 339 -18.33 -14.08 -45.72
N ALA C 340 -18.42 -13.98 -47.04
CA ALA C 340 -19.61 -14.38 -47.77
C ALA C 340 -19.86 -15.88 -47.64
N LEU C 341 -18.78 -16.66 -47.65
CA LEU C 341 -18.88 -18.11 -47.51
C LEU C 341 -19.34 -18.53 -46.12
N THR C 342 -18.76 -17.93 -45.10
CA THR C 342 -18.97 -18.35 -43.72
C THR C 342 -20.24 -17.79 -43.09
N GLU C 343 -20.80 -16.74 -43.69
CA GLU C 343 -21.98 -16.06 -43.14
C GLU C 343 -23.10 -17.03 -42.76
N SER C 344 -23.18 -18.14 -43.48
CA SER C 344 -24.27 -19.09 -43.31
C SER C 344 -23.89 -20.36 -42.55
N LEU C 345 -22.66 -20.39 -42.01
CA LEU C 345 -22.14 -21.58 -41.34
C LEU C 345 -21.94 -21.39 -39.84
N PRO C 346 -22.01 -22.49 -39.06
CA PRO C 346 -21.78 -22.44 -37.61
C PRO C 346 -20.30 -22.36 -37.28
N VAL C 347 -19.64 -21.33 -37.81
CA VAL C 347 -18.22 -21.13 -37.59
C VAL C 347 -17.94 -19.66 -37.34
N GLU C 348 -16.83 -19.37 -36.67
CA GLU C 348 -16.36 -18.00 -36.55
C GLU C 348 -14.94 -17.93 -37.08
N VAL C 349 -14.72 -17.15 -38.14
CA VAL C 349 -13.35 -17.00 -38.63
C VAL C 349 -12.62 -15.99 -37.76
N LEU C 350 -11.59 -16.46 -37.06
N LEU C 350 -11.57 -16.43 -37.08
CA LEU C 350 -10.84 -15.61 -36.14
CA LEU C 350 -10.83 -15.55 -36.16
C LEU C 350 -9.60 -14.99 -36.77
C LEU C 350 -9.63 -14.93 -36.82
N LEU C 351 -9.07 -15.63 -37.80
CA LEU C 351 -7.83 -15.19 -38.40
C LEU C 351 -7.76 -15.66 -39.85
N VAL C 352 -7.40 -14.75 -40.75
CA VAL C 352 -7.12 -15.13 -42.14
C VAL C 352 -5.73 -14.60 -42.44
N ARG C 353 -4.86 -15.48 -42.92
CA ARG C 353 -3.52 -15.05 -43.29
C ARG C 353 -3.09 -15.79 -44.54
N ARG C 354 -2.17 -15.18 -45.29
CA ARG C 354 -1.70 -15.75 -46.55
C ARG C 354 -0.54 -16.69 -46.28
N MET D 10 -19.84 -9.92 -25.54
CA MET D 10 -19.32 -9.38 -26.79
C MET D 10 -17.80 -9.50 -26.88
N ASP D 11 -17.32 -9.76 -28.09
CA ASP D 11 -15.91 -9.92 -28.31
C ASP D 11 -15.22 -8.58 -28.16
N ILE D 12 -13.95 -8.62 -27.74
CA ILE D 12 -13.20 -7.40 -27.50
C ILE D 12 -12.02 -7.33 -28.44
N GLU D 13 -12.01 -6.32 -29.31
CA GLU D 13 -10.82 -6.06 -30.13
C GLU D 13 -9.84 -5.17 -29.36
N PHE D 14 -8.65 -5.72 -29.07
CA PHE D 14 -7.64 -5.00 -28.30
C PHE D 14 -6.53 -4.43 -29.19
N MET D 15 -5.99 -3.29 -28.80
CA MET D 15 -4.72 -2.78 -29.33
C MET D 15 -3.96 -2.30 -28.11
N ARG D 16 -2.72 -2.75 -27.96
CA ARG D 16 -1.94 -2.39 -26.79
C ARG D 16 -0.63 -1.79 -27.24
N ILE D 17 -0.30 -0.61 -26.73
CA ILE D 17 0.96 0.02 -27.10
C ILE D 17 1.76 0.40 -25.87
N LEU D 18 3.07 0.53 -26.03
CA LEU D 18 3.88 1.09 -24.96
C LEU D 18 4.32 2.46 -25.43
N HIS D 19 4.20 3.46 -24.56
CA HIS D 19 4.55 4.84 -24.88
C HIS D 19 5.78 5.21 -24.06
N THR D 20 6.87 5.54 -24.75
CA THR D 20 8.07 5.96 -24.05
C THR D 20 8.61 7.15 -24.86
N SER D 21 9.64 7.79 -24.33
CA SER D 21 10.22 8.97 -25.00
C SER D 21 11.46 9.35 -24.27
N ASP D 22 12.20 10.32 -24.83
CA ASP D 22 13.30 10.94 -24.10
C ASP D 22 14.30 9.96 -23.52
N TRP D 23 14.76 9.04 -24.36
CA TRP D 23 15.82 8.14 -23.97
C TRP D 23 17.13 8.90 -23.78
N HIS D 24 17.38 9.82 -24.70
CA HIS D 24 18.66 10.55 -24.70
C HIS D 24 19.85 9.61 -24.67
N LEU D 25 19.84 8.59 -25.52
CA LEU D 25 20.99 7.71 -25.66
C LEU D 25 22.25 8.53 -26.00
N GLY D 26 23.34 8.21 -25.32
CA GLY D 26 24.61 8.88 -25.56
C GLY D 26 24.77 10.13 -24.71
N GLN D 27 23.85 10.37 -23.79
CA GLN D 27 24.00 11.52 -22.89
C GLN D 27 25.33 11.40 -22.17
N ASN D 28 26.08 12.50 -22.15
CA ASN D 28 27.26 12.57 -21.29
C ASN D 28 26.82 13.26 -20.00
N PHE D 29 26.82 12.52 -18.90
CA PHE D 29 26.24 13.01 -17.65
C PHE D 29 27.35 13.33 -16.67
N TYR D 30 27.84 14.58 -16.69
CA TYR D 30 28.96 15.00 -15.84
C TYR D 30 30.14 14.04 -15.99
N SER D 31 30.40 13.68 -17.24
CA SER D 31 31.49 12.80 -17.69
C SER D 31 31.16 11.30 -17.59
N LYS D 32 29.98 10.97 -17.05
CA LYS D 32 29.54 9.57 -16.97
C LYS D 32 28.73 9.16 -18.19
N SER D 33 28.94 7.94 -18.64
CA SER D 33 28.08 7.34 -19.64
C SER D 33 26.86 6.75 -18.97
N ARG D 34 25.72 6.81 -19.66
CA ARG D 34 24.50 6.14 -19.21
C ARG D 34 24.32 4.79 -19.93
N GLU D 35 25.36 4.30 -20.60
CA GLU D 35 25.18 3.13 -21.46
C GLU D 35 24.63 1.91 -20.71
N ALA D 36 25.19 1.62 -19.55
CA ALA D 36 24.73 0.46 -18.75
C ALA D 36 23.25 0.59 -18.38
N GLU D 37 22.85 1.78 -17.95
CA GLU D 37 21.46 2.00 -17.61
C GLU D 37 20.56 1.88 -18.81
N HIS D 38 21.01 2.41 -19.95
CA HIS D 38 20.18 2.31 -21.15
C HIS D 38 20.03 0.88 -21.64
N GLN D 39 21.10 0.11 -21.57
CA GLN D 39 21.00 -1.26 -22.03
C GLN D 39 20.03 -2.02 -21.13
N ALA D 40 20.15 -1.83 -19.82
CA ALA D 40 19.24 -2.47 -18.88
C ALA D 40 17.80 -2.05 -19.12
N PHE D 41 17.56 -0.76 -19.38
CA PHE D 41 16.22 -0.29 -19.68
C PHE D 41 15.69 -0.91 -20.97
N LEU D 42 16.51 -0.94 -22.02
CA LEU D 42 16.05 -1.43 -23.30
C LEU D 42 15.71 -2.94 -23.23
N ASP D 43 16.49 -3.68 -22.45
CA ASP D 43 16.19 -5.10 -22.25
C ASP D 43 14.88 -5.24 -21.46
N TRP D 44 14.72 -4.43 -20.42
CA TRP D 44 13.49 -4.43 -19.64
C TRP D 44 12.29 -4.08 -20.53
N LEU D 45 12.50 -3.15 -21.46
CA LEU D 45 11.39 -2.67 -22.30
C LEU D 45 10.87 -3.79 -23.19
N LEU D 46 11.77 -4.58 -23.75
CA LEU D 46 11.33 -5.69 -24.59
C LEU D 46 10.67 -6.77 -23.75
N GLU D 47 11.24 -7.07 -22.59
CA GLU D 47 10.61 -8.04 -21.70
C GLU D 47 9.19 -7.58 -21.36
N THR D 48 9.06 -6.30 -21.04
CA THR D 48 7.77 -5.70 -20.72
C THR D 48 6.77 -5.79 -21.87
N ALA D 49 7.24 -5.53 -23.09
CA ALA D 49 6.41 -5.65 -24.29
C ALA D 49 5.88 -7.08 -24.45
N GLN D 50 6.74 -8.05 -24.18
CA GLN D 50 6.32 -9.46 -24.28
C GLN D 50 5.32 -9.81 -23.18
N THR D 51 5.66 -9.41 -21.95
CA THR D 51 4.82 -9.72 -20.79
C THR D 51 3.40 -9.22 -21.04
N HIS D 52 3.29 -8.02 -21.60
CA HIS D 52 1.98 -7.39 -21.75
C HIS D 52 1.35 -7.60 -23.12
N GLN D 53 1.96 -8.46 -23.94
CA GLN D 53 1.37 -8.84 -25.24
C GLN D 53 1.17 -7.60 -26.11
N VAL D 54 2.12 -6.67 -26.03
CA VAL D 54 2.04 -5.37 -26.68
C VAL D 54 2.16 -5.49 -28.21
N ASP D 55 1.40 -4.68 -28.93
CA ASP D 55 1.42 -4.69 -30.40
C ASP D 55 2.46 -3.73 -30.95
N ALA D 56 2.63 -2.59 -30.30
CA ALA D 56 3.55 -1.57 -30.83
C ALA D 56 4.19 -0.79 -29.70
N ILE D 57 5.41 -0.33 -29.94
CA ILE D 57 6.12 0.52 -29.01
C ILE D 57 6.30 1.85 -29.74
N ILE D 58 5.95 2.95 -29.09
CA ILE D 58 6.07 4.27 -29.73
C ILE D 58 7.06 5.07 -28.91
N VAL D 59 8.10 5.60 -29.58
CA VAL D 59 9.12 6.38 -28.89
C VAL D 59 8.94 7.81 -29.38
N ALA D 60 8.39 8.64 -28.52
CA ALA D 60 7.90 9.96 -28.92
C ALA D 60 9.01 11.01 -28.86
N GLY D 61 10.14 10.71 -29.45
CA GLY D 61 11.17 11.73 -29.67
C GLY D 61 12.31 11.73 -28.67
N ASP D 62 13.44 12.29 -29.08
CA ASP D 62 14.68 12.33 -28.28
C ASP D 62 15.18 10.94 -27.97
N VAL D 63 15.29 10.16 -29.04
CA VAL D 63 15.95 8.86 -29.00
C VAL D 63 17.38 9.07 -28.56
N PHE D 64 18.05 10.05 -29.17
CA PHE D 64 19.43 10.38 -28.85
C PHE D 64 19.51 11.71 -28.10
N ASP D 65 20.58 11.87 -27.35
CA ASP D 65 20.80 13.09 -26.57
C ASP D 65 21.28 14.25 -27.48
N THR D 66 21.89 13.92 -28.63
CA THR D 66 22.30 14.94 -29.60
C THR D 66 22.10 14.44 -31.01
N GLY D 67 22.27 15.35 -31.97
CA GLY D 67 22.15 15.02 -33.37
C GLY D 67 23.33 14.19 -33.88
N SER D 68 24.37 14.05 -33.07
CA SER D 68 25.54 13.31 -33.50
C SER D 68 26.00 12.34 -32.42
N PRO D 69 25.25 11.25 -32.25
CA PRO D 69 25.47 10.35 -31.12
C PRO D 69 26.76 9.58 -31.27
N PRO D 70 27.37 9.18 -30.14
CA PRO D 70 28.59 8.37 -30.17
C PRO D 70 28.29 6.96 -30.67
N SER D 71 29.32 6.25 -31.10
CA SER D 71 29.18 4.90 -31.60
C SER D 71 28.40 4.00 -30.65
N TYR D 72 28.70 4.07 -29.35
CA TYR D 72 28.02 3.13 -28.44
C TYR D 72 26.51 3.37 -28.36
N ALA D 73 26.08 4.62 -28.55
CA ALA D 73 24.65 4.93 -28.54
C ALA D 73 23.98 4.46 -29.83
N ARG D 74 24.65 4.66 -30.96
CA ARG D 74 24.16 4.13 -32.23
C ARG D 74 24.02 2.62 -32.10
N THR D 75 24.98 1.99 -31.45
CA THR D 75 24.94 0.53 -31.25
C THR D 75 23.79 0.12 -30.33
N LEU D 76 23.54 0.89 -29.27
CA LEU D 76 22.39 0.64 -28.38
C LEU D 76 21.07 0.63 -29.16
N TYR D 77 20.92 1.62 -30.02
CA TYR D 77 19.72 1.76 -30.84
C TYR D 77 19.57 0.59 -31.83
N ASN D 78 20.62 0.31 -32.59
CA ASN D 78 20.56 -0.78 -33.55
C ASN D 78 20.29 -2.12 -32.87
N ARG D 79 20.95 -2.33 -31.75
CA ARG D 79 20.81 -3.59 -31.02
C ARG D 79 19.37 -3.78 -30.52
N PHE D 80 18.75 -2.70 -30.08
CA PHE D 80 17.36 -2.73 -29.68
C PHE D 80 16.47 -3.17 -30.84
N VAL D 81 16.70 -2.59 -32.00
CA VAL D 81 15.94 -2.98 -33.19
C VAL D 81 16.17 -4.44 -33.55
N VAL D 82 17.41 -4.91 -33.40
CA VAL D 82 17.69 -6.31 -33.67
C VAL D 82 16.89 -7.20 -32.69
N ASN D 83 16.95 -6.84 -31.41
CA ASN D 83 16.30 -7.66 -30.36
C ASN D 83 14.77 -7.63 -30.48
N LEU D 84 14.26 -6.52 -30.97
CA LEU D 84 12.84 -6.34 -31.27
C LEU D 84 12.31 -7.41 -32.22
N GLN D 85 13.16 -7.91 -33.11
CA GLN D 85 12.73 -8.90 -34.07
C GLN D 85 12.28 -10.20 -33.39
N GLN D 86 12.77 -10.45 -32.19
CA GLN D 86 12.32 -11.65 -31.43
C GLN D 86 10.89 -11.49 -30.85
N THR D 87 10.36 -10.28 -30.85
CA THR D 87 9.02 -10.06 -30.29
C THR D 87 7.86 -10.09 -31.28
N GLY D 88 8.10 -9.68 -32.53
CA GLY D 88 6.97 -9.47 -33.43
C GLY D 88 6.15 -8.20 -33.19
N CYS D 89 6.64 -7.31 -32.34
N CYS D 89 6.63 -7.33 -32.29
CA CYS D 89 5.97 -6.04 -32.06
CA CYS D 89 6.04 -6.01 -32.11
C CYS D 89 6.55 -4.90 -32.94
C CYS D 89 6.45 -5.11 -33.27
N HIS D 90 5.68 -4.05 -33.47
CA HIS D 90 6.07 -2.97 -34.37
C HIS D 90 6.66 -1.82 -33.58
N LEU D 91 7.67 -1.14 -34.13
CA LEU D 91 8.28 -0.04 -33.40
C LEU D 91 8.13 1.25 -34.22
N VAL D 92 7.71 2.33 -33.56
CA VAL D 92 7.63 3.63 -34.22
C VAL D 92 8.60 4.53 -33.50
N VAL D 93 9.54 5.10 -34.25
CA VAL D 93 10.58 5.93 -33.69
C VAL D 93 10.36 7.31 -34.29
N LEU D 94 10.09 8.29 -33.43
CA LEU D 94 9.90 9.68 -33.87
C LEU D 94 11.08 10.51 -33.43
N ALA D 95 11.45 11.50 -34.25
CA ALA D 95 12.52 12.40 -33.87
C ALA D 95 12.04 13.44 -32.85
N GLY D 96 12.89 13.72 -31.86
CA GLY D 96 12.65 14.85 -30.98
C GLY D 96 13.49 16.02 -31.44
N ASN D 97 13.58 17.07 -30.63
CA ASN D 97 14.44 18.20 -30.99
C ASN D 97 15.92 17.86 -30.93
N HIS D 98 16.27 16.87 -30.11
CA HIS D 98 17.67 16.50 -29.96
C HIS D 98 18.10 15.51 -31.02
N ASP D 99 17.13 14.93 -31.72
CA ASP D 99 17.48 14.03 -32.82
C ASP D 99 17.77 14.82 -34.09
N SER D 100 18.74 14.37 -34.86
CA SER D 100 18.99 14.94 -36.17
C SER D 100 18.12 14.20 -37.16
N VAL D 101 17.46 14.95 -38.04
CA VAL D 101 16.65 14.34 -39.07
C VAL D 101 17.50 13.45 -39.98
N ALA D 102 18.67 13.95 -40.37
CA ALA D 102 19.57 13.16 -41.20
C ALA D 102 20.03 11.91 -40.48
N THR D 103 20.36 12.03 -39.20
CA THR D 103 20.83 10.87 -38.42
C THR D 103 19.80 9.76 -38.36
N LEU D 104 18.57 10.08 -37.95
CA LEU D 104 17.54 9.05 -37.89
C LEU D 104 17.20 8.53 -39.28
N ASN D 105 17.25 9.39 -40.29
CA ASN D 105 16.91 8.92 -41.63
C ASN D 105 17.98 8.03 -42.26
N GLU D 106 19.19 8.01 -41.69
CA GLU D 106 20.27 7.14 -42.20
C GLU D 106 19.83 5.70 -42.37
N SER D 107 19.03 5.23 -41.43
CA SER D 107 18.62 3.82 -41.40
C SER D 107 17.12 3.61 -41.51
N ARG D 108 16.39 4.67 -41.86
CA ARG D 108 14.94 4.59 -42.08
C ARG D 108 14.55 3.41 -42.98
N ASP D 109 15.23 3.29 -44.12
CA ASP D 109 14.89 2.26 -45.09
C ASP D 109 15.30 0.87 -44.60
N ILE D 110 16.41 0.80 -43.86
CA ILE D 110 16.80 -0.44 -43.21
C ILE D 110 15.78 -0.88 -42.15
N MET D 111 15.41 0.05 -41.28
CA MET D 111 14.47 -0.21 -40.20
C MET D 111 13.11 -0.69 -40.73
N ALA D 112 12.76 -0.23 -41.92
CA ALA D 112 11.49 -0.63 -42.52
C ALA D 112 11.43 -2.12 -42.79
N PHE D 113 12.59 -2.75 -42.93
CA PHE D 113 12.64 -4.20 -43.11
C PHE D 113 12.56 -4.94 -41.79
N LEU D 114 12.73 -4.19 -40.71
CA LEU D 114 12.77 -4.77 -39.37
C LEU D 114 11.59 -4.27 -38.52
N ASN D 115 10.40 -4.16 -39.12
CA ASN D 115 9.19 -3.87 -38.36
C ASN D 115 9.21 -2.54 -37.63
N THR D 116 9.92 -1.57 -38.22
CA THR D 116 10.16 -0.31 -37.53
C THR D 116 9.92 0.84 -38.48
N THR D 117 9.11 1.80 -38.04
CA THR D 117 8.77 2.98 -38.83
C THR D 117 9.52 4.14 -38.19
N VAL D 118 10.46 4.73 -38.94
CA VAL D 118 11.20 5.88 -38.44
C VAL D 118 10.60 7.13 -39.08
N VAL D 119 10.15 8.06 -38.25
CA VAL D 119 9.56 9.29 -38.76
C VAL D 119 10.31 10.46 -38.17
N ALA D 120 11.15 11.09 -38.98
CA ALA D 120 12.06 12.10 -38.44
C ALA D 120 11.62 13.51 -38.80
N SER D 121 10.95 13.63 -39.93
CA SER D 121 10.59 14.95 -40.40
C SER D 121 9.08 15.10 -40.48
N ALA D 122 8.62 16.35 -40.41
CA ALA D 122 7.21 16.64 -40.57
C ALA D 122 6.74 16.13 -41.92
N GLY D 123 5.45 15.80 -42.01
CA GLY D 123 4.81 15.60 -43.29
C GLY D 123 4.34 14.19 -43.58
N HIS D 124 4.64 13.26 -42.67
N HIS D 124 4.65 13.26 -42.67
CA HIS D 124 4.28 11.86 -42.83
CA HIS D 124 4.26 11.87 -42.87
C HIS D 124 2.76 11.67 -42.70
C HIS D 124 2.76 11.68 -42.70
N ALA D 125 2.16 10.99 -43.67
CA ALA D 125 0.72 10.74 -43.63
C ALA D 125 0.39 9.76 -42.52
N PRO D 126 -0.87 9.74 -42.08
CA PRO D 126 -1.31 8.71 -41.13
C PRO D 126 -1.06 7.32 -41.68
N GLN D 127 -0.87 6.36 -40.79
CA GLN D 127 -0.62 5.00 -41.21
C GLN D 127 -1.34 4.05 -40.27
N ILE D 128 -1.65 2.86 -40.76
CA ILE D 128 -2.29 1.84 -39.94
C ILE D 128 -1.21 1.10 -39.19
N LEU D 129 -1.28 1.13 -37.87
CA LEU D 129 -0.38 0.33 -37.06
C LEU D 129 -0.96 -1.06 -36.97
N PRO D 130 -0.18 -2.09 -37.33
CA PRO D 130 -0.65 -3.49 -37.25
C PRO D 130 -0.63 -4.06 -35.84
N ARG D 131 -1.52 -5.02 -35.56
CA ARG D 131 -1.41 -5.80 -34.35
C ARG D 131 -0.43 -6.94 -34.63
N ARG D 132 -0.06 -7.69 -33.59
CA ARG D 132 0.90 -8.80 -33.77
C ARG D 132 0.51 -9.78 -34.88
N ASP D 133 -0.79 -9.99 -35.06
CA ASP D 133 -1.24 -10.91 -36.11
C ASP D 133 -1.32 -10.25 -37.49
N GLY D 134 -0.95 -8.98 -37.58
CA GLY D 134 -0.92 -8.28 -38.85
C GLY D 134 -2.15 -7.48 -39.20
N THR D 135 -3.22 -7.63 -38.44
CA THR D 135 -4.47 -6.92 -38.69
C THR D 135 -4.41 -5.48 -38.16
N PRO D 136 -5.24 -4.58 -38.74
CA PRO D 136 -5.18 -3.17 -38.31
C PRO D 136 -5.49 -3.04 -36.82
N GLY D 137 -4.65 -2.34 -36.09
CA GLY D 137 -4.91 -2.10 -34.68
C GLY D 137 -5.23 -0.66 -34.34
N ALA D 138 -4.61 0.30 -35.06
CA ALA D 138 -4.85 1.71 -34.79
C ALA D 138 -4.50 2.53 -36.03
N VAL D 139 -5.03 3.75 -36.11
CA VAL D 139 -4.50 4.69 -37.08
C VAL D 139 -3.57 5.60 -36.33
N LEU D 140 -2.33 5.68 -36.77
CA LEU D 140 -1.34 6.52 -36.10
C LEU D 140 -1.07 7.78 -36.93
N CYS D 141 -1.04 8.93 -36.25
CA CYS D 141 -0.52 10.17 -36.84
C CYS D 141 0.89 10.30 -36.30
N PRO D 142 1.89 9.97 -37.12
CA PRO D 142 3.28 9.98 -36.66
C PRO D 142 3.84 11.39 -36.76
N ILE D 143 3.83 12.07 -35.62
CA ILE D 143 4.20 13.49 -35.58
C ILE D 143 5.41 13.64 -34.69
N PRO D 144 6.55 13.96 -35.29
CA PRO D 144 7.79 14.13 -34.53
C PRO D 144 7.86 15.58 -34.06
N PHE D 145 8.99 15.96 -33.49
CA PHE D 145 9.22 17.36 -33.16
C PHE D 145 9.13 18.11 -34.49
N LEU D 146 8.33 19.17 -34.53
CA LEU D 146 8.12 19.92 -35.77
C LEU D 146 9.04 21.14 -35.83
N ARG D 147 10.00 21.09 -36.73
CA ARG D 147 10.90 22.20 -36.96
C ARG D 147 10.09 23.30 -37.66
N PRO D 148 10.18 24.55 -37.16
CA PRO D 148 9.34 25.62 -37.70
C PRO D 148 9.49 25.76 -39.21
N ARG D 149 10.72 25.68 -39.72
CA ARG D 149 10.98 25.83 -41.16
C ARG D 149 10.30 24.73 -41.98
N ASP D 150 9.99 23.62 -41.33
CA ASP D 150 9.35 22.49 -42.01
C ASP D 150 7.82 22.64 -42.09
N ILE D 151 7.25 23.53 -41.30
CA ILE D 151 5.79 23.63 -41.29
C ILE D 151 5.21 25.01 -41.54
N ILE D 152 5.99 26.07 -41.34
CA ILE D 152 5.44 27.40 -41.53
C ILE D 152 5.40 27.80 -42.99
N THR D 153 4.37 28.52 -43.41
CA THR D 153 4.35 29.17 -44.72
C THR D 153 4.99 30.51 -44.46
N SER D 154 6.27 30.58 -44.69
CA SER D 154 7.12 31.61 -44.12
C SER D 154 6.64 33.07 -44.21
N GLN D 155 6.95 33.81 -43.15
CA GLN D 155 6.22 34.97 -42.72
C GLN D 155 6.89 36.30 -42.98
N ALA D 156 6.84 36.75 -44.24
CA ALA D 156 7.57 37.93 -44.65
C ALA D 156 6.86 39.18 -44.13
N GLY D 157 7.51 39.88 -43.19
CA GLY D 157 6.98 41.13 -42.69
C GLY D 157 6.08 41.02 -41.46
N LEU D 158 6.19 39.91 -40.74
CA LEU D 158 5.39 39.71 -39.54
C LEU D 158 6.15 40.17 -38.29
N ASN D 159 5.40 40.67 -37.29
CA ASN D 159 5.97 41.11 -36.02
C ASN D 159 6.17 39.97 -35.02
N GLY D 160 6.74 40.28 -33.87
CA GLY D 160 7.05 39.27 -32.86
C GLY D 160 5.86 38.52 -32.30
N ILE D 161 4.81 39.26 -31.93
CA ILE D 161 3.58 38.66 -31.44
C ILE D 161 2.90 37.85 -32.53
N GLU D 162 3.01 38.35 -33.77
CA GLU D 162 2.46 37.68 -34.94
C GLU D 162 3.27 36.44 -35.29
N LYS D 163 4.58 36.51 -35.06
CA LYS D 163 5.47 35.37 -35.26
C LYS D 163 5.05 34.21 -34.36
N GLN D 164 4.80 34.52 -33.08
CA GLN D 164 4.34 33.52 -32.12
C GLN D 164 3.04 32.92 -32.61
N GLN D 165 2.10 33.79 -32.98
CA GLN D 165 0.78 33.33 -33.43
C GLN D 165 0.91 32.47 -34.67
N HIS D 166 1.83 32.85 -35.55
CA HIS D 166 2.04 32.12 -36.81
C HIS D 166 2.50 30.68 -36.55
N LEU D 167 3.47 30.51 -35.66
CA LEU D 167 3.98 29.18 -35.38
C LEU D 167 2.96 28.35 -34.60
N LEU D 168 2.29 28.99 -33.65
CA LEU D 168 1.27 28.27 -32.89
C LEU D 168 0.15 27.82 -33.82
N ALA D 169 -0.27 28.71 -34.72
CA ALA D 169 -1.27 28.35 -35.73
C ALA D 169 -0.79 27.22 -36.63
N ALA D 170 0.49 27.26 -37.02
CA ALA D 170 1.04 26.23 -37.91
C ALA D 170 1.05 24.84 -37.25
N ILE D 171 1.41 24.78 -35.98
CA ILE D 171 1.38 23.49 -35.28
C ILE D 171 -0.06 23.00 -35.09
N THR D 172 -0.94 23.91 -34.70
CA THR D 172 -2.33 23.57 -34.49
C THR D 172 -2.97 23.06 -35.78
N ASP D 173 -2.72 23.77 -36.88
CA ASP D 173 -3.25 23.40 -38.19
C ASP D 173 -2.65 22.10 -38.70
N TYR D 174 -1.38 21.86 -38.38
CA TYR D 174 -0.74 20.60 -38.76
C TYR D 174 -1.47 19.43 -38.09
N TYR D 175 -1.66 19.51 -36.77
CA TYR D 175 -2.38 18.50 -36.03
C TYR D 175 -3.79 18.29 -36.57
N GLN D 176 -4.49 19.40 -36.85
CA GLN D 176 -5.86 19.27 -37.32
C GLN D 176 -5.93 18.56 -38.67
N GLN D 177 -5.03 18.92 -39.58
CA GLN D 177 -5.09 18.35 -40.93
C GLN D 177 -4.74 16.86 -40.90
N HIS D 178 -3.76 16.51 -40.08
CA HIS D 178 -3.38 15.11 -39.98
C HIS D 178 -4.40 14.28 -39.27
N TYR D 179 -5.07 14.86 -38.28
CA TYR D 179 -6.17 14.18 -37.64
C TYR D 179 -7.31 13.94 -38.64
N ALA D 180 -7.59 14.93 -39.48
CA ALA D 180 -8.64 14.78 -40.49
C ALA D 180 -8.29 13.67 -41.48
N ASP D 181 -7.02 13.60 -41.86
CA ASP D 181 -6.54 12.56 -42.78
C ASP D 181 -6.63 11.18 -42.11
N ALA D 182 -6.35 11.13 -40.82
CA ALA D 182 -6.45 9.88 -40.08
C ALA D 182 -7.90 9.40 -40.02
N CYS D 183 -8.84 10.33 -39.82
CA CYS D 183 -10.26 9.96 -39.83
C CYS D 183 -10.64 9.39 -41.20
N LYS D 184 -10.11 9.97 -42.25
CA LYS D 184 -10.43 9.49 -43.59
C LYS D 184 -9.84 8.10 -43.82
N LEU D 185 -8.61 7.89 -43.36
CA LEU D 185 -7.94 6.59 -43.49
C LEU D 185 -8.70 5.53 -42.72
N ARG D 186 -9.18 5.90 -41.54
CA ARG D 186 -9.93 5.01 -40.66
C ARG D 186 -11.22 4.55 -41.34
N GLY D 187 -11.87 5.46 -42.06
CA GLY D 187 -13.12 5.16 -42.71
C GLY D 187 -14.13 4.63 -41.71
N ASP D 188 -14.71 3.46 -42.01
CA ASP D 188 -15.73 2.88 -41.16
C ASP D 188 -15.16 1.93 -40.08
N GLN D 189 -13.85 1.71 -40.11
CA GLN D 189 -13.20 0.79 -39.18
C GLN D 189 -13.24 1.30 -37.74
N PRO D 190 -13.57 0.41 -36.78
CA PRO D 190 -13.61 0.81 -35.37
C PRO D 190 -12.22 0.81 -34.77
N LEU D 191 -11.35 1.67 -35.31
CA LEU D 191 -9.97 1.76 -34.87
C LEU D 191 -9.74 3.02 -34.04
N PRO D 192 -8.85 2.94 -33.04
CA PRO D 192 -8.53 4.18 -32.32
C PRO D 192 -7.58 5.02 -33.16
N ILE D 193 -7.64 6.33 -32.97
CA ILE D 193 -6.66 7.21 -33.61
C ILE D 193 -5.67 7.66 -32.55
N ILE D 194 -4.40 7.36 -32.79
CA ILE D 194 -3.33 7.78 -31.90
C ILE D 194 -2.49 8.84 -32.59
N ALA D 195 -2.29 9.98 -31.95
CA ALA D 195 -1.35 10.98 -32.45
C ALA D 195 -0.18 11.05 -31.49
N THR D 196 0.97 11.48 -32.00
CA THR D 196 2.15 11.65 -31.18
C THR D 196 2.53 13.13 -31.21
N GLY D 197 3.54 13.51 -30.44
CA GLY D 197 4.11 14.85 -30.59
C GLY D 197 5.31 15.01 -29.69
N HIS D 198 5.99 16.15 -29.83
CA HIS D 198 7.19 16.34 -29.04
C HIS D 198 7.35 17.84 -28.90
N LEU D 199 6.93 18.36 -27.76
CA LEU D 199 6.95 19.80 -27.52
C LEU D 199 6.63 20.01 -26.06
N THR D 200 6.58 21.26 -25.65
CA THR D 200 6.26 21.62 -24.28
C THR D 200 4.88 22.24 -24.23
N THR D 201 3.98 21.64 -23.44
CA THR D 201 2.62 22.15 -23.32
C THR D 201 2.47 23.14 -22.17
N VAL D 202 1.42 23.96 -22.26
CA VAL D 202 1.12 24.90 -21.17
C VAL D 202 0.86 24.10 -19.91
N GLY D 203 1.45 24.53 -18.80
CA GLY D 203 1.29 23.85 -17.52
C GLY D 203 2.23 22.67 -17.27
N ALA D 204 3.03 22.30 -18.27
CA ALA D 204 3.94 21.16 -18.11
C ALA D 204 4.98 21.43 -17.01
N SER D 205 5.22 20.46 -16.12
CA SER D 205 6.28 20.64 -15.12
C SER D 205 7.62 20.21 -15.74
N LYS D 206 8.59 21.10 -15.76
CA LYS D 206 9.87 20.81 -16.41
C LYS D 206 10.87 20.30 -15.39
N SER D 207 12.00 19.80 -15.88
CA SER D 207 13.12 19.47 -15.01
C SER D 207 14.39 19.98 -15.68
N ASP D 208 15.52 19.89 -14.99
CA ASP D 208 16.76 20.54 -15.43
C ASP D 208 17.27 20.14 -16.81
N ALA D 209 17.08 18.88 -17.20
CA ALA D 209 17.57 18.43 -18.51
C ALA D 209 16.64 18.71 -19.68
N VAL D 210 15.49 19.31 -19.41
CA VAL D 210 14.56 19.64 -20.50
C VAL D 210 15.00 20.96 -21.12
N ARG D 211 15.45 20.90 -22.37
CA ARG D 211 15.98 22.14 -23.00
C ARG D 211 14.85 22.97 -23.60
N ASP D 212 14.91 24.28 -23.43
CA ASP D 212 13.96 25.15 -24.10
C ASP D 212 13.99 24.91 -25.62
N ILE D 213 12.81 24.86 -26.22
CA ILE D 213 12.62 24.73 -27.66
C ILE D 213 11.78 25.87 -28.19
N TYR D 214 11.79 26.08 -29.52
CA TYR D 214 11.09 27.20 -30.14
C TYR D 214 11.46 28.52 -29.45
N ILE D 215 12.76 28.67 -29.16
CA ILE D 215 13.23 29.80 -28.36
C ILE D 215 12.90 31.14 -29.01
N GLY D 216 12.30 32.03 -28.24
CA GLY D 216 11.99 33.36 -28.71
C GLY D 216 10.74 33.40 -29.57
N THR D 217 10.04 32.27 -29.67
CA THR D 217 8.89 32.19 -30.55
C THR D 217 7.64 31.65 -29.85
N LEU D 218 7.73 30.40 -29.39
CA LEU D 218 6.61 29.75 -28.74
C LEU D 218 7.06 29.20 -27.40
N ASP D 219 6.56 29.80 -26.32
CA ASP D 219 6.96 29.38 -24.98
C ASP D 219 6.31 28.06 -24.59
N ALA D 220 5.06 27.87 -25.01
CA ALA D 220 4.36 26.63 -24.67
C ALA D 220 3.11 26.42 -25.55
N PHE D 221 2.76 25.16 -25.78
CA PHE D 221 1.65 24.84 -26.66
C PHE D 221 0.41 24.53 -25.82
N PRO D 222 -0.73 25.21 -26.11
CA PRO D 222 -1.94 24.98 -25.32
C PRO D 222 -2.56 23.64 -25.67
N ALA D 223 -2.71 22.79 -24.66
CA ALA D 223 -3.26 21.44 -24.85
C ALA D 223 -4.62 21.42 -25.56
N GLN D 224 -5.42 22.46 -25.36
CA GLN D 224 -6.75 22.50 -25.97
C GLN D 224 -6.67 22.64 -27.49
N ASN D 225 -5.48 22.92 -28.01
CA ASN D 225 -5.28 22.99 -29.46
C ASN D 225 -5.00 21.62 -30.10
N PHE D 226 -4.85 20.57 -29.29
CA PHE D 226 -4.72 19.22 -29.84
C PHE D 226 -6.06 18.77 -30.44
N PRO D 227 -6.00 17.90 -31.46
CA PRO D 227 -7.24 17.34 -32.03
C PRO D 227 -7.79 16.22 -31.14
N PRO D 228 -9.04 15.79 -31.36
CA PRO D 228 -9.66 14.77 -30.52
C PRO D 228 -9.25 13.33 -30.87
N ALA D 229 -7.95 13.08 -30.88
CA ALA D 229 -7.44 11.72 -31.01
C ALA D 229 -7.82 10.91 -29.77
N ASP D 230 -7.81 9.58 -29.88
CA ASP D 230 -8.12 8.73 -28.73
C ASP D 230 -6.99 8.73 -27.71
N TYR D 231 -5.77 8.98 -28.19
CA TYR D 231 -4.62 9.09 -27.33
C TYR D 231 -3.58 9.96 -28.01
N ILE D 232 -2.91 10.78 -27.23
CA ILE D 232 -1.85 11.63 -27.75
C ILE D 232 -0.61 11.40 -26.92
N ALA D 233 0.38 10.78 -27.56
CA ALA D 233 1.60 10.32 -26.90
C ALA D 233 2.66 11.38 -27.11
N LEU D 234 2.95 12.16 -26.08
CA LEU D 234 3.96 13.20 -26.21
C LEU D 234 5.29 12.81 -25.59
N GLY D 235 6.33 13.51 -26.04
CA GLY D 235 7.66 13.45 -25.44
C GLY D 235 8.20 14.88 -25.36
N HIS D 236 9.41 15.00 -24.80
CA HIS D 236 10.20 16.23 -24.53
C HIS D 236 10.30 16.55 -23.03
N ILE D 237 9.20 16.37 -22.32
N ILE D 237 9.19 16.40 -22.32
CA ILE D 237 9.15 16.55 -20.87
CA ILE D 237 9.17 16.59 -20.87
C ILE D 237 9.52 15.23 -20.19
C ILE D 237 9.53 15.25 -20.20
N HIS D 238 10.30 15.31 -19.11
CA HIS D 238 10.90 14.11 -18.52
C HIS D 238 10.16 13.51 -17.36
N ARG D 239 9.17 14.23 -16.83
CA ARG D 239 8.38 13.74 -15.69
C ARG D 239 7.02 13.34 -16.26
N ALA D 240 6.58 12.12 -15.99
CA ALA D 240 5.31 11.66 -16.55
C ALA D 240 4.21 12.53 -15.99
N GLN D 241 3.25 12.90 -16.82
CA GLN D 241 2.13 13.70 -16.33
C GLN D 241 1.00 13.76 -17.33
N ILE D 242 -0.18 14.05 -16.80
CA ILE D 242 -1.36 14.27 -17.61
C ILE D 242 -1.37 15.72 -18.04
N ILE D 243 -1.77 15.97 -19.28
CA ILE D 243 -1.79 17.33 -19.81
C ILE D 243 -3.20 17.94 -19.88
N GLY D 244 -3.36 19.15 -19.35
CA GLY D 244 -4.62 19.86 -19.40
C GLY D 244 -5.77 19.09 -18.76
N GLY D 245 -5.45 18.24 -17.79
CA GLY D 245 -6.47 17.44 -17.13
C GLY D 245 -7.08 16.38 -18.03
N MET D 246 -6.47 16.16 -19.19
CA MET D 246 -6.96 15.18 -20.16
C MET D 246 -6.22 13.85 -20.03
N GLU D 247 -6.93 12.83 -19.55
CA GLU D 247 -6.34 11.52 -19.30
C GLU D 247 -5.72 10.91 -20.56
N HIS D 248 -6.16 11.36 -21.73
CA HIS D 248 -5.73 10.75 -22.98
C HIS D 248 -4.58 11.54 -23.63
N VAL D 249 -4.13 12.58 -22.97
CA VAL D 249 -2.99 13.38 -23.47
C VAL D 249 -1.89 13.35 -22.43
N ARG D 250 -0.80 12.63 -22.72
CA ARG D 250 0.22 12.35 -21.70
C ARG D 250 1.66 12.53 -22.15
N TYR D 251 2.50 12.98 -21.21
CA TYR D 251 3.95 12.72 -21.29
C TYR D 251 4.22 11.45 -20.49
N CYS D 252 5.02 10.54 -21.06
CA CYS D 252 5.41 9.34 -20.32
C CYS D 252 6.63 9.64 -19.45
N GLY D 253 7.32 10.74 -19.78
CA GLY D 253 8.57 11.08 -19.12
C GLY D 253 9.73 10.21 -19.62
N SER D 254 10.95 10.51 -19.15
CA SER D 254 12.13 9.75 -19.56
C SER D 254 12.21 8.45 -18.77
N PRO D 255 12.82 7.41 -19.36
CA PRO D 255 12.85 6.11 -18.67
C PRO D 255 13.96 5.99 -17.60
N ILE D 256 15.00 6.80 -17.73
CA ILE D 256 16.01 6.88 -16.68
C ILE D 256 16.16 8.36 -16.26
N PRO D 257 16.71 8.60 -15.07
CA PRO D 257 16.74 10.01 -14.67
C PRO D 257 17.84 10.79 -15.43
N LEU D 258 17.48 11.87 -16.10
CA LEU D 258 18.43 12.58 -16.95
C LEU D 258 19.04 13.81 -16.27
N SER D 259 18.54 14.12 -15.08
CA SER D 259 19.10 15.22 -14.30
C SER D 259 18.95 14.90 -12.82
N PHE D 260 19.80 15.51 -12.00
CA PHE D 260 19.78 15.19 -10.57
C PHE D 260 18.45 15.53 -9.88
N ASP D 261 17.74 16.53 -10.41
CA ASP D 261 16.48 16.95 -9.81
C ASP D 261 15.37 15.89 -9.98
N GLU D 262 15.64 14.90 -10.82
CA GLU D 262 14.69 13.83 -11.08
C GLU D 262 14.99 12.53 -10.34
N CYS D 263 16.11 12.46 -9.63
CA CYS D 263 16.39 11.21 -8.95
C CYS D 263 15.49 11.08 -7.73
N GLY D 264 15.11 9.86 -7.40
CA GLY D 264 14.11 9.64 -6.37
C GLY D 264 12.70 9.73 -6.90
N LYS D 265 12.53 10.34 -8.07
CA LYS D 265 11.22 10.41 -8.71
C LYS D 265 10.96 9.14 -9.52
N SER D 266 9.70 8.85 -9.76
CA SER D 266 9.34 7.63 -10.45
C SER D 266 9.58 7.77 -11.94
N LYS D 267 10.01 6.68 -12.55
N LYS D 267 10.02 6.69 -12.54
CA LYS D 267 10.27 6.63 -13.98
CA LYS D 267 10.26 6.61 -13.97
C LYS D 267 9.31 5.62 -14.59
C LYS D 267 9.27 5.64 -14.57
N TYR D 268 8.67 6.00 -15.69
CA TYR D 268 7.62 5.18 -16.29
C TYR D 268 7.72 5.01 -17.78
N VAL D 269 7.13 3.93 -18.27
N VAL D 269 7.08 3.93 -18.24
CA VAL D 269 6.63 3.90 -19.62
CA VAL D 269 6.65 3.80 -19.63
C VAL D 269 5.14 3.68 -19.44
C VAL D 269 5.15 3.51 -19.53
N HIS D 270 4.33 4.09 -20.40
CA HIS D 270 2.89 3.89 -20.30
C HIS D 270 2.45 2.71 -21.13
N LEU D 271 1.64 1.84 -20.52
CA LEU D 271 0.97 0.77 -21.25
C LEU D 271 -0.43 1.26 -21.52
N VAL D 272 -0.74 1.41 -22.80
CA VAL D 272 -1.95 2.07 -23.23
C VAL D 272 -2.77 1.06 -24.00
N THR D 273 -3.99 0.83 -23.52
CA THR D 273 -4.82 -0.23 -24.05
C THR D 273 -6.08 0.34 -24.65
N PHE D 274 -6.40 -0.08 -25.87
CA PHE D 274 -7.64 0.30 -26.51
C PHE D 274 -8.55 -0.92 -26.67
N SER D 275 -9.83 -0.70 -26.44
CA SER D 275 -10.81 -1.76 -26.52
C SER D 275 -11.90 -1.33 -27.47
N ASN D 276 -12.11 -2.11 -28.53
CA ASN D 276 -13.11 -1.81 -29.55
C ASN D 276 -13.05 -0.38 -30.07
N GLY D 277 -11.83 0.07 -30.30
CA GLY D 277 -11.58 1.34 -30.95
C GLY D 277 -11.50 2.53 -30.02
N LYS D 278 -11.67 2.32 -28.71
CA LYS D 278 -11.66 3.44 -27.77
C LYS D 278 -10.57 3.23 -26.73
N LEU D 279 -10.06 4.31 -26.16
CA LEU D 279 -9.08 4.19 -25.08
C LEU D 279 -9.73 3.54 -23.87
N GLU D 280 -9.11 2.50 -23.33
CA GLU D 280 -9.66 1.80 -22.18
C GLU D 280 -8.88 2.14 -20.93
N SER D 281 -7.55 2.17 -21.03
CA SER D 281 -6.71 2.40 -19.88
C SER D 281 -5.31 2.87 -20.23
N VAL D 282 -4.72 3.62 -19.32
CA VAL D 282 -3.31 3.98 -19.39
C VAL D 282 -2.70 3.59 -18.06
N GLU D 283 -1.74 2.67 -18.10
CA GLU D 283 -1.14 2.16 -16.88
C GLU D 283 0.31 2.63 -16.81
N ASN D 284 0.77 2.96 -15.61
CA ASN D 284 2.15 3.41 -15.43
C ASN D 284 3.01 2.24 -15.06
N LEU D 285 3.92 1.86 -15.94
CA LEU D 285 4.81 0.76 -15.62
C LEU D 285 6.12 1.32 -15.09
N ASN D 286 6.46 0.97 -13.85
CA ASN D 286 7.67 1.51 -13.26
C ASN D 286 8.94 0.92 -13.88
N VAL D 287 9.83 1.79 -14.36
CA VAL D 287 11.13 1.38 -14.90
C VAL D 287 12.12 1.24 -13.74
N PRO D 288 12.71 0.05 -13.56
CA PRO D 288 13.65 -0.10 -12.46
C PRO D 288 14.82 0.85 -12.60
N VAL D 289 15.30 1.38 -11.47
CA VAL D 289 16.41 2.33 -11.52
C VAL D 289 17.68 1.55 -11.21
N THR D 290 18.63 1.57 -12.13
CA THR D 290 19.81 0.71 -12.00
C THR D 290 21.08 1.43 -11.56
N GLN D 291 21.12 2.75 -11.66
CA GLN D 291 22.27 3.50 -11.17
C GLN D 291 21.88 4.40 -10.00
N PRO D 292 22.41 4.11 -8.80
CA PRO D 292 22.09 4.92 -7.62
C PRO D 292 22.60 6.36 -7.74
N MET D 293 21.73 7.31 -7.43
N MET D 293 21.72 7.30 -7.40
CA MET D 293 22.13 8.70 -7.38
CA MET D 293 21.99 8.74 -7.49
C MET D 293 21.57 9.33 -6.13
C MET D 293 21.43 9.46 -6.26
N ALA D 294 22.15 10.45 -5.74
CA ALA D 294 21.67 11.19 -4.59
C ALA D 294 22.11 12.64 -4.65
N VAL D 295 21.25 13.53 -4.15
CA VAL D 295 21.60 14.93 -4.01
C VAL D 295 21.77 15.22 -2.53
N LEU D 296 22.90 15.80 -2.16
CA LEU D 296 23.14 16.19 -0.77
C LEU D 296 23.14 17.71 -0.67
N LYS D 297 22.29 18.24 0.20
CA LYS D 297 22.22 19.68 0.43
C LYS D 297 22.49 19.99 1.89
N GLY D 298 22.96 21.20 2.16
CA GLY D 298 23.22 21.65 3.51
C GLY D 298 24.62 22.21 3.70
N ASP D 299 24.97 22.50 4.95
CA ASP D 299 26.29 23.00 5.29
C ASP D 299 27.32 21.88 5.18
N LEU D 300 28.60 22.23 5.33
CA LEU D 300 29.67 21.24 5.25
C LEU D 300 29.49 20.12 6.26
N ALA D 301 29.16 20.48 7.50
CA ALA D 301 28.91 19.50 8.54
C ALA D 301 27.70 18.64 8.18
N SER D 302 26.67 19.27 7.62
CA SER D 302 25.45 18.58 7.24
C SER D 302 25.72 17.58 6.12
N ILE D 303 26.60 17.95 5.21
CA ILE D 303 26.96 17.09 4.09
C ILE D 303 27.90 15.97 4.56
N THR D 304 28.86 16.33 5.41
CA THR D 304 29.78 15.36 5.98
C THR D 304 29.02 14.26 6.71
N ALA D 305 27.96 14.66 7.42
CA ALA D 305 27.14 13.70 8.16
C ALA D 305 26.31 12.84 7.22
N GLN D 306 25.74 13.47 6.20
CA GLN D 306 24.98 12.74 5.19
C GLN D 306 25.86 11.72 4.48
N LEU D 307 27.12 12.07 4.27
CA LEU D 307 28.08 11.23 3.55
C LEU D 307 28.26 9.88 4.25
N GLU D 308 28.34 9.92 5.57
CA GLU D 308 28.60 8.71 6.38
C GLU D 308 27.56 7.60 6.14
N GLN D 309 26.43 7.96 5.55
CA GLN D 309 25.40 7.01 5.18
C GLN D 309 25.92 5.85 4.32
N TRP D 310 27.02 6.09 3.61
CA TRP D 310 27.58 5.06 2.72
C TRP D 310 28.88 4.44 3.24
N ARG D 311 29.19 4.71 4.50
CA ARG D 311 30.32 4.10 5.19
C ARG D 311 30.12 2.63 5.40
N ASP D 312 31.09 1.84 4.98
CA ASP D 312 31.04 0.39 5.14
C ASP D 312 30.14 -0.41 4.18
N VAL D 313 28.85 -0.07 4.19
CA VAL D 313 27.90 -0.64 3.23
C VAL D 313 28.39 -0.55 1.79
N SER D 314 28.65 -1.70 1.18
CA SER D 314 29.17 -1.75 -0.18
C SER D 314 28.07 -1.62 -1.25
N GLN D 315 27.90 -0.40 -1.75
CA GLN D 315 26.99 -0.13 -2.87
C GLN D 315 27.54 -0.68 -4.17
N GLU D 316 27.02 -1.82 -4.61
CA GLU D 316 27.57 -2.53 -5.78
C GLU D 316 27.93 -1.65 -6.98
N PRO D 317 27.01 -0.77 -7.42
CA PRO D 317 27.47 0.35 -8.22
C PRO D 317 27.55 1.59 -7.34
N PRO D 318 28.69 2.31 -7.35
CA PRO D 318 28.86 3.46 -6.46
C PRO D 318 27.83 4.57 -6.72
N VAL D 319 27.38 5.23 -5.67
CA VAL D 319 26.37 6.27 -5.80
C VAL D 319 26.97 7.51 -6.48
N TRP D 320 26.27 8.03 -7.48
CA TRP D 320 26.68 9.29 -8.09
C TRP D 320 26.10 10.43 -7.29
N LEU D 321 26.94 11.39 -6.88
CA LEU D 321 26.48 12.44 -5.96
C LEU D 321 26.47 13.83 -6.56
N ASP D 322 25.41 14.58 -6.25
CA ASP D 322 25.33 16.00 -6.55
C ASP D 322 25.34 16.73 -5.22
N ILE D 323 26.40 17.49 -4.96
CA ILE D 323 26.54 18.19 -3.69
C ILE D 323 26.22 19.67 -3.80
N GLU D 324 25.10 20.06 -3.19
CA GLU D 324 24.68 21.45 -3.14
C GLU D 324 25.06 22.00 -1.76
N ILE D 325 26.24 22.61 -1.69
CA ILE D 325 26.80 23.01 -0.40
C ILE D 325 26.51 24.47 -0.04
N THR D 326 26.20 24.70 1.23
CA THR D 326 26.05 26.06 1.76
C THR D 326 27.31 26.45 2.53
N THR D 327 28.16 27.24 1.89
CA THR D 327 29.41 27.67 2.51
C THR D 327 30.02 28.81 1.71
N ASP D 328 31.09 29.40 2.23
CA ASP D 328 31.79 30.47 1.54
C ASP D 328 33.30 30.21 1.53
N GLU D 329 33.67 28.96 1.26
CA GLU D 329 35.08 28.59 1.22
C GLU D 329 35.65 28.72 -0.20
N TYR D 330 34.99 29.47 -1.07
CA TYR D 330 35.65 29.73 -2.32
C TYR D 330 35.52 28.69 -3.44
N LEU D 331 34.69 27.66 -3.26
CA LEU D 331 34.52 26.61 -4.27
C LEU D 331 35.78 25.74 -4.35
N HIS D 332 36.89 26.35 -4.69
CA HIS D 332 38.14 25.63 -4.72
C HIS D 332 38.32 24.77 -3.48
N ASP D 333 38.42 25.40 -2.33
CA ASP D 333 38.70 24.70 -1.08
C ASP D 333 37.58 23.72 -0.73
N ILE D 334 36.35 24.07 -1.11
CA ILE D 334 35.20 23.20 -0.88
C ILE D 334 35.36 21.90 -1.64
N GLN D 335 35.71 22.00 -2.91
CA GLN D 335 35.94 20.82 -3.75
C GLN D 335 37.12 20.01 -3.26
N ARG D 336 38.10 20.69 -2.66
CA ARG D 336 39.27 20.01 -2.10
C ARG D 336 38.88 19.18 -0.88
N LYS D 337 38.12 19.80 0.02
CA LYS D 337 37.71 19.14 1.25
C LYS D 337 36.74 18.00 0.99
N ILE D 338 35.83 18.21 0.03
CA ILE D 338 34.83 17.21 -0.33
C ILE D 338 35.48 15.92 -0.83
N GLN D 339 36.46 16.06 -1.72
CA GLN D 339 37.17 14.91 -2.27
C GLN D 339 37.87 14.11 -1.17
N ALA D 340 38.37 14.81 -0.15
CA ALA D 340 39.02 14.15 0.97
C ALA D 340 38.04 13.31 1.77
N LEU D 341 36.81 13.81 1.91
CA LEU D 341 35.76 13.11 2.64
C LEU D 341 35.31 11.86 1.90
N THR D 342 35.34 11.91 0.57
CA THR D 342 34.76 10.85 -0.26
C THR D 342 35.78 9.86 -0.81
N GLU D 343 37.07 10.11 -0.54
CA GLU D 343 38.15 9.23 -1.03
C GLU D 343 37.97 7.76 -0.65
N SER D 344 37.31 7.52 0.48
CA SER D 344 37.22 6.16 1.02
C SER D 344 35.80 5.60 0.99
N LEU D 345 34.89 6.35 0.36
CA LEU D 345 33.49 5.93 0.29
C LEU D 345 33.14 5.39 -1.09
N PRO D 346 32.17 4.47 -1.16
CA PRO D 346 31.70 3.93 -2.45
C PRO D 346 30.80 4.95 -3.15
N VAL D 347 31.34 6.15 -3.38
CA VAL D 347 30.57 7.24 -3.97
C VAL D 347 31.40 7.96 -5.03
N GLU D 348 30.72 8.59 -5.97
CA GLU D 348 31.40 9.36 -7.01
C GLU D 348 30.79 10.75 -7.07
N VAL D 349 31.56 11.78 -6.73
CA VAL D 349 31.03 13.13 -6.79
C VAL D 349 31.07 13.66 -8.21
N LEU D 350 29.88 13.88 -8.77
N LEU D 350 29.89 13.87 -8.79
CA LEU D 350 29.73 14.31 -10.15
CA LEU D 350 29.82 14.36 -10.17
C LEU D 350 29.54 15.82 -10.30
C LEU D 350 29.80 15.88 -10.22
N LEU D 351 29.20 16.50 -9.20
CA LEU D 351 28.93 17.92 -9.24
C LEU D 351 28.97 18.54 -7.85
N VAL D 352 29.60 19.71 -7.72
CA VAL D 352 29.54 20.49 -6.49
C VAL D 352 29.20 21.94 -6.78
N ARG D 353 28.00 22.37 -6.38
CA ARG D 353 27.58 23.75 -6.54
C ARG D 353 27.50 24.42 -5.18
N ARG D 354 27.44 25.75 -5.18
CA ARG D 354 27.31 26.51 -3.95
C ARG D 354 25.95 27.21 -3.87
C1 GOL E . -10.45 -6.18 -5.55
O1 GOL E . -11.71 -6.57 -5.03
C2 GOL E . -9.38 -6.40 -4.50
O2 GOL E . -9.11 -7.77 -4.39
C3 GOL E . -8.09 -5.69 -4.92
O3 GOL E . -7.56 -6.32 -6.07
MN MN F . -16.15 9.61 -2.63
MN MN G . -19.14 8.72 -3.91
C1 GOL H . -8.59 8.53 51.88
O1 GOL H . -8.67 7.34 52.62
C2 GOL H . -9.98 9.12 51.85
O2 GOL H . -11.00 8.24 51.43
C3 GOL H . -10.04 10.37 51.01
O3 GOL H . -10.56 11.28 51.92
MN MN I . 5.45 9.63 42.78
MN MN J . 6.87 7.97 45.30
C1 GOL K . -4.06 -10.78 -8.01
O1 GOL K . -3.02 -11.18 -7.14
C2 GOL K . -5.30 -11.59 -7.65
O2 GOL K . -5.69 -11.26 -6.33
C3 GOL K . -6.43 -11.30 -8.62
O3 GOL K . -6.84 -9.93 -8.57
MN MN L . 6.10 -17.64 -19.43
MN MN M . 4.90 -19.31 -22.85
C1 GOL N . 22.53 4.49 -35.88
O1 GOL N . 23.82 4.87 -36.26
C2 GOL N . 21.67 4.73 -37.10
O2 GOL N . 20.83 3.63 -37.26
C3 GOL N . 20.91 6.04 -36.95
O3 GOL N . 19.91 6.12 -37.94
MN MN O . 13.10 17.10 -26.44
MN MN P . 13.90 17.15 -23.28
#